data_5JWZ
#
_entry.id   5JWZ
#
_cell.length_a   104.149
_cell.length_b   140.181
_cell.length_c   116.711
_cell.angle_alpha   90.000
_cell.angle_beta   113.920
_cell.angle_gamma   90.000
#
_symmetry.space_group_name_H-M   'C 1 2 1'
#
loop_
_entity.id
_entity.type
_entity.pdbx_description
1 polymer 'Cellulose-binding family II'
2 non-polymer 1,2-ETHANEDIOL
3 non-polymer 'CALCIUM ION'
4 water water
#
_entity_poly.entity_id   1
_entity_poly.type   'polypeptide(L)'
_entity_poly.pdbx_seq_one_letter_code
;DTYTWKNARIDGGGFVPGIVFNRSEKNLAYARTDIGGAYRWDQSGKQWKPLLDWVDWDRWGWTGVVSLASDTVDPDNVYA
AVGTYTNSWDPTDGAVLRSSDRGASWKAATLPFKLGGN(MSE)PGRG(MSE)GERLAVDPNKNSVLYLGAPSGNGLWRST
DAGVSWSEVTAFPNPGNYAQDPSDTSGYGNDNQGIVWVTFDERSGSAGSATQDIYVGVADKENTVYRSTDGGATWSRIPG
QPTGYLAHKGVLDSATGHLYLTLSDTGGPYDGGKGRIWRYDTASGAWQDVSPVAEADAYYGFSGLSVDRQKPGTL(MSE)
ATAYSSWWPDTQIFRSTDSGATWTQAWDYTGYPNRSNRYTLDVSSVPWLSWGASPAPPETAPKLGW(MSE)TEALEIDPF
DSDR(MSE)(MSE)YGTGATVYGTEDLTSWDSGGTFRITP(MSE)VKGIEETAVNDLASPPSGAPLLSALGDIGGFRHTD
LDAVPDL(MSE)YTSPNLDSTTSLDFAESSPGTVVRVGNSDAAPHIGFSTDNGANWFQGSEPSGVTGGGTVAAAADGSGF
VWSPEGAGVHHTTGFGTSWTASTGIPAGATVESDRKNPEKFYGFEAGTFYVSTDGGATFTAEATGLPAEGNVRFQALPGT
EGDIWLAGGSDTGAYGLWRSTDSGATFTKSAGVEQADSVGFGKAAPGASYRTVFVSAKIGGVRGIFRSTDAGASWTRIND
DAHQWGWTGAAITGDPRVYGRVYVSTNGRGIQVGET
;
_entity_poly.pdbx_strand_id   A,B
#
# COMPACT_ATOMS: atom_id res chain seq x y z
N ASP A 1 33.12 -16.47 6.48
CA ASP A 1 32.60 -17.70 5.92
C ASP A 1 32.99 -17.89 4.46
N THR A 2 32.28 -18.83 3.83
CA THR A 2 32.01 -18.74 2.42
C THR A 2 30.70 -17.95 2.35
N TYR A 3 30.54 -17.17 1.29
CA TYR A 3 29.34 -16.35 1.20
C TYR A 3 28.35 -16.99 0.25
N THR A 4 27.06 -16.77 0.52
CA THR A 4 26.05 -17.07 -0.50
C THR A 4 25.41 -15.76 -0.94
N TRP A 5 24.95 -15.72 -2.19
CA TRP A 5 24.45 -14.49 -2.78
C TRP A 5 23.04 -14.68 -3.32
N LYS A 6 22.19 -13.68 -3.10
CA LYS A 6 20.82 -13.69 -3.62
C LYS A 6 20.38 -12.26 -3.91
N ASN A 7 19.39 -12.09 -4.78
CA ASN A 7 18.78 -10.79 -4.97
C ASN A 7 17.80 -10.45 -3.86
N ALA A 8 17.76 -9.20 -3.43
CA ALA A 8 16.59 -8.70 -2.69
C ALA A 8 15.43 -8.71 -3.68
N ARG A 9 14.41 -9.51 -3.40
CA ARG A 9 13.44 -9.83 -4.44
C ARG A 9 12.60 -8.63 -4.89
N ILE A 10 12.57 -8.40 -6.19
CA ILE A 10 11.77 -7.33 -6.80
C ILE A 10 10.90 -7.87 -7.96
N ASP A 11 11.46 -8.82 -8.70
CA ASP A 11 10.84 -9.46 -9.88
C ASP A 11 10.81 -8.48 -11.05
N GLY A 12 11.83 -8.54 -11.91
CA GLY A 12 11.86 -7.73 -13.12
C GLY A 12 12.43 -6.34 -12.89
N GLY A 13 11.74 -5.33 -13.42
CA GLY A 13 12.15 -3.95 -13.20
C GLY A 13 12.83 -3.27 -14.37
N GLY A 14 13.09 -4.03 -15.45
CA GLY A 14 13.82 -3.49 -16.59
C GLY A 14 13.23 -3.94 -17.91
N PHE A 15 13.87 -3.53 -19.00
CA PHE A 15 13.42 -3.82 -20.36
C PHE A 15 13.93 -5.19 -20.81
N VAL A 16 13.03 -6.05 -21.26
CA VAL A 16 13.41 -7.33 -21.87
C VAL A 16 13.13 -7.28 -23.38
N PRO A 17 14.16 -6.99 -24.17
CA PRO A 17 13.96 -6.78 -25.61
C PRO A 17 13.81 -8.07 -26.42
N GLY A 18 14.15 -9.22 -25.85
CA GLY A 18 14.06 -10.45 -26.62
C GLY A 18 13.83 -11.69 -25.78
N ILE A 19 12.96 -12.56 -26.28
CA ILE A 19 12.67 -13.85 -25.68
C ILE A 19 12.81 -14.89 -26.79
N VAL A 20 13.47 -16.01 -26.50
CA VAL A 20 13.78 -17.00 -27.52
C VAL A 20 13.39 -18.39 -27.07
N PHE A 21 12.43 -19.00 -27.76
CA PHE A 21 12.10 -20.42 -27.54
C PHE A 21 12.86 -21.28 -28.53
N ASN A 22 13.49 -22.35 -28.04
CA ASN A 22 14.15 -23.32 -28.91
C ASN A 22 13.10 -24.03 -29.76
N ARG A 23 13.40 -24.23 -31.03
CA ARG A 23 12.37 -24.74 -31.95
C ARG A 23 12.35 -26.28 -32.06
N SER A 24 13.27 -26.85 -31.33
CA SER A 24 13.24 -28.42 -31.30
CA SER A 24 13.11 -28.23 -31.24
C SER A 24 13.02 -29.13 -29.93
N GLU A 25 13.23 -28.34 -28.87
CA GLU A 25 13.05 -28.91 -27.53
C GLU A 25 12.04 -28.14 -26.70
N LYS A 26 10.95 -28.82 -26.37
CA LYS A 26 9.89 -28.24 -25.54
C LYS A 26 10.41 -27.67 -24.22
N ASN A 27 9.91 -26.48 -23.87
CA ASN A 27 10.18 -25.79 -22.61
C ASN A 27 11.60 -25.24 -22.46
N LEU A 28 12.38 -25.27 -23.53
CA LEU A 28 13.69 -24.64 -23.53
C LEU A 28 13.58 -23.22 -24.08
N ALA A 29 13.89 -22.24 -23.24
CA ALA A 29 13.75 -20.83 -23.62
C ALA A 29 14.77 -19.95 -22.88
N TYR A 30 15.03 -18.79 -23.45
CA TYR A 30 15.97 -17.82 -22.90
C TYR A 30 15.40 -16.42 -23.02
N ALA A 31 15.95 -15.49 -22.24
CA ALA A 31 15.61 -14.08 -22.36
C ALA A 31 16.90 -13.26 -22.40
N ARG A 32 16.92 -12.20 -23.19
CA ARG A 32 18.06 -11.30 -23.21
C ARG A 32 17.65 -9.93 -22.67
N THR A 33 18.58 -9.23 -22.02
CA THR A 33 18.31 -7.90 -21.49
C THR A 33 19.33 -6.91 -22.04
N ASP A 34 19.05 -5.61 -21.89
CA ASP A 34 19.92 -4.61 -22.48
C ASP A 34 21.11 -4.25 -21.59
N ILE A 35 20.99 -4.41 -20.27
CA ILE A 35 22.11 -4.10 -19.37
C ILE A 35 22.36 -5.18 -18.31
N GLY A 36 21.58 -6.25 -18.34
CA GLY A 36 21.59 -7.20 -17.24
C GLY A 36 21.80 -8.65 -17.60
N GLY A 37 22.55 -8.89 -18.68
CA GLY A 37 22.87 -10.27 -19.06
C GLY A 37 21.72 -11.03 -19.70
N ALA A 38 21.78 -12.35 -19.62
CA ALA A 38 20.81 -13.24 -20.27
C ALA A 38 20.35 -14.29 -19.27
N TYR A 39 19.19 -14.90 -19.54
CA TYR A 39 18.55 -15.83 -18.60
C TYR A 39 18.08 -17.08 -19.31
N ARG A 40 18.07 -18.21 -18.60
CA ARG A 40 17.45 -19.43 -19.10
C ARG A 40 16.17 -19.73 -18.30
N TRP A 41 15.13 -20.17 -18.99
CA TRP A 41 13.85 -20.46 -18.36
C TRP A 41 13.90 -21.77 -17.59
N ASP A 42 13.30 -21.75 -16.40
CA ASP A 42 13.20 -22.93 -15.54
C ASP A 42 11.73 -23.30 -15.45
N GLN A 43 11.29 -24.24 -16.28
CA GLN A 43 9.88 -24.61 -16.35
C GLN A 43 9.33 -25.13 -15.02
N SER A 44 10.12 -25.92 -14.30
CA SER A 44 9.61 -26.52 -13.08
C SER A 44 9.38 -25.46 -11.99
N GLY A 45 10.21 -24.43 -11.98
CA GLY A 45 10.06 -23.36 -10.99
C GLY A 45 9.33 -22.14 -11.52
N LYS A 46 8.95 -22.16 -12.80
CA LYS A 46 8.30 -21.03 -13.46
C LYS A 46 9.08 -19.74 -13.18
N GLN A 47 10.38 -19.81 -13.45
CA GLN A 47 11.28 -18.70 -13.13
C GLN A 47 12.46 -18.68 -14.10
N TRP A 48 13.24 -17.60 -14.05
CA TRP A 48 14.42 -17.43 -14.89
C TRP A 48 15.71 -17.55 -14.08
N LYS A 49 16.75 -18.13 -14.67
CA LYS A 49 18.08 -18.23 -14.05
C LYS A 49 19.12 -17.39 -14.80
N PRO A 50 19.84 -16.52 -14.08
CA PRO A 50 20.86 -15.68 -14.74
C PRO A 50 22.07 -16.47 -15.22
N LEU A 51 22.62 -16.10 -16.37
CA LEU A 51 23.70 -16.87 -17.01
C LEU A 51 25.04 -16.13 -17.10
N LEU A 52 25.01 -14.81 -16.94
CA LEU A 52 26.23 -14.02 -17.16
C LEU A 52 26.78 -13.29 -15.93
N ASP A 53 26.48 -13.77 -14.73
CA ASP A 53 26.91 -13.06 -13.51
C ASP A 53 28.44 -13.08 -13.36
N TRP A 54 29.11 -13.95 -14.11
CA TRP A 54 30.56 -14.06 -14.11
C TRP A 54 31.25 -12.91 -14.83
N VAL A 55 30.50 -12.17 -15.65
CA VAL A 55 31.10 -11.05 -16.39
C VAL A 55 31.58 -9.99 -15.39
N ASP A 56 32.86 -9.65 -15.49
CA ASP A 56 33.54 -8.92 -14.42
C ASP A 56 33.59 -7.41 -14.64
N TRP A 57 34.12 -6.73 -13.64
CA TRP A 57 34.25 -5.27 -13.64
C TRP A 57 34.89 -4.74 -14.94
N ASP A 58 36.02 -5.33 -15.32
CA ASP A 58 36.78 -4.82 -16.46
C ASP A 58 36.11 -5.11 -17.81
N ARG A 59 35.14 -6.03 -17.82
CA ARG A 59 34.43 -6.39 -19.04
C ARG A 59 32.93 -6.14 -18.89
N TRP A 60 32.55 -5.15 -18.08
CA TRP A 60 31.13 -4.90 -17.76
C TRP A 60 30.27 -4.70 -19.02
N GLY A 61 30.87 -4.22 -20.10
CA GLY A 61 30.12 -3.99 -21.33
C GLY A 61 29.48 -5.26 -21.88
N TRP A 62 30.05 -6.41 -21.52
CA TRP A 62 29.53 -7.69 -21.98
C TRP A 62 28.23 -8.10 -21.25
N THR A 63 27.74 -7.28 -20.33
CA THR A 63 26.43 -7.54 -19.72
C THR A 63 25.28 -7.05 -20.60
N GLY A 64 25.59 -6.27 -21.63
CA GLY A 64 24.57 -5.87 -22.59
C GLY A 64 24.42 -6.96 -23.64
N VAL A 65 23.19 -7.44 -23.88
CA VAL A 65 23.00 -8.56 -24.80
C VAL A 65 22.12 -8.16 -25.98
N VAL A 66 22.75 -7.88 -27.12
CA VAL A 66 22.00 -7.37 -28.27
C VAL A 66 21.29 -8.51 -29.04
N SER A 67 21.74 -9.74 -28.88
CA SER A 67 21.07 -10.86 -29.55
C SER A 67 21.42 -12.20 -28.90
N LEU A 68 20.50 -13.15 -28.99
CA LEU A 68 20.70 -14.50 -28.46
C LEU A 68 20.09 -15.52 -29.41
N ALA A 69 20.79 -16.63 -29.59
CA ALA A 69 20.31 -17.71 -30.46
C ALA A 69 20.44 -19.05 -29.76
N SER A 70 19.37 -19.84 -29.78
CA SER A 70 19.35 -21.20 -29.20
C SER A 70 19.27 -22.22 -30.35
N ASP A 71 20.31 -23.03 -30.47
CA ASP A 71 20.53 -23.96 -31.58
C ASP A 71 19.42 -25.03 -31.72
N THR A 72 18.67 -24.99 -32.82
CA THR A 72 17.58 -25.95 -32.99
C THR A 72 18.10 -27.36 -33.32
N VAL A 73 19.28 -27.44 -33.93
CA VAL A 73 19.91 -28.72 -34.29
C VAL A 73 20.46 -29.42 -33.05
N ASP A 74 21.17 -28.66 -32.23
CA ASP A 74 21.70 -29.16 -30.96
C ASP A 74 21.34 -28.18 -29.84
N PRO A 75 20.22 -28.44 -29.15
CA PRO A 75 19.69 -27.52 -28.13
C PRO A 75 20.62 -27.29 -26.94
N ASP A 76 21.72 -28.04 -26.83
CA ASP A 76 22.69 -27.76 -25.78
C ASP A 76 23.42 -26.45 -26.05
N ASN A 77 23.49 -26.04 -27.32
CA ASN A 77 24.22 -24.83 -27.68
C ASN A 77 23.38 -23.56 -27.59
N VAL A 78 23.98 -22.51 -27.03
CA VAL A 78 23.35 -21.20 -27.04
C VAL A 78 24.46 -20.16 -27.24
N TYR A 79 24.13 -19.09 -27.96
CA TYR A 79 25.09 -18.06 -28.30
C TYR A 79 24.51 -16.71 -27.95
N ALA A 80 25.38 -15.80 -27.52
CA ALA A 80 24.96 -14.45 -27.14
C ALA A 80 25.92 -13.42 -27.71
N ALA A 81 25.37 -12.44 -28.43
CA ALA A 81 26.16 -11.32 -28.91
C ALA A 81 26.12 -10.21 -27.87
N VAL A 82 27.29 -9.84 -27.34
CA VAL A 82 27.35 -8.96 -26.18
C VAL A 82 28.22 -7.73 -26.39
N GLY A 83 27.96 -6.70 -25.58
CA GLY A 83 28.57 -5.38 -25.75
C GLY A 83 27.46 -4.38 -25.55
N THR A 84 27.76 -3.24 -24.93
CA THR A 84 26.68 -2.34 -24.48
C THR A 84 26.57 -1.04 -25.28
N TYR A 85 27.68 -0.34 -25.48
CA TYR A 85 27.66 0.88 -26.30
C TYR A 85 28.72 0.83 -27.40
N THR A 86 28.52 1.62 -28.45
CA THR A 86 29.47 1.66 -29.57
C THR A 86 30.24 2.98 -29.56
N ASN A 87 29.98 3.80 -28.55
CA ASN A 87 30.72 5.05 -28.38
C ASN A 87 31.71 4.92 -27.23
N SER A 88 32.22 6.05 -26.73
CA SER A 88 33.24 6.02 -25.69
C SER A 88 32.73 5.52 -24.32
N TRP A 89 31.42 5.38 -24.17
CA TRP A 89 30.85 5.00 -22.88
C TRP A 89 31.16 3.55 -22.55
N ASP A 90 31.42 2.75 -23.57
CA ASP A 90 31.79 1.34 -23.36
C ASP A 90 33.20 1.16 -23.88
N PRO A 91 34.16 0.92 -22.97
CA PRO A 91 35.56 0.83 -23.41
C PRO A 91 35.95 -0.49 -24.10
N THR A 92 35.09 -1.51 -24.08
CA THR A 92 35.51 -2.78 -24.69
C THR A 92 34.74 -3.11 -25.96
N ASP A 93 35.41 -3.83 -26.86
CA ASP A 93 34.76 -4.35 -28.06
C ASP A 93 33.69 -5.37 -27.71
N GLY A 94 32.85 -5.70 -28.69
CA GLY A 94 31.81 -6.68 -28.49
C GLY A 94 32.38 -8.09 -28.61
N ALA A 95 31.52 -9.07 -28.35
CA ALA A 95 31.90 -10.47 -28.50
C ALA A 95 30.70 -11.34 -28.83
N VAL A 96 30.97 -12.51 -29.39
CA VAL A 96 29.95 -13.55 -29.38
C VAL A 96 30.38 -14.58 -28.35
N LEU A 97 29.54 -14.79 -27.35
CA LEU A 97 29.76 -15.80 -26.33
C LEU A 97 29.10 -17.10 -26.77
N ARG A 98 29.81 -18.21 -26.60
CA ARG A 98 29.27 -19.51 -26.97
C ARG A 98 29.27 -20.45 -25.78
N SER A 99 28.20 -21.25 -25.68
CA SER A 99 28.03 -22.23 -24.62
C SER A 99 27.53 -23.55 -25.22
N SER A 100 28.03 -24.67 -24.73
CA SER A 100 27.50 -25.95 -25.18
C SER A 100 26.82 -26.69 -24.02
N ASP A 101 26.51 -25.96 -22.96
CA ASP A 101 25.77 -26.53 -21.84
C ASP A 101 24.67 -25.58 -21.37
N ARG A 102 23.99 -24.98 -22.35
CA ARG A 102 22.81 -24.15 -22.11
C ARG A 102 23.08 -22.97 -21.17
N GLY A 103 24.31 -22.48 -21.20
CA GLY A 103 24.64 -21.25 -20.49
C GLY A 103 25.33 -21.44 -19.15
N ALA A 104 25.59 -22.70 -18.79
CA ALA A 104 26.31 -22.99 -17.55
C ALA A 104 27.77 -22.51 -17.61
N SER A 105 28.38 -22.62 -18.79
CA SER A 105 29.74 -22.11 -18.99
C SER A 105 29.86 -21.54 -20.40
N TRP A 106 30.77 -20.59 -20.58
CA TRP A 106 30.90 -19.87 -21.84
C TRP A 106 32.35 -19.71 -22.27
N LYS A 107 32.56 -19.59 -23.57
CA LYS A 107 33.82 -19.09 -24.12
C LYS A 107 33.53 -17.87 -24.96
N ALA A 108 34.50 -16.97 -25.09
CA ALA A 108 34.27 -15.72 -25.82
C ALA A 108 35.08 -15.60 -27.11
N ALA A 109 34.39 -15.23 -28.18
CA ALA A 109 35.05 -14.82 -29.42
C ALA A 109 34.95 -13.30 -29.50
N THR A 110 36.05 -12.60 -29.24
CA THR A 110 36.02 -11.15 -29.24
C THR A 110 35.99 -10.62 -30.67
N LEU A 111 35.16 -9.60 -30.90
CA LEU A 111 35.02 -8.99 -32.23
C LEU A 111 35.89 -7.74 -32.31
N PRO A 112 36.25 -7.32 -33.54
CA PRO A 112 37.06 -6.11 -33.69
C PRO A 112 36.27 -4.82 -33.68
N PHE A 113 35.01 -4.87 -33.22
CA PHE A 113 34.16 -3.70 -33.15
C PHE A 113 33.25 -3.79 -31.93
N LYS A 114 32.61 -2.67 -31.57
CA LYS A 114 31.71 -2.63 -30.44
C LYS A 114 30.28 -3.05 -30.83
N LEU A 115 29.55 -3.56 -29.84
CA LEU A 115 28.14 -3.88 -30.02
C LEU A 115 27.25 -3.01 -29.14
N GLY A 116 25.97 -2.94 -29.49
CA GLY A 116 25.05 -1.96 -28.92
C GLY A 116 23.89 -2.49 -28.11
N GLY A 117 24.20 -3.30 -27.10
CA GLY A 117 23.19 -3.94 -26.26
C GLY A 117 22.27 -2.95 -25.56
N ASN A 118 22.76 -1.75 -25.25
CA ASN A 118 21.91 -0.72 -24.66
C ASN A 118 21.81 0.53 -25.53
N PRO A 120 19.99 2.63 -29.05
CA PRO A 120 18.79 2.60 -29.89
C PRO A 120 18.80 1.43 -30.88
N GLY A 121 17.63 0.86 -31.12
CA GLY A 121 17.48 -0.21 -32.07
C GLY A 121 17.64 -1.60 -31.47
N ARG A 122 17.91 -1.67 -30.16
CA ARG A 122 18.23 -2.94 -29.51
C ARG A 122 17.06 -3.94 -29.44
N GLY A 123 15.85 -3.46 -29.74
CA GLY A 123 14.66 -4.30 -29.72
C GLY A 123 14.44 -5.03 -31.03
N GLY A 125 15.45 -7.70 -33.94
CA GLY A 125 16.20 -8.95 -33.95
C GLY A 125 15.37 -10.18 -34.22
N GLU A 126 15.97 -11.36 -34.06
CA GLU A 126 17.34 -11.52 -33.60
C GLU A 126 18.34 -11.38 -34.75
N ARG A 127 19.44 -10.66 -34.51
CA ARG A 127 20.43 -10.43 -35.56
C ARG A 127 21.61 -11.39 -35.47
N LEU A 128 21.63 -12.22 -34.43
CA LEU A 128 22.53 -13.36 -34.35
C LEU A 128 21.72 -14.62 -34.67
N ALA A 129 22.15 -15.41 -35.65
CA ALA A 129 21.39 -16.58 -36.06
C ALA A 129 22.27 -17.77 -36.41
N VAL A 130 21.77 -18.96 -36.11
CA VAL A 130 22.46 -20.22 -36.41
C VAL A 130 21.73 -20.94 -37.56
N ASP A 131 22.49 -21.40 -38.54
CA ASP A 131 21.95 -22.19 -39.64
C ASP A 131 21.23 -23.43 -39.08
N PRO A 132 19.93 -23.59 -39.40
CA PRO A 132 19.12 -24.66 -38.82
C PRO A 132 19.33 -26.02 -39.48
N ASN A 133 20.23 -26.08 -40.45
CA ASN A 133 20.59 -27.35 -41.07
C ASN A 133 22.06 -27.70 -40.88
N LYS A 134 22.92 -26.70 -41.02
CA LYS A 134 24.35 -26.89 -40.83
C LYS A 134 24.79 -25.97 -39.71
N ASN A 135 24.73 -26.46 -38.47
CA ASN A 135 24.79 -25.55 -37.32
C ASN A 135 26.20 -25.07 -36.97
N SER A 136 27.17 -25.35 -37.85
CA SER A 136 28.49 -24.75 -37.74
C SER A 136 28.51 -23.34 -38.35
N VAL A 137 27.42 -22.98 -39.02
CA VAL A 137 27.32 -21.70 -39.69
C VAL A 137 26.47 -20.72 -38.89
N LEU A 138 27.03 -19.56 -38.55
CA LEU A 138 26.30 -18.50 -37.86
C LEU A 138 26.48 -17.16 -38.57
N TYR A 139 25.47 -16.31 -38.48
CA TYR A 139 25.54 -14.92 -38.95
C TYR A 139 25.34 -13.97 -37.79
N LEU A 140 25.95 -12.78 -37.90
CA LEU A 140 25.71 -11.70 -36.95
C LEU A 140 25.60 -10.37 -37.69
N GLY A 141 24.48 -9.68 -37.52
CA GLY A 141 24.32 -8.34 -38.02
C GLY A 141 25.05 -7.36 -37.11
N ALA A 142 25.85 -6.47 -37.71
CA ALA A 142 26.71 -5.56 -36.95
C ALA A 142 26.34 -4.10 -37.20
N PRO A 143 26.65 -3.23 -36.22
CA PRO A 143 26.30 -1.81 -36.33
C PRO A 143 27.45 -0.95 -36.85
N SER A 144 27.21 0.35 -36.96
CA SER A 144 28.27 1.35 -37.16
C SER A 144 29.00 1.22 -38.50
N GLY A 145 28.38 0.55 -39.47
CA GLY A 145 28.99 0.36 -40.78
C GLY A 145 29.79 -0.93 -40.93
N ASN A 146 29.80 -1.76 -39.88
CA ASN A 146 30.55 -3.01 -39.94
C ASN A 146 29.87 -4.12 -40.75
N GLY A 147 28.59 -3.93 -41.09
CA GLY A 147 27.94 -4.81 -42.05
C GLY A 147 27.50 -6.15 -41.49
N LEU A 148 27.59 -7.19 -42.33
CA LEU A 148 27.14 -8.52 -41.98
C LEU A 148 28.34 -9.42 -41.71
N TRP A 149 28.35 -10.11 -40.57
CA TRP A 149 29.48 -10.97 -40.21
C TRP A 149 29.06 -12.43 -40.12
N ARG A 150 30.03 -13.34 -40.24
CA ARG A 150 29.72 -14.76 -40.35
C ARG A 150 30.81 -15.62 -39.72
N SER A 151 30.38 -16.73 -39.11
CA SER A 151 31.27 -17.77 -38.63
C SER A 151 30.94 -19.08 -39.35
N THR A 152 31.97 -19.85 -39.72
CA THR A 152 31.76 -21.19 -40.27
C THR A 152 32.41 -22.26 -39.39
N ASP A 153 32.82 -21.87 -38.18
CA ASP A 153 33.37 -22.84 -37.22
C ASP A 153 32.64 -22.78 -35.87
N ALA A 154 31.31 -22.70 -35.94
CA ALA A 154 30.45 -22.77 -34.76
C ALA A 154 30.77 -21.66 -33.74
N GLY A 155 31.08 -20.48 -34.27
CA GLY A 155 31.22 -19.29 -33.46
C GLY A 155 32.62 -19.02 -32.90
N VAL A 156 33.58 -19.86 -33.24
CA VAL A 156 34.93 -19.69 -32.71
C VAL A 156 35.63 -18.47 -33.32
N SER A 157 35.44 -18.28 -34.63
CA SER A 157 36.03 -17.16 -35.35
C SER A 157 35.04 -16.51 -36.33
N TRP A 158 35.28 -15.24 -36.63
CA TRP A 158 34.32 -14.39 -37.34
C TRP A 158 35.01 -13.52 -38.37
N SER A 159 34.35 -13.28 -39.51
CA SER A 159 34.83 -12.32 -40.49
C SER A 159 33.66 -11.72 -41.26
N GLU A 160 33.88 -10.57 -41.89
CA GLU A 160 32.82 -9.88 -42.57
C GLU A 160 32.42 -10.56 -43.88
N VAL A 161 31.12 -10.59 -44.14
CA VAL A 161 30.60 -11.05 -45.42
C VAL A 161 30.69 -9.88 -46.39
N THR A 162 31.80 -9.81 -47.11
CA THR A 162 32.04 -8.64 -47.94
C THR A 162 31.07 -8.54 -49.12
N ALA A 163 30.46 -9.65 -49.50
CA ALA A 163 29.46 -9.62 -50.59
C ALA A 163 28.14 -8.98 -50.17
N PHE A 164 27.93 -8.75 -48.87
CA PHE A 164 26.66 -8.13 -48.47
C PHE A 164 26.72 -6.65 -48.80
N PRO A 165 25.71 -6.16 -49.56
CA PRO A 165 25.86 -4.87 -50.23
C PRO A 165 25.49 -3.62 -49.43
N ASN A 166 24.85 -3.76 -48.27
CA ASN A 166 24.31 -2.61 -47.56
C ASN A 166 24.54 -2.69 -46.06
N PRO A 167 25.40 -1.82 -45.52
CA PRO A 167 25.70 -1.88 -44.07
C PRO A 167 24.67 -1.12 -43.23
N GLY A 168 23.62 -0.60 -43.86
CA GLY A 168 22.64 0.21 -43.16
C GLY A 168 23.01 1.69 -43.21
N ASN A 169 22.02 2.57 -43.00
CA ASN A 169 22.32 3.99 -42.92
C ASN A 169 21.38 4.77 -42.00
N TYR A 170 20.58 4.07 -41.20
CA TYR A 170 19.61 4.74 -40.34
C TYR A 170 20.18 5.00 -38.96
N ALA A 171 20.02 6.24 -38.47
CA ALA A 171 20.33 6.59 -37.08
C ALA A 171 19.12 7.23 -36.43
N GLN A 172 18.93 6.96 -35.14
CA GLN A 172 17.76 7.45 -34.40
C GLN A 172 17.77 8.97 -34.24
N ASP A 173 18.94 9.52 -33.89
CA ASP A 173 19.05 10.92 -33.48
C ASP A 173 20.34 11.50 -34.06
N PRO A 174 20.34 11.82 -35.37
CA PRO A 174 21.58 12.20 -36.04
C PRO A 174 22.24 13.46 -35.47
N SER A 175 21.50 14.31 -34.76
CA SER A 175 22.12 15.52 -34.23
C SER A 175 22.95 15.25 -32.96
N ASP A 176 22.80 14.06 -32.39
CA ASP A 176 23.50 13.71 -31.15
C ASP A 176 25.01 13.64 -31.38
N THR A 177 25.78 14.38 -30.59
CA THR A 177 27.23 14.36 -30.75
C THR A 177 27.90 13.42 -29.76
N SER A 178 27.11 12.88 -28.83
CA SER A 178 27.65 11.99 -27.80
C SER A 178 27.98 10.61 -28.34
N GLY A 179 27.42 10.26 -29.49
CA GLY A 179 27.58 8.91 -30.02
C GLY A 179 26.51 7.94 -29.56
N TYR A 180 25.62 8.38 -28.67
CA TYR A 180 24.57 7.47 -28.19
C TYR A 180 23.46 7.29 -29.22
N GLY A 181 22.99 8.39 -29.80
CA GLY A 181 21.82 8.31 -30.67
C GLY A 181 22.10 8.42 -32.15
N ASN A 182 23.35 8.70 -32.53
CA ASN A 182 23.67 8.99 -33.92
C ASN A 182 24.38 7.86 -34.67
N ASP A 183 24.41 6.66 -34.08
CA ASP A 183 25.10 5.53 -34.71
C ASP A 183 24.24 4.88 -35.79
N ASN A 184 24.88 4.44 -36.86
CA ASN A 184 24.24 3.60 -37.88
C ASN A 184 23.80 2.29 -37.24
N GLN A 185 22.50 2.02 -37.23
CA GLN A 185 21.99 0.85 -36.54
C GLN A 185 22.29 -0.46 -37.29
N GLY A 186 22.76 -0.36 -38.53
CA GLY A 186 23.33 -1.50 -39.25
C GLY A 186 22.38 -2.63 -39.66
N ILE A 187 22.83 -3.87 -39.48
CA ILE A 187 22.02 -5.03 -39.86
C ILE A 187 21.31 -5.53 -38.61
N VAL A 188 19.98 -5.70 -38.71
CA VAL A 188 19.17 -5.78 -37.50
C VAL A 188 18.42 -7.11 -37.28
N TRP A 189 18.33 -7.97 -38.29
CA TRP A 189 17.88 -9.35 -38.04
C TRP A 189 18.32 -10.27 -39.18
N VAL A 190 18.44 -11.56 -38.85
CA VAL A 190 18.79 -12.60 -39.82
C VAL A 190 17.86 -13.78 -39.60
N THR A 191 17.22 -14.25 -40.67
CA THR A 191 16.25 -15.33 -40.58
C THR A 191 16.47 -16.33 -41.72
N PHE A 192 16.64 -17.60 -41.35
CA PHE A 192 16.82 -18.67 -42.32
C PHE A 192 15.50 -19.29 -42.76
N ASP A 193 15.44 -19.72 -44.02
CA ASP A 193 14.37 -20.60 -44.49
C ASP A 193 14.87 -22.05 -44.45
N GLU A 194 14.54 -22.77 -43.38
CA GLU A 194 15.11 -24.10 -43.14
C GLU A 194 14.71 -25.14 -44.21
N ARG A 195 13.65 -24.85 -44.96
CA ARG A 195 13.23 -25.70 -46.08
C ARG A 195 14.28 -25.78 -47.19
N SER A 196 15.17 -24.78 -47.23
CA SER A 196 16.13 -24.64 -48.32
C SER A 196 17.50 -25.21 -48.00
N GLY A 197 17.56 -26.00 -46.93
CA GLY A 197 18.76 -26.76 -46.62
C GLY A 197 18.37 -28.15 -46.19
N SER A 198 19.36 -28.96 -45.84
CA SER A 198 19.12 -30.28 -45.30
C SER A 198 20.25 -30.61 -44.33
N ALA A 199 20.08 -31.67 -43.56
CA ALA A 199 21.05 -32.05 -42.52
C ALA A 199 22.48 -32.03 -43.03
N GLY A 200 23.31 -31.19 -42.39
CA GLY A 200 24.72 -31.12 -42.70
C GLY A 200 25.06 -30.31 -43.94
N SER A 201 24.03 -29.73 -44.56
CA SER A 201 24.21 -28.98 -45.80
C SER A 201 23.69 -27.56 -45.61
N ALA A 202 24.48 -26.57 -46.00
CA ALA A 202 24.15 -25.18 -45.68
C ALA A 202 22.79 -24.77 -46.24
N THR A 203 22.02 -24.07 -45.41
CA THR A 203 20.74 -23.51 -45.81
C THR A 203 20.96 -22.43 -46.89
N GLN A 204 20.26 -22.57 -48.01
CA GLN A 204 20.53 -21.72 -49.17
C GLN A 204 19.82 -20.36 -49.14
N ASP A 205 18.62 -20.32 -48.58
CA ASP A 205 17.82 -19.10 -48.56
C ASP A 205 17.92 -18.41 -47.20
N ILE A 206 18.48 -17.20 -47.21
CA ILE A 206 18.76 -16.45 -45.98
C ILE A 206 18.22 -15.03 -46.12
N TYR A 207 17.44 -14.59 -45.14
CA TYR A 207 16.79 -13.28 -45.21
C TYR A 207 17.42 -12.36 -44.18
N VAL A 208 17.69 -11.11 -44.57
CA VAL A 208 18.40 -10.19 -43.70
C VAL A 208 17.71 -8.84 -43.64
N GLY A 209 17.45 -8.37 -42.41
CA GLY A 209 16.89 -7.05 -42.20
C GLY A 209 17.97 -6.00 -42.04
N VAL A 210 17.79 -4.87 -42.72
CA VAL A 210 18.77 -3.79 -42.71
C VAL A 210 18.12 -2.49 -42.26
N ALA A 211 18.81 -1.74 -41.41
CA ALA A 211 18.33 -0.42 -40.99
C ALA A 211 18.55 0.59 -42.11
N ASP A 212 17.68 0.52 -43.12
CA ASP A 212 17.70 1.41 -44.28
C ASP A 212 16.25 1.48 -44.78
N LYS A 213 15.62 2.64 -44.63
CA LYS A 213 14.21 2.78 -44.99
C LYS A 213 13.93 2.53 -46.47
N GLU A 214 14.95 2.69 -47.32
CA GLU A 214 14.75 2.45 -48.75
C GLU A 214 15.18 1.04 -49.20
N ASN A 215 15.83 0.31 -48.30
CA ASN A 215 16.28 -1.05 -48.60
C ASN A 215 16.28 -1.90 -47.34
N THR A 216 15.10 -2.17 -46.78
CA THR A 216 15.10 -2.75 -45.45
C THR A 216 15.23 -4.28 -45.43
N VAL A 217 15.06 -4.97 -46.57
CA VAL A 217 15.23 -6.43 -46.54
C VAL A 217 15.99 -6.95 -47.76
N TYR A 218 16.95 -7.84 -47.50
CA TYR A 218 17.78 -8.47 -48.53
C TYR A 218 17.65 -9.96 -48.38
N ARG A 219 17.97 -10.70 -49.43
CA ARG A 219 18.09 -12.14 -49.28
C ARG A 219 19.17 -12.73 -50.15
N SER A 220 19.60 -13.94 -49.76
CA SER A 220 20.46 -14.76 -50.58
C SER A 220 19.70 -16.04 -50.88
N THR A 221 19.89 -16.59 -52.08
CA THR A 221 19.31 -17.89 -52.41
C THR A 221 20.40 -18.87 -52.80
N ASP A 222 21.66 -18.50 -52.52
CA ASP A 222 22.78 -19.40 -52.80
C ASP A 222 23.68 -19.59 -51.58
N GLY A 223 23.08 -19.59 -50.40
CA GLY A 223 23.80 -19.93 -49.19
C GLY A 223 24.71 -18.81 -48.70
N GLY A 224 24.39 -17.58 -49.07
CA GLY A 224 25.12 -16.44 -48.59
C GLY A 224 26.29 -15.99 -49.45
N ALA A 225 26.40 -16.54 -50.65
CA ALA A 225 27.46 -16.13 -51.58
C ALA A 225 27.14 -14.78 -52.19
N THR A 226 25.91 -14.62 -52.66
CA THR A 226 25.47 -13.35 -53.25
C THR A 226 24.18 -12.89 -52.63
N TRP A 227 23.94 -11.59 -52.67
CA TRP A 227 22.82 -10.99 -51.97
C TRP A 227 22.11 -9.99 -52.85
N SER A 228 20.80 -9.89 -52.70
CA SER A 228 20.05 -8.89 -53.44
C SER A 228 18.91 -8.33 -52.62
N ARG A 229 18.58 -7.08 -52.90
CA ARG A 229 17.41 -6.44 -52.33
C ARG A 229 16.13 -7.10 -52.88
N ILE A 230 15.16 -7.42 -52.02
CA ILE A 230 13.97 -8.12 -52.52
C ILE A 230 13.09 -7.15 -53.29
N PRO A 231 12.82 -7.45 -54.56
CA PRO A 231 12.00 -6.54 -55.37
C PRO A 231 10.59 -6.37 -54.82
N GLY A 232 10.04 -5.16 -54.93
CA GLY A 232 8.65 -4.93 -54.57
C GLY A 232 8.41 -4.71 -53.09
N GLN A 233 9.48 -4.71 -52.30
CA GLN A 233 9.35 -4.55 -50.85
C GLN A 233 8.85 -3.15 -50.49
N PRO A 234 8.19 -3.04 -49.32
CA PRO A 234 7.75 -1.72 -48.86
C PRO A 234 8.93 -0.83 -48.58
N THR A 235 8.77 0.47 -48.80
CA THR A 235 9.81 1.45 -48.46
C THR A 235 9.26 2.50 -47.49
N GLY A 236 10.16 3.17 -46.78
CA GLY A 236 9.78 4.22 -45.85
C GLY A 236 9.82 3.78 -44.40
N TYR A 237 10.09 2.49 -44.18
CA TYR A 237 10.07 1.91 -42.84
C TYR A 237 11.26 1.00 -42.58
N LEU A 238 11.48 0.72 -41.30
CA LEU A 238 12.45 -0.29 -40.87
C LEU A 238 11.74 -1.55 -40.43
N ALA A 239 12.19 -2.70 -40.93
CA ALA A 239 11.64 -3.97 -40.49
C ALA A 239 12.27 -4.37 -39.17
N HIS A 240 11.50 -4.28 -38.08
CA HIS A 240 12.00 -4.64 -36.76
C HIS A 240 12.22 -6.14 -36.67
N LYS A 241 11.42 -6.89 -37.42
CA LYS A 241 11.46 -8.34 -37.40
C LYS A 241 11.08 -8.95 -38.74
N GLY A 242 11.62 -10.13 -39.01
CA GLY A 242 11.26 -10.91 -40.18
C GLY A 242 11.05 -12.36 -39.74
N VAL A 243 9.80 -12.82 -39.81
CA VAL A 243 9.48 -14.17 -39.36
C VAL A 243 8.83 -14.95 -40.49
N LEU A 244 9.32 -16.16 -40.73
CA LEU A 244 8.83 -16.99 -41.82
C LEU A 244 7.90 -18.10 -41.34
N ASP A 245 6.67 -18.13 -41.86
CA ASP A 245 5.78 -19.27 -41.64
C ASP A 245 6.11 -20.28 -42.73
N SER A 246 6.87 -21.31 -42.37
CA SER A 246 7.37 -22.25 -43.38
CA SER A 246 7.38 -22.29 -43.32
C SER A 246 6.28 -23.20 -43.87
N ALA A 247 5.16 -23.25 -43.18
CA ALA A 247 4.04 -24.07 -43.63
C ALA A 247 3.29 -23.42 -44.80
N THR A 248 3.06 -22.12 -44.74
CA THR A 248 2.35 -21.44 -45.83
C THR A 248 3.33 -20.81 -46.83
N GLY A 249 4.57 -20.64 -46.39
CA GLY A 249 5.62 -20.08 -47.24
C GLY A 249 5.65 -18.56 -47.26
N HIS A 250 5.22 -17.93 -46.18
CA HIS A 250 5.16 -16.47 -46.12
C HIS A 250 6.13 -15.88 -45.13
N LEU A 251 6.85 -14.86 -45.56
CA LEU A 251 7.72 -14.07 -44.69
C LEU A 251 7.00 -12.79 -44.30
N TYR A 252 6.89 -12.56 -42.99
CA TYR A 252 6.21 -11.39 -42.46
C TYR A 252 7.22 -10.38 -41.97
N LEU A 253 6.98 -9.11 -42.29
CA LEU A 253 7.82 -8.01 -41.78
C LEU A 253 6.97 -7.05 -40.95
N THR A 254 7.32 -6.87 -39.68
CA THR A 254 6.69 -5.80 -38.90
C THR A 254 7.54 -4.55 -39.04
N LEU A 255 6.92 -3.49 -39.52
CA LEU A 255 7.63 -2.27 -39.91
C LEU A 255 7.28 -1.08 -39.02
N SER A 256 8.28 -0.21 -38.82
CA SER A 256 8.12 1.01 -38.03
C SER A 256 8.86 2.17 -38.69
N ASP A 257 8.44 3.41 -38.44
CA ASP A 257 9.18 4.55 -38.99
C ASP A 257 10.42 4.90 -38.16
N THR A 258 10.66 4.18 -37.08
CA THR A 258 11.90 4.35 -36.29
C THR A 258 12.47 2.99 -35.89
N GLY A 259 13.68 3.01 -35.32
CA GLY A 259 14.34 1.77 -34.92
C GLY A 259 13.94 1.27 -33.55
N GLY A 260 13.17 2.07 -32.79
CA GLY A 260 12.77 1.68 -31.46
C GLY A 260 13.95 1.70 -30.49
N PRO A 261 13.72 1.27 -29.23
CA PRO A 261 12.47 0.68 -28.72
C PRO A 261 11.50 1.68 -28.10
N TYR A 262 11.90 2.93 -27.96
CA TYR A 262 11.11 3.93 -27.27
CA TYR A 262 11.10 3.93 -27.27
C TYR A 262 10.13 4.64 -28.22
N ASP A 263 10.61 4.95 -29.41
CA ASP A 263 9.83 5.72 -30.39
C ASP A 263 9.25 4.85 -31.49
N GLY A 264 8.44 5.46 -32.35
CA GLY A 264 7.74 4.78 -33.42
C GLY A 264 6.36 5.42 -33.57
N GLY A 265 6.11 6.06 -34.70
CA GLY A 265 4.88 6.82 -34.84
C GLY A 265 4.03 6.39 -36.02
N LYS A 266 4.50 5.38 -36.74
CA LYS A 266 3.80 4.89 -37.92
C LYS A 266 4.32 3.50 -38.23
N GLY A 267 3.49 2.65 -38.84
CA GLY A 267 3.91 1.28 -39.05
C GLY A 267 3.01 0.50 -39.99
N ARG A 268 3.54 -0.57 -40.56
CA ARG A 268 2.79 -1.52 -41.39
C ARG A 268 3.20 -2.94 -41.04
N ILE A 269 2.44 -3.91 -41.53
CA ILE A 269 2.89 -5.30 -41.56
C ILE A 269 2.72 -5.79 -42.99
N TRP A 270 3.83 -6.21 -43.61
CA TRP A 270 3.79 -6.70 -44.99
C TRP A 270 4.16 -8.17 -45.05
N ARG A 271 3.67 -8.85 -46.08
CA ARG A 271 3.81 -10.29 -46.21
C ARG A 271 4.38 -10.65 -47.59
N TYR A 272 5.42 -11.48 -47.60
CA TYR A 272 6.13 -11.89 -48.80
C TYR A 272 5.94 -13.38 -49.07
N ASP A 273 5.45 -13.70 -50.26
CA ASP A 273 5.28 -15.09 -50.70
C ASP A 273 6.63 -15.57 -51.24
N THR A 274 7.29 -16.48 -50.53
CA THR A 274 8.64 -16.89 -50.91
C THR A 274 8.69 -17.70 -52.20
N ALA A 275 7.53 -18.22 -52.63
CA ALA A 275 7.50 -19.02 -53.85
C ALA A 275 7.22 -18.17 -55.09
N SER A 276 6.36 -17.16 -54.94
CA SER A 276 5.91 -16.38 -56.09
C SER A 276 6.55 -14.99 -56.15
N GLY A 277 7.02 -14.52 -54.99
CA GLY A 277 7.60 -13.20 -54.87
C GLY A 277 6.59 -12.08 -54.64
N ALA A 278 5.33 -12.45 -54.47
CA ALA A 278 4.27 -11.45 -54.24
C ALA A 278 4.40 -10.78 -52.88
N TRP A 279 4.10 -9.49 -52.84
CA TRP A 279 4.03 -8.75 -51.57
C TRP A 279 2.58 -8.34 -51.31
N GLN A 280 2.17 -8.43 -50.06
CA GLN A 280 0.81 -8.03 -49.72
C GLN A 280 0.81 -7.27 -48.40
N ASP A 281 0.10 -6.14 -48.36
CA ASP A 281 -0.08 -5.39 -47.12
C ASP A 281 -1.05 -6.15 -46.22
N VAL A 282 -0.57 -6.69 -45.11
CA VAL A 282 -1.47 -7.38 -44.18
C VAL A 282 -1.57 -6.64 -42.85
N SER A 283 -1.43 -5.32 -42.88
CA SER A 283 -1.51 -4.52 -41.65
C SER A 283 -2.88 -4.62 -40.98
N PRO A 284 -2.91 -4.73 -39.65
CA PRO A 284 -4.16 -4.79 -38.87
C PRO A 284 -4.95 -3.50 -38.91
N VAL A 285 -4.28 -2.38 -39.21
CA VAL A 285 -4.95 -1.09 -39.27
C VAL A 285 -4.43 -0.32 -40.47
N ALA A 286 -5.24 0.64 -40.95
CA ALA A 286 -4.86 1.43 -42.11
C ALA A 286 -3.67 2.32 -41.76
N GLU A 287 -2.88 2.65 -42.76
CA GLU A 287 -1.71 3.48 -42.58
C GLU A 287 -2.05 4.79 -41.86
N ALA A 288 -3.18 5.39 -42.22
CA ALA A 288 -3.59 6.65 -41.64
C ALA A 288 -3.98 6.53 -40.16
N ASP A 289 -4.29 5.31 -39.73
CA ASP A 289 -4.72 5.08 -38.35
C ASP A 289 -3.60 4.50 -37.47
N ALA A 290 -2.46 4.18 -38.06
CA ALA A 290 -1.34 3.67 -37.27
C ALA A 290 -0.54 4.81 -36.68
N TYR A 291 -0.62 5.00 -35.37
CA TYR A 291 0.15 6.07 -34.72
C TYR A 291 1.33 5.51 -33.95
N TYR A 292 1.77 4.33 -34.37
CA TYR A 292 2.80 3.55 -33.68
C TYR A 292 3.49 2.66 -34.70
N GLY A 293 4.65 2.10 -34.35
CA GLY A 293 5.29 1.11 -35.19
C GLY A 293 4.87 -0.31 -34.79
N PHE A 294 5.13 -1.29 -35.66
CA PHE A 294 4.84 -2.70 -35.32
C PHE A 294 6.12 -3.46 -35.01
N SER A 295 6.00 -4.38 -34.06
CA SER A 295 7.07 -5.33 -33.78
C SER A 295 6.40 -6.54 -33.15
N GLY A 296 7.08 -7.20 -32.21
CA GLY A 296 6.46 -8.29 -31.45
C GLY A 296 5.92 -9.42 -32.31
N LEU A 297 6.61 -9.70 -33.40
CA LEU A 297 6.14 -10.64 -34.41
C LEU A 297 6.44 -12.09 -34.05
N SER A 298 5.41 -12.93 -34.15
CA SER A 298 5.58 -14.35 -33.83
C SER A 298 4.61 -15.18 -34.65
N VAL A 299 5.09 -16.30 -35.16
CA VAL A 299 4.24 -17.29 -35.85
C VAL A 299 4.06 -18.51 -34.94
N ASP A 300 2.83 -19.03 -34.89
CA ASP A 300 2.54 -20.26 -34.16
C ASP A 300 3.08 -21.46 -34.96
N ARG A 301 4.13 -22.10 -34.46
CA ARG A 301 4.78 -23.16 -35.26
C ARG A 301 3.92 -24.42 -35.38
N GLN A 302 2.92 -24.54 -34.51
CA GLN A 302 2.02 -25.69 -34.56
C GLN A 302 0.72 -25.42 -35.29
N LYS A 303 0.46 -24.16 -35.61
CA LYS A 303 -0.78 -23.80 -36.28
C LYS A 303 -0.51 -22.87 -37.46
N PRO A 304 -0.21 -23.46 -38.63
CA PRO A 304 0.02 -22.69 -39.86
C PRO A 304 -1.03 -21.61 -40.09
N GLY A 305 -0.60 -20.40 -40.44
CA GLY A 305 -1.53 -19.30 -40.68
C GLY A 305 -1.85 -18.44 -39.47
N THR A 306 -1.40 -18.88 -38.28
CA THR A 306 -1.65 -18.11 -37.07
C THR A 306 -0.41 -17.32 -36.70
N LEU A 307 -0.59 -16.02 -36.45
CA LEU A 307 0.52 -15.16 -36.07
C LEU A 307 0.05 -14.00 -35.20
N ALA A 309 1.35 -9.92 -33.49
CA ALA A 309 2.24 -8.76 -33.57
C ALA A 309 1.80 -7.72 -32.55
N THR A 310 2.65 -6.72 -32.32
CA THR A 310 2.36 -5.68 -31.34
C THR A 310 2.47 -4.29 -31.94
N ALA A 311 1.73 -3.35 -31.35
CA ALA A 311 1.99 -1.93 -31.53
C ALA A 311 3.02 -1.55 -30.48
N TYR A 312 4.30 -1.84 -30.74
CA TYR A 312 5.30 -1.85 -29.66
C TYR A 312 5.49 -0.45 -29.04
N SER A 313 5.23 0.59 -29.82
CA SER A 313 5.48 1.97 -29.38
C SER A 313 4.22 2.76 -29.09
N SER A 314 3.10 2.06 -28.90
CA SER A 314 1.86 2.70 -28.49
C SER A 314 1.91 3.01 -27.00
N TRP A 315 2.05 4.30 -26.66
CA TRP A 315 2.21 4.71 -25.27
C TRP A 315 0.89 5.02 -24.56
N TRP A 316 -0.14 5.35 -25.34
CA TRP A 316 -1.43 5.67 -24.73
C TRP A 316 -2.57 5.26 -25.64
N PRO A 317 -3.65 4.70 -25.06
CA PRO A 317 -3.84 4.43 -23.62
C PRO A 317 -3.05 3.21 -23.13
N ASP A 318 -2.55 2.40 -24.05
CA ASP A 318 -1.87 1.17 -23.72
C ASP A 318 -1.15 0.66 -24.94
N THR A 319 -0.36 -0.39 -24.78
CA THR A 319 0.18 -1.11 -25.94
C THR A 319 -0.99 -1.81 -26.62
N GLN A 320 -0.77 -2.35 -27.82
CA GLN A 320 -1.78 -3.18 -28.45
C GLN A 320 -1.16 -4.48 -28.93
N ILE A 321 -1.95 -5.55 -28.88
CA ILE A 321 -1.53 -6.86 -29.31
C ILE A 321 -2.53 -7.39 -30.33
N PHE A 322 -2.04 -7.84 -31.47
CA PHE A 322 -2.90 -8.31 -32.57
C PHE A 322 -2.72 -9.80 -32.83
N ARG A 323 -3.79 -10.46 -33.27
CA ARG A 323 -3.71 -11.88 -33.61
C ARG A 323 -4.50 -12.18 -34.88
N SER A 324 -3.89 -12.93 -35.79
CA SER A 324 -4.56 -13.39 -37.00
C SER A 324 -4.47 -14.91 -37.08
N THR A 325 -5.52 -15.56 -37.58
CA THR A 325 -5.46 -17.00 -37.83
C THR A 325 -5.59 -17.32 -39.32
N ASP A 326 -5.53 -16.29 -40.16
CA ASP A 326 -5.61 -16.50 -41.61
C ASP A 326 -4.52 -15.73 -42.37
N SER A 327 -3.30 -15.81 -41.84
CA SER A 327 -2.11 -15.30 -42.53
C SER A 327 -2.19 -13.79 -42.77
N GLY A 328 -2.87 -13.09 -41.85
CA GLY A 328 -2.88 -11.64 -41.89
C GLY A 328 -3.99 -11.03 -42.69
N ALA A 329 -4.87 -11.85 -43.27
CA ALA A 329 -6.01 -11.33 -44.03
C ALA A 329 -6.97 -10.59 -43.08
N THR A 330 -7.17 -11.15 -41.89
CA THR A 330 -7.99 -10.49 -40.87
C THR A 330 -7.33 -10.59 -39.50
N TRP A 331 -7.58 -9.59 -38.66
CA TRP A 331 -7.03 -9.54 -37.31
C TRP A 331 -8.09 -9.21 -36.27
N THR A 332 -7.81 -9.61 -35.04
CA THR A 332 -8.49 -9.03 -33.88
C THR A 332 -7.43 -8.51 -32.91
N GLN A 333 -7.86 -7.71 -31.94
CA GLN A 333 -6.88 -7.15 -31.02
CA GLN A 333 -6.97 -7.01 -31.00
C GLN A 333 -7.26 -7.43 -29.56
N ALA A 334 -6.26 -7.27 -28.69
CA ALA A 334 -6.40 -7.60 -27.27
C ALA A 334 -7.45 -6.72 -26.58
N TRP A 335 -7.58 -5.47 -27.02
CA TRP A 335 -8.63 -4.61 -26.47
C TRP A 335 -9.18 -3.69 -27.54
N ASP A 336 -10.41 -3.23 -27.32
CA ASP A 336 -11.11 -2.35 -28.25
C ASP A 336 -11.82 -1.24 -27.49
N TYR A 337 -12.09 -0.14 -28.17
CA TYR A 337 -13.02 0.82 -27.61
C TYR A 337 -14.42 0.28 -27.84
N THR A 338 -15.31 0.54 -26.88
CA THR A 338 -16.72 0.21 -27.05
C THR A 338 -17.49 1.49 -26.80
N GLY A 339 -17.23 2.50 -27.61
CA GLY A 339 -17.79 3.82 -27.36
C GLY A 339 -16.88 4.55 -26.39
N TYR A 340 -15.89 5.23 -26.96
CA TYR A 340 -14.91 6.00 -26.18
C TYR A 340 -15.61 6.82 -25.10
N PRO A 341 -15.05 6.86 -23.87
CA PRO A 341 -13.78 6.31 -23.38
C PRO A 341 -13.86 4.88 -22.87
N ASN A 342 -14.98 4.22 -23.08
CA ASN A 342 -15.13 2.86 -22.59
C ASN A 342 -14.35 1.85 -23.44
N ARG A 343 -13.83 0.82 -22.77
CA ARG A 343 -12.95 -0.16 -23.37
C ARG A 343 -13.37 -1.58 -22.98
N SER A 344 -13.13 -2.53 -23.88
CA SER A 344 -13.36 -3.94 -23.63
C SER A 344 -12.10 -4.75 -23.87
N ASN A 345 -11.74 -5.66 -22.95
CA ASN A 345 -10.52 -6.46 -23.06
C ASN A 345 -10.81 -7.95 -23.32
N ARG A 346 -9.97 -8.60 -24.13
CA ARG A 346 -10.05 -10.05 -24.35
C ARG A 346 -9.32 -10.84 -23.27
N TYR A 347 -8.75 -10.12 -22.31
CA TYR A 347 -7.89 -10.73 -21.29
C TYR A 347 -8.30 -10.23 -19.92
N THR A 348 -7.80 -10.91 -18.88
CA THR A 348 -7.73 -10.29 -17.56
C THR A 348 -6.26 -10.21 -17.21
N LEU A 349 -5.88 -9.16 -16.50
CA LEU A 349 -4.49 -8.94 -16.12
C LEU A 349 -4.40 -9.03 -14.61
N ASP A 350 -3.53 -9.92 -14.11
CA ASP A 350 -3.42 -10.17 -12.68
C ASP A 350 -1.96 -10.04 -12.25
N VAL A 351 -1.61 -8.95 -11.59
CA VAL A 351 -0.24 -8.75 -11.12
C VAL A 351 -0.07 -8.93 -9.61
N SER A 352 -0.88 -9.81 -9.00
CA SER A 352 -0.78 -10.11 -7.57
CA SER A 352 -0.77 -10.00 -7.56
C SER A 352 0.63 -10.49 -7.15
N SER A 353 1.35 -11.15 -8.06
CA SER A 353 2.70 -11.64 -7.74
C SER A 353 3.78 -10.57 -7.85
N VAL A 354 3.48 -9.47 -8.56
CA VAL A 354 4.38 -8.33 -8.69
C VAL A 354 3.54 -7.06 -8.57
N PRO A 355 3.08 -6.75 -7.34
CA PRO A 355 2.02 -5.74 -7.17
C PRO A 355 2.43 -4.33 -7.57
N TRP A 356 3.73 -3.99 -7.53
CA TRP A 356 4.15 -2.64 -7.86
C TRP A 356 3.93 -2.29 -9.34
N LEU A 357 3.62 -3.27 -10.17
CA LEU A 357 3.31 -2.99 -11.58
C LEU A 357 2.05 -2.12 -11.76
N SER A 358 1.23 -1.96 -10.71
CA SER A 358 0.13 -0.98 -10.74
C SER A 358 0.66 0.44 -10.86
N TRP A 359 1.89 0.64 -10.43
CA TRP A 359 2.54 1.94 -10.42
C TRP A 359 1.89 2.95 -9.44
N GLY A 360 1.01 2.44 -8.61
CA GLY A 360 0.28 3.28 -7.70
C GLY A 360 -0.65 4.26 -8.43
N ALA A 361 -0.96 3.96 -9.67
CA ALA A 361 -1.75 4.85 -10.52
C ALA A 361 -3.24 4.64 -10.33
N SER A 362 -4.01 5.69 -10.58
CA SER A 362 -5.46 5.63 -10.52
C SER A 362 -6.07 6.34 -11.73
N PRO A 363 -5.86 5.78 -12.94
CA PRO A 363 -6.23 6.46 -14.17
C PRO A 363 -7.72 6.36 -14.50
N ALA A 364 -8.22 7.33 -15.25
CA ALA A 364 -9.55 7.26 -15.79
C ALA A 364 -9.54 6.38 -17.05
N PRO A 365 -10.61 5.64 -17.30
CA PRO A 365 -10.78 5.00 -18.60
C PRO A 365 -10.52 6.00 -19.74
N PRO A 366 -9.93 5.53 -20.84
CA PRO A 366 -9.68 4.14 -21.18
C PRO A 366 -8.38 3.55 -20.63
N GLU A 367 -7.52 4.35 -20.00
CA GLU A 367 -6.29 3.82 -19.42
C GLU A 367 -6.57 2.90 -18.22
N THR A 368 -5.75 1.87 -18.06
CA THR A 368 -5.88 0.94 -16.94
C THR A 368 -4.60 0.91 -16.10
N ALA A 369 -4.72 0.56 -14.82
CA ALA A 369 -3.55 0.29 -13.99
C ALA A 369 -3.76 -1.06 -13.30
N PRO A 370 -2.86 -2.03 -13.54
CA PRO A 370 -1.70 -1.97 -14.44
C PRO A 370 -2.07 -1.88 -15.91
N LYS A 371 -1.08 -1.55 -16.73
CA LYS A 371 -1.25 -1.49 -18.17
C LYS A 371 -0.90 -2.83 -18.81
N LEU A 372 -1.53 -3.11 -19.95
CA LEU A 372 -1.19 -4.30 -20.72
C LEU A 372 0.32 -4.31 -21.04
N GLY A 373 0.88 -3.13 -21.31
CA GLY A 373 2.32 -3.02 -21.46
C GLY A 373 2.78 -1.77 -22.17
N TRP A 374 4.10 -1.71 -22.39
CA TRP A 374 4.75 -0.70 -23.24
C TRP A 374 6.06 -1.28 -23.75
N THR A 376 6.79 -3.13 -26.31
CA THR A 376 6.57 -4.56 -26.47
C THR A 376 7.21 -5.11 -27.76
N GLU A 377 8.53 -4.95 -27.88
CA GLU A 377 9.25 -5.44 -29.07
C GLU A 377 9.25 -6.95 -29.11
N ALA A 378 9.33 -7.57 -27.93
CA ALA A 378 9.42 -9.02 -27.85
C ALA A 378 8.06 -9.63 -27.56
N LEU A 379 7.56 -10.46 -28.47
CA LEU A 379 6.39 -11.28 -28.19
C LEU A 379 6.59 -12.63 -28.85
N GLU A 380 6.38 -13.72 -28.09
CA GLU A 380 6.67 -15.05 -28.60
C GLU A 380 5.58 -16.06 -28.25
N ILE A 381 5.04 -16.73 -29.26
CA ILE A 381 4.19 -17.88 -29.05
C ILE A 381 5.09 -19.11 -28.84
N ASP A 382 4.79 -19.87 -27.80
CA ASP A 382 5.52 -21.12 -27.51
C ASP A 382 5.36 -22.09 -28.68
N PRO A 383 6.48 -22.45 -29.34
CA PRO A 383 6.37 -23.33 -30.51
C PRO A 383 5.91 -24.74 -30.18
N PHE A 384 5.77 -25.06 -28.89
CA PHE A 384 5.30 -26.37 -28.47
C PHE A 384 4.02 -26.29 -27.63
N ASP A 385 3.42 -25.10 -27.55
CA ASP A 385 2.15 -24.94 -26.84
C ASP A 385 1.43 -23.71 -27.35
N SER A 386 0.41 -23.90 -28.19
CA SER A 386 -0.31 -22.78 -28.78
C SER A 386 -1.02 -21.92 -27.73
N ASP A 387 -1.20 -22.49 -26.54
CA ASP A 387 -1.85 -21.79 -25.44
C ASP A 387 -0.90 -20.92 -24.62
N ARG A 388 0.40 -20.96 -24.91
CA ARG A 388 1.33 -20.12 -24.15
C ARG A 388 1.99 -19.07 -25.03
N TYR A 391 5.52 -12.02 -23.50
CA TYR A 391 5.98 -10.79 -24.13
C TYR A 391 6.71 -9.91 -23.14
N GLY A 392 7.66 -9.13 -23.63
CA GLY A 392 8.44 -8.25 -22.76
C GLY A 392 7.94 -6.82 -22.81
N THR A 393 8.09 -6.11 -21.71
CA THR A 393 7.79 -4.69 -21.65
C THR A 393 9.02 -3.97 -21.12
N GLY A 394 8.90 -2.67 -20.90
CA GLY A 394 10.00 -1.93 -20.30
C GLY A 394 10.19 -2.20 -18.81
N ALA A 395 9.32 -3.00 -18.20
CA ALA A 395 9.44 -3.29 -16.76
C ALA A 395 9.28 -4.76 -16.38
N THR A 396 8.79 -5.60 -17.29
CA THR A 396 8.49 -6.97 -16.90
C THR A 396 8.44 -7.93 -18.07
N VAL A 397 8.21 -9.21 -17.78
CA VAL A 397 7.80 -10.19 -18.77
C VAL A 397 6.41 -10.67 -18.39
N TYR A 398 5.45 -10.53 -19.30
CA TYR A 398 4.09 -11.01 -19.10
C TYR A 398 3.87 -12.29 -19.90
N GLY A 399 2.89 -13.10 -19.48
CA GLY A 399 2.56 -14.27 -20.24
C GLY A 399 1.18 -14.81 -19.95
N THR A 400 0.76 -15.78 -20.75
CA THR A 400 -0.51 -16.45 -20.52
C THR A 400 -0.32 -17.92 -20.81
N GLU A 401 -1.17 -18.76 -20.21
CA GLU A 401 -1.16 -20.19 -20.47
C GLU A 401 -2.50 -20.68 -21.05
N ASP A 402 -3.39 -19.76 -21.37
CA ASP A 402 -4.64 -20.16 -22.03
C ASP A 402 -4.94 -19.27 -23.23
N LEU A 403 -3.90 -19.01 -24.03
CA LEU A 403 -3.98 -18.10 -25.16
C LEU A 403 -5.09 -18.44 -26.17
N THR A 404 -5.35 -19.72 -26.45
CA THR A 404 -6.32 -20.01 -27.51
C THR A 404 -7.76 -19.68 -27.12
N SER A 405 -7.98 -19.28 -25.86
CA SER A 405 -9.27 -18.74 -25.44
C SER A 405 -9.62 -17.50 -26.26
N TRP A 406 -8.58 -16.81 -26.74
CA TRP A 406 -8.75 -15.68 -27.64
C TRP A 406 -9.60 -16.08 -28.85
N ASP A 407 -9.26 -17.21 -29.46
CA ASP A 407 -9.92 -17.62 -30.70
C ASP A 407 -11.36 -18.07 -30.43
N SER A 408 -11.61 -18.60 -29.23
CA SER A 408 -12.94 -19.04 -28.78
C SER A 408 -13.91 -17.90 -28.51
N GLY A 409 -13.38 -16.68 -28.44
CA GLY A 409 -14.19 -15.54 -28.04
C GLY A 409 -14.33 -15.44 -26.54
N GLY A 410 -13.49 -16.19 -25.82
CA GLY A 410 -13.49 -16.14 -24.37
C GLY A 410 -12.49 -15.12 -23.85
N THR A 411 -12.04 -15.32 -22.62
CA THR A 411 -11.09 -14.42 -22.00
C THR A 411 -9.86 -15.20 -21.57
N PHE A 412 -8.65 -14.71 -21.86
CA PHE A 412 -7.46 -15.39 -21.39
C PHE A 412 -6.82 -14.60 -20.24
N ARG A 413 -6.01 -15.27 -19.43
CA ARG A 413 -5.46 -14.65 -18.23
C ARG A 413 -3.97 -14.32 -18.40
N ILE A 414 -3.59 -13.07 -18.14
CA ILE A 414 -2.19 -12.65 -18.25
C ILE A 414 -1.62 -12.40 -16.86
N THR A 415 -0.45 -12.97 -16.58
CA THR A 415 0.25 -12.75 -15.32
C THR A 415 1.73 -12.45 -15.59
N PRO A 416 2.42 -11.86 -14.60
CA PRO A 416 3.88 -11.79 -14.77
C PRO A 416 4.47 -13.19 -14.91
N VAL A 418 8.10 -13.53 -14.81
CA VAL A 418 9.32 -12.74 -14.73
C VAL A 418 10.19 -13.13 -13.52
N LYS A 419 9.63 -13.87 -12.57
CA LYS A 419 10.38 -14.26 -11.36
C LYS A 419 11.77 -14.77 -11.73
N GLY A 420 12.80 -14.26 -11.06
CA GLY A 420 14.17 -14.67 -11.35
C GLY A 420 14.93 -13.63 -12.15
N ILE A 421 14.22 -12.94 -13.05
CA ILE A 421 14.84 -11.78 -13.71
C ILE A 421 14.90 -10.65 -12.68
N GLU A 422 16.10 -10.13 -12.48
CA GLU A 422 16.32 -9.04 -11.56
C GLU A 422 17.19 -8.08 -12.31
N GLU A 423 16.57 -7.01 -12.82
CA GLU A 423 17.21 -6.25 -13.87
C GLU A 423 17.42 -4.78 -13.50
N THR A 424 17.15 -4.40 -12.25
CA THR A 424 17.22 -2.99 -11.92
C THR A 424 18.66 -2.48 -11.79
N ALA A 425 18.81 -1.18 -12.02
CA ALA A 425 20.06 -0.46 -11.79
C ALA A 425 19.96 0.26 -10.45
N VAL A 426 20.95 0.06 -9.59
CA VAL A 426 20.91 0.55 -8.22
C VAL A 426 21.73 1.81 -8.06
N ASN A 427 21.12 2.86 -7.51
CA ASN A 427 21.84 4.11 -7.31
C ASN A 427 22.32 4.32 -5.88
N ASP A 428 21.50 3.89 -4.91
CA ASP A 428 21.85 4.05 -3.50
C ASP A 428 21.16 2.97 -2.70
N LEU A 429 21.70 2.69 -1.52
CA LEU A 429 21.21 1.64 -0.63
C LEU A 429 21.43 2.08 0.82
N ALA A 430 20.45 1.87 1.67
CA ALA A 430 20.60 2.18 3.09
C ALA A 430 19.96 1.09 3.93
N SER A 431 20.68 0.69 4.98
CA SER A 431 20.19 -0.29 5.92
C SER A 431 20.13 0.35 7.30
N PRO A 432 18.94 0.78 7.73
CA PRO A 432 18.82 1.48 9.02
C PRO A 432 18.91 0.53 10.22
N PRO A 433 19.29 1.05 11.39
CA PRO A 433 19.47 0.23 12.60
C PRO A 433 18.16 -0.17 13.26
N SER A 434 17.04 0.31 12.72
CA SER A 434 15.73 -0.14 13.17
C SER A 434 14.76 0.02 12.02
N GLY A 435 13.64 -0.69 12.08
CA GLY A 435 12.69 -0.69 10.97
C GLY A 435 13.01 -1.76 9.95
N ALA A 436 12.71 -1.47 8.68
CA ALA A 436 12.97 -2.40 7.58
C ALA A 436 14.48 -2.61 7.38
N PRO A 437 14.88 -3.77 6.84
CA PRO A 437 16.30 -4.04 6.65
C PRO A 437 16.94 -3.21 5.55
N LEU A 438 16.15 -2.78 4.57
CA LEU A 438 16.72 -2.11 3.40
C LEU A 438 15.79 -1.11 2.75
N LEU A 439 16.36 0.05 2.43
CA LEU A 439 15.73 1.05 1.58
C LEU A 439 16.57 1.15 0.31
N SER A 440 15.96 0.95 -0.84
CA SER A 440 16.71 0.99 -2.09
C SER A 440 16.35 2.21 -2.94
N ALA A 441 17.33 2.68 -3.71
CA ALA A 441 17.14 3.78 -4.65
C ALA A 441 17.52 3.26 -6.03
N LEU A 442 16.54 3.23 -6.94
CA LEU A 442 16.66 2.53 -8.21
C LEU A 442 16.33 3.39 -9.40
N GLY A 443 16.85 3.02 -10.57
CA GLY A 443 16.44 3.62 -11.82
C GLY A 443 15.08 3.10 -12.23
N ASP A 444 14.32 3.94 -12.93
CA ASP A 444 13.06 3.59 -13.63
C ASP A 444 11.85 3.24 -12.79
N ILE A 445 12.03 2.55 -11.67
CA ILE A 445 10.89 2.16 -10.83
C ILE A 445 11.00 2.71 -9.41
N GLY A 446 11.84 3.73 -9.25
CA GLY A 446 11.96 4.48 -8.00
C GLY A 446 12.78 3.80 -6.92
N GLY A 447 12.33 2.65 -6.47
CA GLY A 447 12.95 1.99 -5.33
C GLY A 447 11.90 1.65 -4.27
N PHE A 448 12.33 0.92 -3.25
CA PHE A 448 11.40 0.30 -2.30
C PHE A 448 11.89 0.31 -0.86
N ARG A 449 10.93 0.32 0.06
CA ARG A 449 11.16 -0.12 1.41
C ARG A 449 11.00 -1.63 1.40
N HIS A 450 12.11 -2.34 1.55
CA HIS A 450 12.09 -3.80 1.56
C HIS A 450 11.84 -4.31 2.97
N THR A 451 10.60 -4.70 3.26
CA THR A 451 10.31 -5.21 4.60
C THR A 451 10.76 -6.65 4.74
N ASP A 452 10.87 -7.34 3.60
CA ASP A 452 11.26 -8.75 3.54
C ASP A 452 12.12 -8.92 2.30
N LEU A 453 13.41 -9.26 2.49
CA LEU A 453 14.35 -9.38 1.37
C LEU A 453 13.98 -10.51 0.40
N ASP A 454 13.09 -11.41 0.82
CA ASP A 454 12.66 -12.53 0.00
C ASP A 454 11.27 -12.34 -0.61
N ALA A 455 10.67 -11.18 -0.40
CA ALA A 455 9.32 -10.90 -0.92
C ALA A 455 9.29 -9.62 -1.74
N VAL A 456 8.56 -9.65 -2.86
CA VAL A 456 8.33 -8.46 -3.66
C VAL A 456 7.63 -7.37 -2.85
N PRO A 457 8.20 -6.15 -2.81
CA PRO A 457 7.50 -5.09 -2.09
C PRO A 457 6.20 -4.72 -2.80
N ASP A 458 5.21 -4.30 -2.04
CA ASP A 458 3.90 -4.04 -2.61
CA ASP A 458 3.90 -4.02 -2.61
C ASP A 458 3.88 -2.85 -3.58
N LEU A 459 4.76 -1.89 -3.33
CA LEU A 459 4.75 -0.67 -4.09
C LEU A 459 6.00 0.17 -3.93
N TYR A 461 8.14 3.81 -3.87
CA TYR A 461 7.85 5.00 -3.17
C TYR A 461 6.88 5.83 -3.97
N THR A 462 5.95 6.48 -3.30
CA THR A 462 4.99 7.38 -3.92
C THR A 462 4.90 8.69 -3.14
N SER A 463 4.16 9.67 -3.68
CA SER A 463 3.98 10.97 -3.04
C SER A 463 5.27 11.68 -2.61
N PRO A 464 6.17 11.97 -3.57
CA PRO A 464 6.00 11.78 -5.01
C PRO A 464 6.49 10.43 -5.49
N ASN A 465 5.96 10.00 -6.63
CA ASN A 465 6.46 8.81 -7.32
C ASN A 465 7.48 9.25 -8.36
N LEU A 466 8.76 9.19 -8.01
CA LEU A 466 9.83 9.59 -8.91
C LEU A 466 10.20 8.44 -9.84
N ASP A 467 10.60 8.78 -11.06
CA ASP A 467 11.04 7.77 -12.03
C ASP A 467 12.23 7.02 -11.48
N SER A 468 13.21 7.77 -10.99
CA SER A 468 14.44 7.19 -10.43
C SER A 468 14.80 7.90 -9.15
N THR A 469 15.20 7.14 -8.13
CA THR A 469 15.73 7.75 -6.92
C THR A 469 17.25 7.76 -7.05
N THR A 470 17.87 8.93 -6.95
CA THR A 470 19.33 9.04 -7.11
C THR A 470 20.08 8.92 -5.78
N SER A 471 19.40 9.25 -4.69
CA SER A 471 20.04 9.34 -3.38
C SER A 471 19.01 9.31 -2.27
N LEU A 472 19.30 8.60 -1.18
CA LEU A 472 18.43 8.63 -0.03
C LEU A 472 19.25 8.64 1.24
N ASP A 473 18.63 8.99 2.35
CA ASP A 473 19.32 8.95 3.64
C ASP A 473 18.29 8.83 4.75
N PHE A 474 18.73 8.38 5.91
CA PHE A 474 17.87 8.38 7.10
C PHE A 474 18.61 9.07 8.24
N ALA A 475 17.84 9.54 9.23
CA ALA A 475 18.43 10.14 10.42
C ALA A 475 18.99 9.03 11.29
N GLU A 476 20.31 9.03 11.52
CA GLU A 476 20.96 7.91 12.19
C GLU A 476 20.33 7.62 13.55
N SER A 477 20.04 8.67 14.31
CA SER A 477 19.51 8.51 15.66
C SER A 477 17.99 8.43 15.69
N SER A 478 17.35 8.65 14.54
CA SER A 478 15.90 8.58 14.43
CA SER A 478 15.89 8.56 14.44
C SER A 478 15.50 8.00 13.08
N PRO A 479 15.68 6.68 12.88
CA PRO A 479 15.55 6.09 11.55
C PRO A 479 14.13 6.04 11.00
N GLY A 480 13.14 6.49 11.78
CA GLY A 480 11.81 6.69 11.24
C GLY A 480 11.85 7.79 10.19
N THR A 481 12.83 8.68 10.30
CA THR A 481 12.91 9.83 9.41
C THR A 481 13.80 9.55 8.23
N VAL A 482 13.22 9.61 7.03
CA VAL A 482 13.92 9.28 5.78
C VAL A 482 13.69 10.39 4.74
N VAL A 483 14.68 10.63 3.89
CA VAL A 483 14.56 11.57 2.78
C VAL A 483 15.07 10.89 1.50
N ARG A 484 14.48 11.22 0.36
CA ARG A 484 14.96 10.73 -0.93
C ARG A 484 14.82 11.81 -1.98
N VAL A 485 15.74 11.81 -2.94
CA VAL A 485 15.66 12.73 -4.06
C VAL A 485 15.85 11.96 -5.35
N GLY A 486 15.38 12.52 -6.46
CA GLY A 486 15.50 11.80 -7.72
C GLY A 486 14.99 12.55 -8.92
N ASN A 487 14.76 11.80 -10.00
CA ASN A 487 14.43 12.38 -11.29
C ASN A 487 12.96 12.21 -11.64
N SER A 488 12.41 13.24 -12.26
CA SER A 488 11.02 13.23 -12.70
C SER A 488 10.82 14.35 -13.72
N ASP A 489 9.86 14.18 -14.63
CA ASP A 489 9.58 15.25 -15.58
C ASP A 489 9.07 16.50 -14.89
N ALA A 490 8.42 16.34 -13.75
CA ALA A 490 7.90 17.47 -13.00
C ALA A 490 8.38 17.48 -11.56
N ALA A 491 8.45 18.67 -10.96
CA ALA A 491 8.62 18.81 -9.53
C ALA A 491 7.39 18.19 -8.86
N PRO A 492 7.53 17.68 -7.63
CA PRO A 492 8.67 17.70 -6.71
C PRO A 492 9.71 16.63 -6.99
N HIS A 493 10.98 16.93 -6.71
CA HIS A 493 12.07 15.97 -6.87
C HIS A 493 12.55 15.40 -5.54
N ILE A 494 11.78 15.61 -4.48
CA ILE A 494 12.21 15.23 -3.13
C ILE A 494 11.00 14.78 -2.32
N GLY A 495 11.19 13.73 -1.51
CA GLY A 495 10.15 13.26 -0.63
C GLY A 495 10.68 12.99 0.78
N PHE A 496 9.80 13.12 1.76
CA PHE A 496 10.13 12.86 3.16
C PHE A 496 9.23 11.79 3.76
N SER A 497 9.76 11.05 4.73
CA SER A 497 8.97 10.09 5.49
C SER A 497 9.32 10.18 6.97
N THR A 498 8.32 9.97 7.83
CA THR A 498 8.59 9.86 9.26
C THR A 498 8.15 8.51 9.78
N ASP A 499 7.82 7.58 8.89
CA ASP A 499 7.55 6.22 9.32
C ASP A 499 8.44 5.21 8.60
N ASN A 500 9.73 5.55 8.52
CA ASN A 500 10.78 4.64 8.07
C ASN A 500 10.62 4.28 6.58
N GLY A 501 9.96 5.15 5.83
CA GLY A 501 9.80 4.98 4.39
C GLY A 501 8.54 4.26 3.94
N ALA A 502 7.62 4.00 4.87
CA ALA A 502 6.37 3.34 4.51
C ALA A 502 5.43 4.30 3.76
N ASN A 503 5.41 5.54 4.20
CA ASN A 503 4.59 6.59 3.58
C ASN A 503 5.39 7.87 3.44
N TRP A 504 5.00 8.70 2.48
CA TRP A 504 5.77 9.88 2.12
C TRP A 504 4.90 11.13 1.96
N PHE A 505 5.55 12.28 2.03
CA PHE A 505 4.95 13.54 1.62
C PHE A 505 6.02 14.37 0.95
N GLN A 506 5.63 15.21 0.00
CA GLN A 506 6.63 15.90 -0.79
C GLN A 506 7.26 17.06 -0.02
N GLY A 507 8.48 17.43 -0.44
CA GLY A 507 9.11 18.65 0.01
C GLY A 507 8.89 19.73 -1.03
N SER A 508 9.15 20.97 -0.66
CA SER A 508 9.25 22.04 -1.65
C SER A 508 10.67 21.97 -2.19
N GLU A 509 10.99 22.81 -3.18
CA GLU A 509 12.35 22.80 -3.69
C GLU A 509 12.77 24.16 -4.23
N PRO A 510 14.08 24.40 -4.26
CA PRO A 510 14.57 25.62 -4.90
C PRO A 510 14.30 25.58 -6.41
N SER A 511 14.29 26.74 -7.05
CA SER A 511 13.96 26.75 -8.46
C SER A 511 15.11 26.14 -9.26
N GLY A 512 14.78 25.58 -10.42
CA GLY A 512 15.77 25.14 -11.36
C GLY A 512 16.29 23.73 -11.18
N VAL A 513 15.67 22.95 -10.28
CA VAL A 513 16.10 21.58 -10.08
C VAL A 513 15.77 20.76 -11.33
N THR A 514 16.77 20.08 -11.87
CA THR A 514 16.58 19.28 -13.08
C THR A 514 16.81 17.79 -12.84
N GLY A 515 17.24 17.45 -11.63
CA GLY A 515 17.52 16.06 -11.30
C GLY A 515 17.85 15.95 -9.82
N GLY A 516 17.85 14.72 -9.31
CA GLY A 516 17.93 14.49 -7.87
C GLY A 516 19.23 14.89 -7.20
N GLY A 517 20.36 14.56 -7.81
CA GLY A 517 21.64 14.80 -7.16
C GLY A 517 21.76 13.96 -5.90
N THR A 518 22.30 14.54 -4.83
CA THR A 518 22.47 13.79 -3.59
C THR A 518 21.83 14.54 -2.42
N VAL A 519 21.46 13.80 -1.39
CA VAL A 519 20.77 14.39 -0.23
C VAL A 519 21.30 13.75 1.05
N ALA A 520 21.26 14.50 2.15
CA ALA A 520 21.79 14.05 3.43
C ALA A 520 20.87 14.47 4.57
N ALA A 521 20.69 13.57 5.55
CA ALA A 521 19.80 13.81 6.68
C ALA A 521 20.58 14.05 7.96
N ALA A 522 20.23 15.11 8.71
CA ALA A 522 20.84 15.33 10.02
C ALA A 522 20.61 14.13 10.94
N ALA A 523 21.59 13.86 11.80
CA ALA A 523 21.53 12.67 12.65
C ALA A 523 20.30 12.63 13.53
N ASP A 524 19.76 13.80 13.88
CA ASP A 524 18.56 13.85 14.76
C ASP A 524 17.28 14.10 13.98
N GLY A 525 17.36 14.08 12.65
CA GLY A 525 16.20 14.27 11.81
C GLY A 525 15.65 15.69 11.76
N SER A 526 16.40 16.64 12.29
CA SER A 526 15.91 18.02 12.40
C SER A 526 16.06 18.86 11.13
N GLY A 527 16.88 18.39 10.20
CA GLY A 527 17.18 19.16 9.00
C GLY A 527 17.90 18.34 7.96
N PHE A 528 18.11 18.94 6.79
CA PHE A 528 18.62 18.22 5.62
C PHE A 528 19.48 19.12 4.74
N VAL A 529 20.40 18.51 4.00
CA VAL A 529 21.17 19.22 2.99
C VAL A 529 20.96 18.51 1.66
N TRP A 530 20.61 19.28 0.63
CA TRP A 530 20.29 18.71 -0.68
C TRP A 530 21.19 19.35 -1.73
N SER A 531 21.89 18.52 -2.49
CA SER A 531 22.70 19.01 -3.60
C SER A 531 22.08 18.50 -4.90
N PRO A 532 21.10 19.25 -5.45
CA PRO A 532 20.40 18.80 -6.66
C PRO A 532 21.20 19.04 -7.93
N GLU A 533 20.74 18.45 -9.03
CA GLU A 533 21.22 18.84 -10.35
C GLU A 533 20.46 20.09 -10.78
N GLY A 534 21.15 21.05 -11.38
CA GLY A 534 20.50 22.24 -11.89
C GLY A 534 20.43 23.41 -10.92
N ALA A 535 20.71 23.14 -9.65
CA ALA A 535 20.75 24.18 -8.63
C ALA A 535 21.90 23.91 -7.69
N GLY A 536 22.26 24.90 -6.89
CA GLY A 536 23.36 24.76 -5.96
C GLY A 536 22.93 24.06 -4.69
N VAL A 537 23.87 23.87 -3.77
CA VAL A 537 23.60 23.17 -2.51
C VAL A 537 22.71 24.03 -1.62
N HIS A 538 21.67 23.41 -1.07
CA HIS A 538 20.73 24.09 -0.17
C HIS A 538 20.58 23.33 1.14
N HIS A 539 20.12 24.03 2.17
CA HIS A 539 19.87 23.40 3.44
C HIS A 539 18.49 23.80 3.97
N THR A 540 17.95 22.99 4.86
CA THR A 540 16.63 23.25 5.42
C THR A 540 16.55 22.76 6.85
N THR A 541 15.78 23.46 7.66
CA THR A 541 15.43 23.01 8.99
C THR A 541 13.96 22.62 8.94
N GLY A 542 13.66 21.37 9.27
CA GLY A 542 12.33 20.84 9.06
C GLY A 542 12.29 20.11 7.72
N PHE A 543 11.11 19.65 7.32
CA PHE A 543 10.99 18.77 6.16
C PHE A 543 10.90 19.53 4.84
N GLY A 544 11.92 20.32 4.57
CA GLY A 544 12.04 21.03 3.31
C GLY A 544 10.85 21.90 2.93
N THR A 545 10.27 22.61 3.90
CA THR A 545 9.14 23.47 3.59
C THR A 545 9.65 24.77 2.98
N SER A 546 10.93 25.06 3.23
CA SER A 546 11.66 26.12 2.54
C SER A 546 13.13 25.75 2.52
N TRP A 547 13.87 26.29 1.56
CA TRP A 547 15.29 26.01 1.41
C TRP A 547 16.11 27.29 1.38
N THR A 548 17.33 27.22 1.88
CA THR A 548 18.26 28.33 1.84
C THR A 548 19.56 27.87 1.18
N ALA A 549 20.12 28.70 0.31
CA ALA A 549 21.37 28.32 -0.37
C ALA A 549 22.54 28.27 0.61
N SER A 550 23.27 27.15 0.59
CA SER A 550 24.49 27.01 1.38
C SER A 550 25.62 27.83 0.76
N THR A 551 26.51 28.36 1.59
CA THR A 551 27.69 29.03 1.07
C THR A 551 28.96 28.20 1.28
N GLY A 552 29.97 28.49 0.48
CA GLY A 552 31.28 27.85 0.63
C GLY A 552 31.41 26.46 0.04
N ILE A 553 30.43 26.03 -0.75
CA ILE A 553 30.47 24.69 -1.36
C ILE A 553 29.99 24.75 -2.82
N PRO A 554 30.76 24.12 -3.73
CA PRO A 554 30.48 24.12 -5.17
C PRO A 554 29.15 23.45 -5.54
N ALA A 555 28.45 24.00 -6.52
CA ALA A 555 27.26 23.35 -7.04
C ALA A 555 27.62 21.96 -7.57
N GLY A 556 26.75 21.00 -7.34
CA GLY A 556 26.98 19.62 -7.78
C GLY A 556 27.77 18.74 -6.83
N ALA A 557 28.26 19.30 -5.72
CA ALA A 557 29.03 18.52 -4.76
C ALA A 557 28.23 17.32 -4.22
N THR A 558 28.93 16.22 -3.95
CA THR A 558 28.32 15.07 -3.26
C THR A 558 28.18 15.38 -1.78
N VAL A 559 26.97 15.27 -1.23
CA VAL A 559 26.77 15.57 0.19
C VAL A 559 26.40 14.35 1.03
N GLU A 560 26.90 14.35 2.27
CA GLU A 560 26.66 13.32 3.28
C GLU A 560 26.51 14.00 4.62
N SER A 561 25.91 13.32 5.58
CA SER A 561 25.84 13.83 6.95
C SER A 561 26.73 13.04 7.91
N ASP A 562 27.18 13.69 8.97
CA ASP A 562 27.79 12.97 10.06
C ASP A 562 26.71 12.11 10.71
N ARG A 563 27.07 10.96 11.24
CA ARG A 563 26.07 10.05 11.81
C ARG A 563 25.89 10.28 13.30
N LYS A 564 26.73 11.13 13.89
CA LYS A 564 26.69 11.39 15.33
C LYS A 564 26.31 12.84 15.67
N ASN A 565 27.00 13.79 15.05
CA ASN A 565 26.76 15.22 15.29
C ASN A 565 25.73 15.77 14.30
N PRO A 566 24.52 16.10 14.78
CA PRO A 566 23.43 16.48 13.86
C PRO A 566 23.67 17.82 13.14
N GLU A 567 24.67 18.58 13.57
CA GLU A 567 24.97 19.87 12.93
C GLU A 567 26.06 19.75 11.86
N LYS A 568 26.67 18.58 11.75
CA LYS A 568 27.85 18.40 10.90
C LYS A 568 27.50 17.69 9.60
N PHE A 569 27.80 18.36 8.48
CA PHE A 569 27.58 17.82 7.14
C PHE A 569 28.88 17.88 6.33
N TYR A 570 28.92 17.09 5.27
CA TYR A 570 30.12 16.96 4.44
C TYR A 570 29.81 17.14 2.97
N GLY A 571 30.81 17.60 2.22
CA GLY A 571 30.68 17.66 0.78
C GLY A 571 31.96 17.25 0.09
N PHE A 572 31.85 16.74 -1.14
CA PHE A 572 33.03 16.46 -1.95
C PHE A 572 32.82 16.93 -3.38
N GLU A 573 33.83 17.63 -3.93
CA GLU A 573 33.80 18.02 -5.33
C GLU A 573 35.20 18.19 -5.89
N ALA A 574 35.51 17.48 -6.97
CA ALA A 574 36.71 17.71 -7.76
C ALA A 574 38.00 17.68 -6.95
N GLY A 575 38.06 16.79 -5.97
CA GLY A 575 39.29 16.56 -5.23
C GLY A 575 39.38 17.30 -3.90
N THR A 576 38.38 18.13 -3.61
CA THR A 576 38.36 18.87 -2.35
C THR A 576 37.21 18.38 -1.47
N PHE A 577 37.50 18.19 -0.19
CA PHE A 577 36.50 17.77 0.79
C PHE A 577 36.01 19.02 1.55
N TYR A 578 34.71 19.09 1.82
CA TYR A 578 34.11 20.24 2.48
C TYR A 578 33.40 19.83 3.76
N VAL A 579 33.42 20.69 4.77
CA VAL A 579 32.72 20.40 6.03
C VAL A 579 31.86 21.58 6.45
N SER A 580 30.71 21.27 7.03
CA SER A 580 29.86 22.27 7.67
C SER A 580 29.64 21.88 9.11
N THR A 581 29.65 22.86 10.02
CA THR A 581 29.36 22.58 11.43
C THR A 581 28.12 23.34 11.90
N ASP A 582 27.39 23.92 10.96
CA ASP A 582 26.17 24.67 11.30
C ASP A 582 24.97 24.17 10.51
N GLY A 583 24.85 22.86 10.36
CA GLY A 583 23.69 22.26 9.73
C GLY A 583 23.63 22.43 8.23
N GLY A 584 24.76 22.75 7.62
CA GLY A 584 24.83 22.88 6.17
C GLY A 584 24.65 24.31 5.67
N ALA A 585 24.59 25.28 6.58
CA ALA A 585 24.40 26.67 6.19
C ALA A 585 25.66 27.20 5.52
N THR A 586 26.81 26.90 6.11
CA THR A 586 28.09 27.33 5.54
C THR A 586 29.08 26.17 5.54
N PHE A 587 29.85 26.05 4.47
CA PHE A 587 30.90 25.02 4.37
C PHE A 587 32.27 25.67 4.26
N THR A 588 33.29 24.96 4.73
CA THR A 588 34.67 25.37 4.49
C THR A 588 35.43 24.26 3.79
N ALA A 589 36.36 24.63 2.91
CA ALA A 589 37.19 23.66 2.23
C ALA A 589 38.21 23.07 3.21
N GLU A 590 38.32 21.75 3.21
CA GLU A 590 39.23 21.04 4.08
C GLU A 590 40.29 20.32 3.28
N ALA A 591 40.37 19.00 3.41
CA ALA A 591 41.40 18.24 2.69
C ALA A 591 41.31 18.44 1.19
N THR A 592 42.46 18.58 0.55
N THR A 592 42.43 18.54 0.50
CA THR A 592 42.56 18.59 -0.90
CA THR A 592 42.41 18.89 -0.93
C THR A 592 43.44 17.41 -1.32
C THR A 592 43.13 17.94 -1.88
N GLY A 593 43.66 17.26 -2.62
N GLY A 593 43.73 16.87 -1.37
CA GLY A 593 44.53 16.21 -3.12
CA GLY A 593 44.52 15.98 -2.22
C GLY A 593 43.85 14.85 -3.24
C GLY A 593 43.82 14.72 -2.67
N LEU A 594 42.53 14.83 -3.01
CA LEU A 594 41.70 13.66 -3.28
C LEU A 594 41.43 13.57 -4.78
N PRO A 595 40.83 12.46 -5.28
CA PRO A 595 40.70 12.33 -6.74
C PRO A 595 39.96 13.49 -7.39
N ALA A 596 40.64 14.16 -8.31
CA ALA A 596 40.10 15.35 -8.95
C ALA A 596 39.13 14.97 -10.06
N GLU A 597 39.26 13.72 -10.53
CA GLU A 597 38.52 13.16 -11.64
C GLU A 597 37.95 11.82 -11.24
N GLY A 598 36.78 11.45 -11.76
CA GLY A 598 36.23 10.12 -11.54
C GLY A 598 35.22 10.09 -10.42
N ASN A 599 34.45 9.01 -10.35
CA ASN A 599 33.46 8.84 -9.29
C ASN A 599 34.12 8.82 -7.92
N VAL A 600 33.39 9.33 -6.93
CA VAL A 600 33.77 9.20 -5.52
C VAL A 600 32.52 8.84 -4.73
N ARG A 601 32.65 7.91 -3.80
CA ARG A 601 31.62 7.62 -2.82
C ARG A 601 32.24 7.72 -1.43
N PHE A 602 31.51 8.29 -0.47
CA PHE A 602 32.04 8.34 0.90
C PHE A 602 30.93 8.30 1.91
N GLN A 603 31.23 7.79 3.11
CA GLN A 603 30.24 7.69 4.19
C GLN A 603 30.92 7.88 5.52
N ALA A 604 30.21 8.55 6.43
CA ALA A 604 30.69 8.72 7.80
C ALA A 604 30.28 7.50 8.62
N LEU A 605 31.06 7.20 9.65
CA LEU A 605 30.84 5.99 10.46
C LEU A 605 29.69 6.15 11.44
N PRO A 606 28.74 5.20 11.41
CA PRO A 606 27.76 5.16 12.50
C PRO A 606 28.47 5.09 13.86
N GLY A 607 28.06 5.93 14.80
CA GLY A 607 28.59 5.86 16.14
C GLY A 607 29.79 6.72 16.47
N THR A 608 30.48 7.25 15.45
CA THR A 608 31.68 8.05 15.69
C THR A 608 31.71 9.34 14.85
N GLU A 609 31.72 10.49 15.52
CA GLU A 609 31.79 11.76 14.81
C GLU A 609 33.10 11.90 14.05
N GLY A 610 33.02 12.34 12.79
CA GLY A 610 34.20 12.73 12.03
C GLY A 610 35.11 11.62 11.53
N ASP A 611 34.62 10.38 11.57
CA ASP A 611 35.33 9.23 11.01
C ASP A 611 34.69 8.94 9.65
N ILE A 612 35.42 9.22 8.58
CA ILE A 612 34.91 9.17 7.22
C ILE A 612 35.77 8.27 6.35
N TRP A 613 35.12 7.38 5.60
CA TRP A 613 35.80 6.55 4.61
C TRP A 613 35.39 7.02 3.23
N LEU A 614 36.36 7.13 2.33
CA LEU A 614 36.13 7.70 1.00
C LEU A 614 36.80 6.84 -0.06
N ALA A 615 36.00 6.40 -1.03
CA ALA A 615 36.49 5.54 -2.10
C ALA A 615 36.31 6.22 -3.44
N GLY A 616 37.28 6.11 -4.33
CA GLY A 616 37.03 6.58 -5.66
C GLY A 616 38.24 6.95 -6.48
N GLY A 617 37.98 7.59 -7.60
CA GLY A 617 38.99 7.87 -8.59
C GLY A 617 38.68 7.16 -9.90
N SER A 618 39.73 6.91 -10.67
CA SER A 618 39.59 6.35 -12.01
C SER A 618 40.90 5.71 -12.50
N ASP A 619 40.78 4.89 -13.54
CA ASP A 619 41.93 4.19 -14.12
C ASP A 619 43.03 5.14 -14.61
N THR A 620 42.66 6.39 -14.89
CA THR A 620 43.59 7.31 -15.53
C THR A 620 44.00 8.47 -14.61
N GLY A 621 43.76 8.31 -13.32
CA GLY A 621 44.17 9.30 -12.34
C GLY A 621 44.38 8.66 -10.99
N ALA A 622 44.26 9.44 -9.93
CA ALA A 622 44.28 8.89 -8.57
C ALA A 622 43.15 7.87 -8.39
N TYR A 623 43.40 6.82 -7.61
CA TYR A 623 42.40 5.80 -7.36
C TYR A 623 42.73 5.13 -6.02
N GLY A 624 41.75 4.90 -5.19
CA GLY A 624 42.02 4.20 -3.94
C GLY A 624 40.96 4.35 -2.87
N LEU A 625 41.38 4.15 -1.63
CA LEU A 625 40.52 4.24 -0.47
C LEU A 625 41.19 5.14 0.55
N TRP A 626 40.47 6.14 1.03
CA TRP A 626 41.00 7.11 1.99
C TRP A 626 40.20 7.09 3.28
N ARG A 627 40.83 7.48 4.37
CA ARG A 627 40.11 7.61 5.65
C ARG A 627 40.54 8.86 6.40
N SER A 628 39.55 9.55 6.97
CA SER A 628 39.79 10.67 7.86
C SER A 628 39.22 10.36 9.23
N THR A 629 39.91 10.79 10.29
CA THR A 629 39.33 10.69 11.63
C THR A 629 39.21 12.07 12.28
N ASP A 630 39.46 13.12 11.49
CA ASP A 630 39.33 14.48 12.02
C ASP A 630 38.32 15.30 11.21
N SER A 631 37.18 14.69 10.91
CA SER A 631 36.08 15.37 10.23
C SER A 631 36.49 15.95 8.87
N GLY A 632 37.44 15.26 8.22
CA GLY A 632 37.79 15.61 6.85
C GLY A 632 38.92 16.61 6.69
N ALA A 633 39.53 17.06 7.79
CA ALA A 633 40.65 17.97 7.68
C ALA A 633 41.84 17.29 7.01
N THR A 634 42.07 16.03 7.34
CA THR A 634 43.14 15.26 6.71
C THR A 634 42.65 13.85 6.35
N PHE A 635 43.15 13.32 5.23
CA PHE A 635 42.87 11.93 4.86
C PHE A 635 44.16 11.16 4.67
N THR A 636 44.12 9.88 5.02
CA THR A 636 45.22 8.97 4.76
C THR A 636 44.81 7.96 3.70
N LYS A 637 45.64 7.77 2.69
CA LYS A 637 45.34 6.80 1.64
CA LYS A 637 45.36 6.80 1.63
C LYS A 637 45.79 5.40 2.06
N SER A 638 44.89 4.42 1.97
CA SER A 638 45.22 3.05 2.35
C SER A 638 46.28 2.45 1.46
N ALA A 639 47.32 1.89 2.08
CA ALA A 639 48.38 1.22 1.32
C ALA A 639 47.92 -0.16 0.88
N GLY A 640 46.79 -0.64 1.40
CA GLY A 640 46.35 -1.99 1.11
C GLY A 640 45.38 -2.12 -0.04
N VAL A 641 44.96 -1.00 -0.62
CA VAL A 641 43.92 -1.00 -1.64
C VAL A 641 44.33 -0.20 -2.89
N GLU A 642 44.50 -0.95 -3.94
CA GLU A 642 44.84 -0.17 -5.10
CA GLU A 642 44.94 -0.14 -5.25
C GLU A 642 43.82 0.84 -5.82
N GLN A 643 42.61 0.24 -5.84
CA GLN A 643 41.45 0.96 -6.39
C GLN A 643 40.25 0.68 -5.51
N ALA A 644 39.40 1.66 -5.30
CA ALA A 644 38.14 1.38 -4.59
C ALA A 644 37.07 2.30 -5.14
N ASP A 645 35.81 1.88 -5.06
CA ASP A 645 34.74 2.66 -5.68
C ASP A 645 33.55 2.89 -4.77
N SER A 646 33.18 1.88 -4.00
CA SER A 646 32.10 2.03 -3.01
C SER A 646 32.64 1.65 -1.63
N VAL A 647 32.08 2.23 -0.58
CA VAL A 647 32.47 1.86 0.78
C VAL A 647 31.28 2.04 1.71
N GLY A 648 31.14 1.13 2.66
CA GLY A 648 30.00 1.15 3.59
C GLY A 648 30.30 0.27 4.79
N PHE A 649 29.36 0.22 5.73
CA PHE A 649 29.62 -0.37 7.04
C PHE A 649 28.51 -1.32 7.48
N GLY A 650 28.87 -2.26 8.35
CA GLY A 650 27.87 -3.10 9.00
C GLY A 650 28.29 -3.47 10.40
N LYS A 651 27.46 -4.27 11.07
CA LYS A 651 27.68 -4.70 12.43
C LYS A 651 29.10 -5.24 12.65
N ALA A 652 29.70 -4.88 13.78
CA ALA A 652 31.02 -5.39 14.13
C ALA A 652 31.01 -6.90 14.32
N ALA A 653 32.10 -7.55 13.94
CA ALA A 653 32.29 -8.97 14.21
C ALA A 653 32.33 -9.22 15.70
N PRO A 654 32.01 -10.45 16.14
CA PRO A 654 32.15 -10.74 17.57
C PRO A 654 33.58 -10.46 18.04
N GLY A 655 33.72 -9.70 19.12
CA GLY A 655 35.03 -9.38 19.65
C GLY A 655 35.81 -8.29 18.93
N ALA A 656 35.26 -7.78 17.83
CA ALA A 656 35.95 -6.73 17.08
C ALA A 656 35.69 -5.36 17.71
N SER A 657 36.65 -4.45 17.59
CA SER A 657 36.52 -3.13 18.20
C SER A 657 36.07 -2.06 17.21
N TYR A 658 35.78 -2.46 15.97
CA TYR A 658 35.39 -1.51 14.95
C TYR A 658 34.31 -2.14 14.09
N ARG A 659 33.42 -1.32 13.56
CA ARG A 659 32.40 -1.82 12.64
C ARG A 659 33.05 -2.50 11.44
N THR A 660 32.33 -3.42 10.84
CA THR A 660 32.81 -4.09 9.65
C THR A 660 32.74 -3.15 8.46
N VAL A 661 33.80 -3.13 7.64
CA VAL A 661 33.86 -2.28 6.47
C VAL A 661 33.75 -3.12 5.20
N PHE A 662 32.90 -2.69 4.26
CA PHE A 662 32.72 -3.38 2.96
C PHE A 662 33.08 -2.43 1.83
N VAL A 663 33.73 -2.96 0.78
CA VAL A 663 34.08 -2.16 -0.40
C VAL A 663 33.91 -2.95 -1.69
N SER A 664 33.61 -2.25 -2.78
CA SER A 664 33.84 -2.79 -4.10
C SER A 664 35.15 -2.17 -4.54
N ALA A 665 36.17 -3.00 -4.74
CA ALA A 665 37.53 -2.50 -4.87
C ALA A 665 38.42 -3.43 -5.67
N LYS A 666 39.65 -3.02 -5.86
CA LYS A 666 40.65 -3.86 -6.48
C LYS A 666 41.75 -3.94 -5.38
N ILE A 667 42.01 -5.14 -4.91
CA ILE A 667 42.95 -5.34 -3.81
C ILE A 667 43.87 -6.50 -4.17
N GLY A 668 45.18 -6.26 -4.10
CA GLY A 668 46.16 -7.27 -4.44
C GLY A 668 45.96 -7.82 -5.85
N GLY A 669 45.64 -6.94 -6.80
CA GLY A 669 45.49 -7.34 -8.18
C GLY A 669 44.14 -7.97 -8.52
N VAL A 670 43.25 -8.06 -7.54
CA VAL A 670 41.97 -8.74 -7.73
C VAL A 670 40.76 -7.80 -7.56
N ARG A 671 39.95 -7.67 -8.61
CA ARG A 671 38.68 -6.96 -8.51
C ARG A 671 37.61 -7.81 -7.82
N GLY A 672 36.90 -7.21 -6.86
CA GLY A 672 35.81 -7.92 -6.22
C GLY A 672 35.19 -7.13 -5.09
N ILE A 673 34.42 -7.83 -4.27
CA ILE A 673 33.80 -7.24 -3.08
C ILE A 673 34.60 -7.74 -1.89
N PHE A 674 35.04 -6.83 -1.02
CA PHE A 674 35.91 -7.18 0.10
C PHE A 674 35.36 -6.72 1.43
N ARG A 675 35.79 -7.39 2.49
CA ARG A 675 35.35 -7.13 3.86
C ARG A 675 36.57 -6.97 4.77
N SER A 676 36.54 -6.00 5.68
CA SER A 676 37.55 -5.90 6.73
C SER A 676 36.90 -5.82 8.11
N THR A 677 37.43 -6.59 9.05
CA THR A 677 36.95 -6.55 10.43
C THR A 677 38.01 -5.98 11.37
N ASP A 678 39.05 -5.39 10.81
CA ASP A 678 40.08 -4.74 11.63
C ASP A 678 40.38 -3.33 11.16
N ALA A 679 39.31 -2.59 10.83
CA ALA A 679 39.40 -1.18 10.43
C ALA A 679 40.37 -0.97 9.29
N GLY A 680 40.35 -1.90 8.33
CA GLY A 680 41.08 -1.73 7.09
C GLY A 680 42.51 -2.23 7.12
N ALA A 681 42.95 -2.85 8.21
CA ALA A 681 44.31 -3.37 8.27
C ALA A 681 44.46 -4.57 7.34
N SER A 682 43.41 -5.37 7.22
CA SER A 682 43.42 -6.52 6.32
C SER A 682 42.06 -6.69 5.67
N TRP A 683 42.04 -7.41 4.55
CA TRP A 683 40.83 -7.57 3.73
C TRP A 683 40.63 -9.01 3.33
N THR A 684 39.37 -9.39 3.14
CA THR A 684 38.99 -10.71 2.66
C THR A 684 37.99 -10.57 1.53
N ARG A 685 38.22 -11.27 0.42
CA ARG A 685 37.25 -11.23 -0.69
C ARG A 685 36.02 -12.05 -0.32
N ILE A 686 34.83 -11.47 -0.50
CA ILE A 686 33.63 -12.19 -0.10
C ILE A 686 32.71 -12.52 -1.27
N ASN A 687 32.98 -12.02 -2.47
CA ASN A 687 32.32 -12.61 -3.63
C ASN A 687 33.25 -13.64 -4.27
N ASP A 688 32.94 -14.05 -5.50
CA ASP A 688 33.80 -14.99 -6.22
C ASP A 688 33.62 -14.78 -7.73
N ASP A 689 34.34 -15.55 -8.54
CA ASP A 689 34.38 -15.30 -9.97
C ASP A 689 33.06 -15.56 -10.66
N ALA A 690 32.17 -16.34 -10.04
CA ALA A 690 30.85 -16.60 -10.64
C ALA A 690 29.85 -15.50 -10.28
N HIS A 691 30.22 -14.65 -9.32
CA HIS A 691 29.31 -13.64 -8.81
C HIS A 691 29.97 -12.27 -8.82
N GLN A 692 30.01 -11.65 -10.00
CA GLN A 692 30.76 -10.41 -10.18
C GLN A 692 29.87 -9.25 -10.62
N TRP A 693 28.94 -9.49 -11.54
CA TRP A 693 27.91 -8.51 -11.91
C TRP A 693 28.43 -7.17 -12.49
N GLY A 694 29.54 -7.22 -13.23
CA GLY A 694 30.00 -6.03 -13.95
C GLY A 694 30.26 -4.82 -13.07
N TRP A 695 29.63 -3.68 -13.34
CA TRP A 695 29.94 -2.47 -12.59
C TRP A 695 29.15 -2.40 -11.29
N THR A 696 29.86 -2.61 -10.17
CA THR A 696 29.27 -2.57 -8.85
C THR A 696 29.76 -1.38 -8.05
N GLY A 697 29.95 -0.24 -8.73
CA GLY A 697 30.51 0.92 -8.07
C GLY A 697 29.55 1.93 -7.45
N ALA A 698 28.24 1.77 -7.62
CA ALA A 698 27.31 2.84 -7.24
C ALA A 698 27.13 3.00 -5.73
N ALA A 699 27.05 1.88 -5.02
CA ALA A 699 26.73 1.92 -3.59
C ALA A 699 26.99 0.60 -2.91
N ILE A 700 27.37 0.66 -1.65
CA ILE A 700 27.47 -0.55 -0.84
C ILE A 700 27.12 -0.19 0.60
N THR A 701 26.51 -1.13 1.32
CA THR A 701 26.36 -0.97 2.75
C THR A 701 26.30 -2.32 3.42
N GLY A 702 26.82 -2.40 4.64
CA GLY A 702 26.55 -3.57 5.46
C GLY A 702 25.21 -3.38 6.14
N ASP A 703 24.96 -4.23 7.13
CA ASP A 703 23.70 -4.23 7.87
C ASP A 703 24.05 -4.07 9.35
N PRO A 704 23.56 -2.99 9.97
CA PRO A 704 23.93 -2.71 11.37
C PRO A 704 23.39 -3.73 12.35
N ARG A 705 22.43 -4.55 11.91
CA ARG A 705 21.81 -5.53 12.79
C ARG A 705 22.25 -6.97 12.51
N VAL A 706 22.93 -7.19 11.39
CA VAL A 706 23.30 -8.56 11.00
C VAL A 706 24.76 -8.64 10.58
N TYR A 707 25.60 -9.27 11.42
CA TYR A 707 27.03 -9.37 11.09
C TYR A 707 27.26 -10.12 9.76
N GLY A 708 28.14 -9.57 8.93
CA GLY A 708 28.54 -10.23 7.70
C GLY A 708 27.69 -9.92 6.48
N ARG A 709 26.44 -9.49 6.69
CA ARG A 709 25.55 -9.24 5.57
C ARG A 709 25.95 -7.96 4.84
N VAL A 710 25.90 -8.01 3.51
CA VAL A 710 26.26 -6.84 2.72
C VAL A 710 25.25 -6.68 1.59
N TYR A 711 24.93 -5.42 1.27
CA TYR A 711 24.07 -5.10 0.15
C TYR A 711 24.91 -4.41 -0.91
N VAL A 712 24.96 -4.99 -2.11
CA VAL A 712 25.83 -4.50 -3.19
C VAL A 712 25.02 -4.01 -4.40
N SER A 713 25.30 -2.80 -4.86
CA SER A 713 24.68 -2.26 -6.06
C SER A 713 25.17 -2.98 -7.32
N THR A 714 24.29 -3.11 -8.30
CA THR A 714 24.69 -3.53 -9.64
C THR A 714 24.00 -2.62 -10.63
N ASN A 715 24.46 -2.68 -11.87
CA ASN A 715 23.86 -1.87 -12.92
C ASN A 715 23.15 -2.78 -13.92
N GLY A 716 22.07 -3.44 -13.48
CA GLY A 716 21.31 -4.31 -14.35
C GLY A 716 21.02 -5.68 -13.77
N ARG A 717 21.51 -5.92 -12.56
CA ARG A 717 21.27 -7.20 -11.90
C ARG A 717 20.71 -6.99 -10.50
N GLY A 718 20.03 -5.88 -10.30
CA GLY A 718 19.33 -5.64 -9.05
C GLY A 718 20.24 -5.46 -7.84
N ILE A 719 19.67 -5.70 -6.67
CA ILE A 719 20.38 -5.58 -5.40
C ILE A 719 20.92 -6.94 -4.98
N GLN A 720 22.23 -7.08 -4.91
CA GLN A 720 22.83 -8.34 -4.47
C GLN A 720 23.05 -8.35 -2.96
N VAL A 721 22.52 -9.39 -2.31
CA VAL A 721 22.64 -9.56 -0.86
C VAL A 721 23.57 -10.71 -0.56
N GLY A 722 24.68 -10.41 0.11
CA GLY A 722 25.65 -11.44 0.50
C GLY A 722 25.53 -11.77 1.97
N GLU A 723 25.53 -13.06 2.28
CA GLU A 723 25.38 -13.50 3.66
C GLU A 723 26.40 -14.59 3.98
N THR A 724 26.92 -14.56 5.19
CA THR A 724 27.86 -15.60 5.56
C THR A 724 27.05 -16.68 6.25
N THR B 2 -20.36 -25.64 18.73
CA THR B 2 -20.21 -26.13 17.36
C THR B 2 -19.59 -25.05 16.46
N TYR B 3 -20.03 -23.81 16.60
CA TYR B 3 -19.40 -22.68 15.89
C TYR B 3 -18.45 -21.92 16.79
N THR B 4 -17.32 -21.50 16.23
CA THR B 4 -16.43 -20.57 16.91
C THR B 4 -16.63 -19.20 16.26
N TRP B 5 -16.38 -18.13 17.01
CA TRP B 5 -16.57 -16.78 16.49
C TRP B 5 -15.32 -15.96 16.74
N LYS B 6 -14.93 -15.17 15.75
CA LYS B 6 -13.81 -14.24 15.87
C LYS B 6 -14.08 -13.02 15.02
N ASN B 7 -13.41 -11.91 15.31
CA ASN B 7 -13.49 -10.76 14.40
C ASN B 7 -12.58 -10.94 13.19
N ALA B 8 -13.02 -10.43 12.04
CA ALA B 8 -12.09 -10.19 10.94
C ALA B 8 -11.21 -9.04 11.40
N ARG B 9 -9.91 -9.29 11.57
CA ARG B 9 -9.08 -8.34 12.32
C ARG B 9 -8.90 -6.98 11.64
N ILE B 10 -9.18 -5.92 12.40
CA ILE B 10 -9.06 -4.54 11.95
C ILE B 10 -8.27 -3.71 12.98
N ASP B 11 -8.52 -3.97 14.26
CA ASP B 11 -7.90 -3.27 15.40
C ASP B 11 -8.46 -1.88 15.56
N GLY B 12 -9.51 -1.74 16.38
CA GLY B 12 -10.12 -0.45 16.64
C GLY B 12 -11.18 -0.04 15.63
N GLY B 13 -11.14 1.22 15.22
CA GLY B 13 -12.05 1.73 14.20
C GLY B 13 -13.14 2.66 14.70
N GLY B 14 -13.27 2.81 16.02
CA GLY B 14 -14.29 3.66 16.59
C GLY B 14 -13.80 4.52 17.74
N PHE B 15 -14.73 5.26 18.35
CA PHE B 15 -14.43 6.19 19.43
C PHE B 15 -14.35 5.47 20.77
N VAL B 16 -13.28 5.71 21.52
CA VAL B 16 -13.17 5.19 22.88
C VAL B 16 -13.19 6.36 23.87
N PRO B 17 -14.40 6.67 24.39
CA PRO B 17 -14.62 7.82 25.28
C PRO B 17 -14.05 7.67 26.68
N GLY B 18 -13.74 6.44 27.12
CA GLY B 18 -13.26 6.26 28.48
C GLY B 18 -12.39 5.04 28.67
N ILE B 19 -11.33 5.21 29.46
CA ILE B 19 -10.39 4.17 29.83
C ILE B 19 -10.25 4.23 31.34
N VAL B 20 -10.30 3.07 31.99
CA VAL B 20 -10.30 2.99 33.45
C VAL B 20 -9.26 2.00 33.97
N PHE B 21 -8.27 2.50 34.72
CA PHE B 21 -7.33 1.64 35.44
C PHE B 21 -7.80 1.42 36.88
N ASN B 22 -7.79 0.17 37.34
CA ASN B 22 -8.08 -0.11 38.74
C ASN B 22 -6.99 0.47 39.62
N ARG B 23 -7.37 1.04 40.76
CA ARG B 23 -6.38 1.77 41.57
C ARG B 23 -5.76 0.94 42.70
N SER B 24 -6.08 -0.35 42.74
CA SER B 24 -5.53 -1.24 43.77
C SER B 24 -4.80 -2.45 43.21
N GLU B 25 -5.05 -2.78 41.95
CA GLU B 25 -4.39 -3.94 41.34
C GLU B 25 -3.71 -3.60 40.03
N LYS B 26 -2.39 -3.78 40.01
CA LYS B 26 -1.57 -3.49 38.85
C LYS B 26 -2.03 -4.27 37.61
N ASN B 27 -2.07 -3.57 36.48
CA ASN B 27 -2.40 -4.10 35.15
C ASN B 27 -3.86 -4.46 34.93
N LEU B 28 -4.73 -4.06 35.85
CA LEU B 28 -6.17 -4.26 35.64
C LEU B 28 -6.76 -2.98 35.06
N ALA B 29 -7.30 -3.07 33.85
CA ALA B 29 -7.87 -1.91 33.20
C ALA B 29 -9.03 -2.29 32.30
N TYR B 30 -9.90 -1.30 32.02
CA TYR B 30 -11.05 -1.48 31.13
C TYR B 30 -11.17 -0.33 30.17
N ALA B 31 -11.94 -0.53 29.11
CA ALA B 31 -12.31 0.55 28.17
C ALA B 31 -13.80 0.52 27.89
N ARG B 32 -14.41 1.70 27.72
CA ARG B 32 -15.83 1.76 27.34
C ARG B 32 -15.95 2.37 25.95
N THR B 33 -16.97 1.94 25.19
CA THR B 33 -17.25 2.49 23.88
C THR B 33 -18.67 3.04 23.82
N ASP B 34 -18.95 3.83 22.79
CA ASP B 34 -20.27 4.47 22.70
C ASP B 34 -21.33 3.60 22.02
N ILE B 35 -20.94 2.65 21.17
CA ILE B 35 -21.93 1.75 20.56
C ILE B 35 -21.50 0.28 20.59
N GLY B 36 -20.37 -0.03 21.21
CA GLY B 36 -19.77 -1.36 21.05
C GLY B 36 -19.35 -2.07 22.33
N GLY B 37 -20.07 -1.81 23.42
CA GLY B 37 -19.85 -2.51 24.67
C GLY B 37 -18.62 -2.04 25.42
N ALA B 38 -18.05 -2.92 26.23
CA ALA B 38 -16.90 -2.58 27.06
C ALA B 38 -15.89 -3.70 26.96
N TYR B 39 -14.66 -3.43 27.39
CA TYR B 39 -13.53 -4.35 27.23
C TYR B 39 -12.70 -4.43 28.49
N ARG B 40 -12.08 -5.59 28.73
CA ARG B 40 -11.07 -5.71 29.78
C ARG B 40 -9.68 -5.91 29.16
N TRP B 41 -8.68 -5.22 29.71
CA TRP B 41 -7.29 -5.33 29.27
C TRP B 41 -6.69 -6.68 29.64
N ASP B 42 -5.93 -7.23 28.70
CA ASP B 42 -5.20 -8.47 28.89
C ASP B 42 -3.72 -8.15 28.78
N GLN B 43 -3.04 -8.04 29.91
CA GLN B 43 -1.64 -7.60 29.91
C GLN B 43 -0.70 -8.57 29.19
N SER B 44 -0.93 -9.87 29.38
CA SER B 44 -0.01 -10.85 28.80
C SER B 44 -0.14 -10.85 27.28
N GLY B 45 -1.34 -10.60 26.77
CA GLY B 45 -1.57 -10.57 25.34
C GLY B 45 -1.46 -9.18 24.71
N LYS B 46 -1.30 -8.15 25.54
CA LYS B 46 -1.30 -6.76 25.09
C LYS B 46 -2.52 -6.50 24.20
N GLN B 47 -3.69 -6.90 24.70
CA GLN B 47 -4.92 -6.82 23.90
C GLN B 47 -6.12 -6.66 24.82
N TRP B 48 -7.27 -6.38 24.21
CA TRP B 48 -8.51 -6.16 24.94
C TRP B 48 -9.48 -7.32 24.70
N LYS B 49 -10.29 -7.63 25.71
CA LYS B 49 -11.33 -8.67 25.60
C LYS B 49 -12.72 -8.08 25.73
N PRO B 50 -13.62 -8.36 24.77
CA PRO B 50 -14.99 -7.82 24.84
C PRO B 50 -15.83 -8.47 25.94
N LEU B 51 -16.70 -7.69 26.59
CA LEU B 51 -17.44 -8.16 27.78
C LEU B 51 -18.96 -8.22 27.62
N LEU B 52 -19.49 -7.54 26.62
CA LEU B 52 -20.95 -7.39 26.49
C LEU B 52 -21.52 -8.01 25.21
N ASP B 53 -20.83 -8.97 24.61
CA ASP B 53 -21.30 -9.57 23.37
C ASP B 53 -22.61 -10.36 23.55
N TRP B 54 -22.94 -10.67 24.81
CA TRP B 54 -24.20 -11.34 25.13
C TRP B 54 -25.45 -10.44 24.97
N VAL B 55 -25.25 -9.13 24.94
CA VAL B 55 -26.37 -8.20 24.79
C VAL B 55 -27.07 -8.45 23.47
N ASP B 56 -28.38 -8.72 23.54
CA ASP B 56 -29.13 -9.30 22.43
C ASP B 56 -29.83 -8.26 21.55
N TRP B 57 -30.42 -8.75 20.46
CA TRP B 57 -31.15 -7.93 19.50
C TRP B 57 -32.15 -6.99 20.16
N ASP B 58 -32.98 -7.52 21.05
CA ASP B 58 -34.06 -6.74 21.65
C ASP B 58 -33.56 -5.75 22.71
N ARG B 59 -32.33 -5.90 23.16
CA ARG B 59 -31.76 -4.99 24.14
C ARG B 59 -30.53 -4.27 23.61
N TRP B 60 -30.50 -4.02 22.30
CA TRP B 60 -29.31 -3.50 21.63
C TRP B 60 -28.83 -2.19 22.26
N GLY B 61 -29.74 -1.43 22.86
CA GLY B 61 -29.39 -0.14 23.43
C GLY B 61 -28.36 -0.27 24.54
N TRP B 62 -28.31 -1.44 25.17
CA TRP B 62 -27.36 -1.68 26.26
C TRP B 62 -25.92 -1.89 25.75
N THR B 63 -25.71 -1.81 24.44
CA THR B 63 -24.34 -1.87 23.93
C THR B 63 -23.67 -0.49 24.03
N GLY B 64 -24.45 0.54 24.35
CA GLY B 64 -23.90 1.87 24.56
C GLY B 64 -23.45 2.00 26.01
N VAL B 65 -22.19 2.35 26.24
CA VAL B 65 -21.67 2.37 27.61
C VAL B 65 -21.28 3.77 28.06
N VAL B 66 -22.18 4.36 28.85
CA VAL B 66 -22.06 5.72 29.40
C VAL B 66 -20.93 5.88 30.40
N SER B 67 -20.73 4.86 31.20
CA SER B 67 -19.73 4.94 32.25
C SER B 67 -19.35 3.56 32.74
N LEU B 68 -18.15 3.45 33.30
CA LEU B 68 -17.66 2.19 33.85
C LEU B 68 -16.84 2.47 35.11
N ALA B 69 -17.04 1.65 36.14
CA ALA B 69 -16.30 1.78 37.39
C ALA B 69 -15.70 0.45 37.80
N SER B 70 -14.40 0.46 38.12
CA SER B 70 -13.68 -0.72 38.60
C SER B 70 -13.39 -0.56 40.09
N ASP B 71 -13.98 -1.44 40.89
CA ASP B 71 -13.97 -1.38 42.35
C ASP B 71 -12.54 -1.42 42.93
N THR B 72 -12.09 -0.34 43.55
CA THR B 72 -10.75 -0.33 44.14
C THR B 72 -10.70 -1.20 45.42
N VAL B 73 -11.83 -1.33 46.12
CA VAL B 73 -11.84 -2.15 47.34
C VAL B 73 -11.73 -3.64 47.01
N ASP B 74 -12.47 -4.06 45.98
CA ASP B 74 -12.41 -5.43 45.46
C ASP B 74 -12.34 -5.39 43.95
N PRO B 75 -11.12 -5.41 43.40
CA PRO B 75 -10.86 -5.35 41.95
C PRO B 75 -11.61 -6.40 41.11
N ASP B 76 -12.18 -7.43 41.74
CA ASP B 76 -12.97 -8.38 40.96
C ASP B 76 -14.33 -7.81 40.51
N ASN B 77 -14.78 -6.74 41.15
CA ASN B 77 -16.07 -6.12 40.78
C ASN B 77 -15.90 -5.03 39.74
N VAL B 78 -16.83 -5.00 38.78
CA VAL B 78 -16.86 -3.93 37.78
C VAL B 78 -18.34 -3.64 37.48
N TYR B 79 -18.63 -2.38 37.20
CA TYR B 79 -19.99 -1.91 36.95
C TYR B 79 -20.01 -1.09 35.68
N ALA B 80 -21.09 -1.19 34.92
CA ALA B 80 -21.22 -0.41 33.69
C ALA B 80 -22.62 0.18 33.57
N ALA B 81 -22.68 1.48 33.32
CA ALA B 81 -23.95 2.15 33.04
C ALA B 81 -24.21 2.14 31.53
N VAL B 82 -25.33 1.54 31.12
CA VAL B 82 -25.56 1.25 29.70
C VAL B 82 -26.90 1.78 29.21
N GLY B 83 -27.00 1.97 27.90
CA GLY B 83 -28.12 2.66 27.29
C GLY B 83 -27.56 3.61 26.24
N THR B 84 -28.24 3.75 25.11
CA THR B 84 -27.60 4.43 23.97
C THR B 84 -28.17 5.82 23.67
N TYR B 85 -29.49 5.94 23.57
CA TYR B 85 -30.12 7.25 23.31
C TYR B 85 -31.22 7.52 24.32
N THR B 86 -31.52 8.81 24.54
CA THR B 86 -32.60 9.19 25.46
C THR B 86 -33.86 9.64 24.73
N ASN B 87 -33.84 9.55 23.40
CA ASN B 87 -35.00 9.88 22.60
C ASN B 87 -35.64 8.62 22.04
N SER B 88 -36.46 8.76 21.00
CA SER B 88 -37.20 7.62 20.46
C SER B 88 -36.31 6.59 19.75
N TRP B 89 -35.06 6.95 19.44
CA TRP B 89 -34.17 6.06 18.69
C TRP B 89 -33.79 4.80 19.47
N ASP B 90 -33.81 4.90 20.80
CA ASP B 90 -33.51 3.76 21.67
C ASP B 90 -34.77 3.43 22.46
N PRO B 91 -35.37 2.26 22.18
CA PRO B 91 -36.64 1.92 22.80
C PRO B 91 -36.56 1.41 24.24
N THR B 92 -35.35 1.18 24.78
CA THR B 92 -35.30 0.65 26.15
C THR B 92 -34.66 1.63 27.12
N ASP B 93 -35.06 1.52 28.37
CA ASP B 93 -34.43 2.28 29.45
C ASP B 93 -32.99 1.87 29.66
N GLY B 94 -32.24 2.69 30.39
CA GLY B 94 -30.87 2.35 30.72
C GLY B 94 -30.80 1.34 31.85
N ALA B 95 -29.58 0.95 32.20
CA ALA B 95 -29.36 0.00 33.29
C ALA B 95 -27.98 0.19 33.87
N VAL B 96 -27.79 -0.26 35.11
CA VAL B 96 -26.44 -0.47 35.62
C VAL B 96 -26.21 -1.97 35.67
N LEU B 97 -25.20 -2.43 34.93
CA LEU B 97 -24.80 -3.83 34.93
C LEU B 97 -23.73 -4.02 35.99
N ARG B 98 -23.81 -5.14 36.72
CA ARG B 98 -22.84 -5.42 37.77
C ARG B 98 -22.19 -6.79 37.54
N SER B 99 -20.90 -6.86 37.82
CA SER B 99 -20.15 -8.12 37.67
C SER B 99 -19.21 -8.31 38.86
N SER B 100 -19.14 -9.54 39.36
CA SER B 100 -18.19 -9.82 40.44
C SER B 100 -17.04 -10.66 39.92
N ASP B 101 -16.91 -10.76 38.60
CA ASP B 101 -15.81 -11.54 38.03
C ASP B 101 -15.18 -10.83 36.83
N ARG B 102 -14.98 -9.52 36.99
CA ARG B 102 -14.27 -8.69 36.01
C ARG B 102 -14.90 -8.71 34.63
N GLY B 103 -16.21 -8.89 34.56
CA GLY B 103 -16.93 -8.78 33.31
C GLY B 103 -17.21 -10.10 32.61
N ALA B 104 -16.86 -11.21 33.23
CA ALA B 104 -17.13 -12.52 32.63
C ALA B 104 -18.63 -12.83 32.66
N SER B 105 -19.31 -12.37 33.71
CA SER B 105 -20.76 -12.53 33.82
C SER B 105 -21.37 -11.31 34.49
N TRP B 106 -22.62 -11.02 34.15
CA TRP B 106 -23.29 -9.80 34.59
C TRP B 106 -24.71 -10.03 35.09
N LYS B 107 -25.18 -9.11 35.92
CA LYS B 107 -26.60 -8.96 36.23
C LYS B 107 -26.99 -7.51 35.97
N ALA B 108 -28.26 -7.28 35.66
CA ALA B 108 -28.72 -5.94 35.30
C ALA B 108 -29.71 -5.36 36.30
N ALA B 109 -29.44 -4.13 36.73
CA ALA B 109 -30.43 -3.32 37.44
C ALA B 109 -31.01 -2.30 36.47
N THR B 110 -32.25 -2.51 36.03
CA THR B 110 -32.84 -1.59 35.05
C THR B 110 -33.27 -0.29 35.74
N LEU B 111 -32.96 0.84 35.10
CA LEU B 111 -33.30 2.16 35.61
C LEU B 111 -34.64 2.59 35.01
N PRO B 112 -35.34 3.55 35.66
CA PRO B 112 -36.62 4.03 35.12
C PRO B 112 -36.47 5.14 34.07
N PHE B 113 -35.26 5.31 33.55
CA PHE B 113 -35.00 6.33 32.56
C PHE B 113 -33.95 5.83 31.57
N LYS B 114 -33.85 6.50 30.43
CA LYS B 114 -32.89 6.12 29.40
C LYS B 114 -31.51 6.72 29.68
N LEU B 115 -30.49 6.09 29.13
CA LEU B 115 -29.12 6.61 29.26
C LEU B 115 -28.57 6.91 27.87
N GLY B 116 -27.52 7.75 27.82
CA GLY B 116 -27.02 8.30 26.57
C GLY B 116 -25.62 7.93 26.13
N GLY B 117 -25.37 6.63 26.05
CA GLY B 117 -24.07 6.10 25.63
C GLY B 117 -23.56 6.63 24.30
N ASN B 118 -24.47 6.93 23.37
CA ASN B 118 -24.05 7.51 22.09
C ASN B 118 -24.67 8.90 21.85
N PRO B 120 -24.60 13.29 22.69
CA PRO B 120 -23.65 14.35 23.03
C PRO B 120 -23.32 14.33 24.52
N GLY B 121 -22.07 14.64 24.86
CA GLY B 121 -21.65 14.65 26.25
C GLY B 121 -21.03 13.36 26.74
N ARG B 122 -20.99 12.34 25.88
CA ARG B 122 -20.63 10.99 26.32
C ARG B 122 -19.16 10.82 26.70
N GLY B 123 -18.32 11.80 26.38
CA GLY B 123 -16.91 11.74 26.76
C GLY B 123 -16.61 12.30 28.14
N GLY B 125 -16.86 12.27 32.22
CA GLY B 125 -16.98 11.17 33.16
C GLY B 125 -15.74 10.95 34.00
N GLU B 126 -15.73 9.88 34.79
CA GLU B 126 -16.81 8.89 34.84
C GLU B 126 -17.93 9.31 35.78
N ARG B 127 -19.18 9.12 35.36
CA ARG B 127 -20.34 9.55 36.14
C ARG B 127 -20.97 8.40 36.95
N LEU B 128 -20.44 7.19 36.76
CA LEU B 128 -20.73 6.06 37.64
C LEU B 128 -19.54 5.87 38.55
N ALA B 129 -19.75 5.83 39.86
CA ALA B 129 -18.63 5.72 40.80
C ALA B 129 -18.97 4.84 42.00
N VAL B 130 -17.96 4.11 42.46
CA VAL B 130 -18.05 3.27 43.65
C VAL B 130 -17.28 3.93 44.79
N ASP B 131 -17.91 4.02 45.95
CA ASP B 131 -17.26 4.49 47.18
C ASP B 131 -16.00 3.65 47.45
N PRO B 132 -14.83 4.30 47.57
CA PRO B 132 -13.53 3.62 47.71
C PRO B 132 -13.23 3.12 49.12
N ASN B 133 -14.18 3.27 50.03
CA ASN B 133 -14.02 2.76 51.41
C ASN B 133 -15.14 1.81 51.77
N LYS B 134 -16.36 2.16 51.38
CA LYS B 134 -17.54 1.33 51.66
C LYS B 134 -18.15 0.96 50.32
N ASN B 135 -17.73 -0.17 49.74
CA ASN B 135 -17.99 -0.40 48.32
C ASN B 135 -19.38 -0.94 48.02
N SER B 136 -20.28 -0.89 49.01
CA SER B 136 -21.70 -1.16 48.76
C SER B 136 -22.41 0.11 48.28
N VAL B 137 -21.73 1.24 48.35
CA VAL B 137 -22.32 2.51 47.94
C VAL B 137 -21.85 2.93 46.53
N LEU B 138 -22.80 3.19 45.64
CA LEU B 138 -22.50 3.70 44.31
C LEU B 138 -23.32 4.93 43.96
N TYR B 139 -22.76 5.81 43.13
CA TYR B 139 -23.51 6.93 42.57
C TYR B 139 -23.52 6.86 41.05
N LEU B 140 -24.62 7.32 40.46
CA LEU B 140 -24.75 7.47 39.02
C LEU B 140 -25.30 8.85 38.66
N GLY B 141 -24.55 9.60 37.85
CA GLY B 141 -25.07 10.83 37.29
C GLY B 141 -26.00 10.54 36.11
N ALA B 142 -27.19 11.14 36.13
CA ALA B 142 -28.21 10.84 35.12
C ALA B 142 -28.56 12.07 34.26
N PRO B 143 -29.06 11.84 33.03
CA PRO B 143 -29.39 12.92 32.10
C PRO B 143 -30.87 13.29 32.14
N SER B 144 -31.24 14.28 31.33
CA SER B 144 -32.65 14.54 31.01
C SER B 144 -33.45 15.02 32.21
N GLY B 145 -32.78 15.56 33.22
CA GLY B 145 -33.46 16.05 34.40
C GLY B 145 -33.64 15.05 35.53
N ASN B 146 -33.12 13.84 35.33
CA ASN B 146 -33.26 12.79 36.34
C ASN B 146 -32.33 12.95 37.53
N GLY B 147 -31.29 13.78 37.37
CA GLY B 147 -30.46 14.16 38.51
C GLY B 147 -29.41 13.15 38.93
N LEU B 148 -29.16 13.07 40.23
CA LEU B 148 -28.14 12.19 40.78
C LEU B 148 -28.80 10.96 41.41
N TRP B 149 -28.33 9.77 41.04
CA TRP B 149 -28.90 8.53 41.58
C TRP B 149 -27.88 7.76 42.42
N ARG B 150 -28.37 6.88 43.30
CA ARG B 150 -27.50 6.21 44.27
C ARG B 150 -28.00 4.80 44.59
N SER B 151 -27.04 3.90 44.81
CA SER B 151 -27.33 2.56 45.32
C SER B 151 -26.59 2.37 46.63
N THR B 152 -27.24 1.78 47.63
CA THR B 152 -26.55 1.44 48.85
C THR B 152 -26.51 -0.07 49.07
N ASP B 153 -26.86 -0.84 48.04
CA ASP B 153 -26.77 -2.29 48.10
C ASP B 153 -25.95 -2.87 46.95
N ALA B 154 -24.81 -2.25 46.68
CA ALA B 154 -23.84 -2.72 45.70
C ALA B 154 -24.46 -2.83 44.30
N GLY B 155 -25.31 -1.88 43.96
CA GLY B 155 -25.83 -1.77 42.61
C GLY B 155 -27.08 -2.57 42.30
N VAL B 156 -27.61 -3.27 43.30
CA VAL B 156 -28.81 -4.07 43.06
C VAL B 156 -30.05 -3.20 42.87
N SER B 157 -30.16 -2.12 43.65
CA SER B 157 -31.30 -1.20 43.52
C SER B 157 -30.85 0.26 43.58
N TRP B 158 -31.66 1.14 43.00
CA TRP B 158 -31.26 2.53 42.80
C TRP B 158 -32.41 3.49 43.12
N SER B 159 -32.08 4.67 43.63
CA SER B 159 -33.08 5.71 43.87
C SER B 159 -32.42 7.08 43.74
N GLU B 160 -33.23 8.12 43.54
CA GLU B 160 -32.68 9.45 43.32
C GLU B 160 -32.19 10.07 44.62
N VAL B 161 -31.06 10.76 44.54
CA VAL B 161 -30.59 11.61 45.62
C VAL B 161 -31.31 12.94 45.44
N THR B 162 -32.52 13.02 46.00
CA THR B 162 -33.35 14.20 45.81
C THR B 162 -32.79 15.43 46.53
N ALA B 163 -31.91 15.23 47.50
CA ALA B 163 -31.22 16.35 48.14
C ALA B 163 -30.16 17.00 47.24
N PHE B 164 -29.82 16.36 46.12
CA PHE B 164 -28.89 17.01 45.19
C PHE B 164 -29.65 18.14 44.49
N PRO B 165 -29.08 19.36 44.51
CA PRO B 165 -29.90 20.53 44.18
C PRO B 165 -29.98 20.94 42.70
N ASN B 166 -29.25 20.28 41.81
CA ASN B 166 -29.13 20.75 40.44
C ASN B 166 -29.05 19.57 39.47
N PRO B 167 -30.07 19.37 38.63
CA PRO B 167 -30.05 18.24 37.68
C PRO B 167 -29.34 18.56 36.37
N GLY B 168 -28.73 19.74 36.28
CA GLY B 168 -28.12 20.21 35.06
C GLY B 168 -29.11 21.00 34.22
N ASN B 169 -28.60 21.82 33.30
CA ASN B 169 -29.49 22.52 32.37
C ASN B 169 -28.88 22.78 31.00
N TYR B 170 -27.71 22.19 30.74
CA TYR B 170 -27.04 22.43 29.46
C TYR B 170 -27.46 21.44 28.38
N ALA B 171 -27.88 21.97 27.23
CA ALA B 171 -28.10 21.16 26.03
C ALA B 171 -27.24 21.70 24.88
N GLN B 172 -26.72 20.80 24.07
CA GLN B 172 -25.86 21.18 22.94
C GLN B 172 -26.60 22.05 21.94
N ASP B 173 -27.80 21.61 21.56
CA ASP B 173 -28.60 22.32 20.57
C ASP B 173 -30.08 22.25 20.92
N PRO B 174 -30.56 23.22 21.70
CA PRO B 174 -31.97 23.26 22.12
C PRO B 174 -32.96 23.27 20.94
N SER B 175 -32.51 23.61 19.74
CA SER B 175 -33.42 23.69 18.59
C SER B 175 -33.66 22.35 17.92
N ASP B 176 -32.86 21.35 18.27
CA ASP B 176 -32.93 20.03 17.64
C ASP B 176 -34.14 19.23 18.11
N THR B 177 -35.19 19.19 17.29
CA THR B 177 -36.43 18.53 17.68
C THR B 177 -36.38 17.00 17.53
N SER B 178 -35.28 16.49 17.00
CA SER B 178 -35.10 15.05 16.85
C SER B 178 -34.86 14.40 18.21
N GLY B 179 -34.45 15.21 19.18
CA GLY B 179 -34.11 14.70 20.50
C GLY B 179 -32.66 14.25 20.62
N TYR B 180 -31.90 14.34 19.54
CA TYR B 180 -30.49 13.93 19.62
C TYR B 180 -29.63 14.99 20.30
N GLY B 181 -29.83 16.25 19.95
CA GLY B 181 -28.97 17.31 20.46
C GLY B 181 -29.57 18.22 21.53
N ASN B 182 -30.84 18.04 21.86
CA ASN B 182 -31.53 18.97 22.75
C ASN B 182 -31.72 18.48 24.18
N ASP B 183 -31.06 17.38 24.54
CA ASP B 183 -31.25 16.80 25.87
C ASP B 183 -30.39 17.49 26.93
N ASN B 184 -30.96 17.64 28.12
CA ASN B 184 -30.20 18.07 29.29
C ASN B 184 -29.10 17.06 29.58
N GLN B 185 -27.85 17.48 29.49
CA GLN B 185 -26.77 16.50 29.64
C GLN B 185 -26.57 16.06 31.11
N GLY B 186 -27.20 16.77 32.05
CA GLY B 186 -27.33 16.27 33.41
C GLY B 186 -26.08 16.26 34.29
N ILE B 187 -25.93 15.20 35.07
CA ILE B 187 -24.79 15.06 35.97
C ILE B 187 -23.72 14.24 35.26
N VAL B 188 -22.51 14.77 35.17
CA VAL B 188 -21.54 14.24 34.22
C VAL B 188 -20.29 13.58 34.80
N TRP B 189 -19.99 13.76 36.08
CA TRP B 189 -18.98 12.92 36.73
C TRP B 189 -19.15 12.92 38.25
N VAL B 190 -18.62 11.88 38.89
CA VAL B 190 -18.66 11.75 40.35
C VAL B 190 -17.28 11.27 40.81
N THR B 191 -16.69 11.98 41.77
CA THR B 191 -15.35 11.69 42.25
C THR B 191 -15.30 11.73 43.78
N PHE B 192 -14.86 10.64 44.39
CA PHE B 192 -14.71 10.54 45.84
C PHE B 192 -13.34 11.02 46.31
N ASP B 193 -13.28 11.59 47.51
CA ASP B 193 -12.03 11.80 48.20
C ASP B 193 -11.83 10.66 49.20
N GLU B 194 -11.04 9.66 48.83
CA GLU B 194 -10.92 8.43 49.64
C GLU B 194 -10.31 8.69 51.02
N ARG B 195 -9.64 9.84 51.20
CA ARG B 195 -9.08 10.19 52.49
C ARG B 195 -10.16 10.43 53.55
N SER B 196 -11.37 10.73 53.10
CA SER B 196 -12.45 11.18 53.98
C SER B 196 -13.35 10.03 54.41
N GLY B 197 -12.86 8.81 54.21
CA GLY B 197 -13.57 7.64 54.69
C GLY B 197 -12.57 6.63 55.22
N SER B 198 -13.07 5.51 55.74
CA SER B 198 -12.20 4.44 56.18
C SER B 198 -12.90 3.12 55.88
N ALA B 199 -12.20 2.01 56.06
CA ALA B 199 -12.71 0.70 55.69
C ALA B 199 -14.09 0.42 56.31
N GLY B 200 -15.08 0.20 55.44
CA GLY B 200 -16.41 -0.17 55.88
C GLY B 200 -17.29 1.03 56.24
N SER B 201 -16.71 2.22 56.14
CA SER B 201 -17.38 3.44 56.58
C SER B 201 -17.48 4.43 55.43
N ALA B 202 -18.68 4.97 55.18
CA ALA B 202 -18.93 5.76 53.98
C ALA B 202 -17.99 6.95 53.84
N THR B 203 -17.51 7.15 52.61
CA THR B 203 -16.64 8.27 52.30
C THR B 203 -17.45 9.55 52.41
N GLN B 204 -16.95 10.49 53.18
CA GLN B 204 -17.74 11.67 53.53
C GLN B 204 -17.72 12.76 52.47
N ASP B 205 -16.58 12.92 51.79
CA ASP B 205 -16.42 13.98 50.80
C ASP B 205 -16.58 13.47 49.38
N ILE B 206 -17.62 13.97 48.71
CA ILE B 206 -18.01 13.52 47.38
C ILE B 206 -18.12 14.72 46.46
N TYR B 207 -17.47 14.67 45.31
CA TYR B 207 -17.48 15.78 44.36
C TYR B 207 -18.28 15.40 43.13
N VAL B 208 -19.13 16.31 42.65
CA VAL B 208 -20.00 16.00 41.52
C VAL B 208 -19.95 17.09 40.44
N GLY B 209 -19.67 16.68 39.20
CA GLY B 209 -19.74 17.57 38.06
C GLY B 209 -21.13 17.63 37.45
N VAL B 210 -21.57 18.85 37.12
CA VAL B 210 -22.92 19.09 36.60
C VAL B 210 -22.83 19.86 35.28
N ALA B 211 -23.63 19.45 34.29
CA ALA B 211 -23.69 20.20 33.04
C ALA B 211 -24.50 21.47 33.24
N ASP B 212 -23.87 22.48 33.85
CA ASP B 212 -24.46 23.78 34.10
C ASP B 212 -23.29 24.74 34.15
N LYS B 213 -23.20 25.65 33.18
CA LYS B 213 -22.06 26.54 33.07
C LYS B 213 -21.91 27.48 34.26
N GLU B 214 -23.01 27.75 34.96
CA GLU B 214 -22.96 28.66 36.11
C GLU B 214 -22.87 27.92 37.45
N ASN B 215 -22.96 26.59 37.39
CA ASN B 215 -22.87 25.75 38.59
C ASN B 215 -22.30 24.38 38.24
N THR B 216 -21.04 24.31 37.82
CA THR B 216 -20.54 23.06 37.25
C THR B 216 -20.00 22.08 38.29
N VAL B 217 -19.71 22.53 39.51
CA VAL B 217 -19.26 21.56 40.52
C VAL B 217 -19.90 21.75 41.91
N TYR B 218 -20.32 20.63 42.48
CA TYR B 218 -20.92 20.54 43.80
C TYR B 218 -20.13 19.58 44.68
N ARG B 219 -20.31 19.69 45.99
CA ARG B 219 -19.77 18.65 46.85
C ARG B 219 -20.62 18.42 48.08
N SER B 220 -20.44 17.24 48.65
CA SER B 220 -20.97 16.91 49.96
C SER B 220 -19.78 16.61 50.86
N THR B 221 -19.88 17.01 52.12
CA THR B 221 -18.84 16.66 53.08
C THR B 221 -19.44 15.84 54.22
N ASP B 222 -20.67 15.33 54.02
CA ASP B 222 -21.30 14.48 55.04
C ASP B 222 -21.86 13.20 54.46
N GLY B 223 -21.16 12.64 53.47
CA GLY B 223 -21.52 11.34 52.93
C GLY B 223 -22.75 11.35 52.04
N GLY B 224 -23.06 12.53 51.49
CA GLY B 224 -24.12 12.63 50.50
C GLY B 224 -25.48 12.95 51.07
N ALA B 225 -25.51 13.36 52.35
CA ALA B 225 -26.76 13.77 52.98
C ALA B 225 -27.17 15.16 52.51
N THR B 226 -26.19 16.08 52.45
CA THR B 226 -26.44 17.45 51.99
C THR B 226 -25.41 17.85 50.95
N TRP B 227 -25.77 18.82 50.12
CA TRP B 227 -24.93 19.18 48.98
C TRP B 227 -24.86 20.68 48.82
N SER B 228 -23.71 21.17 48.36
CA SER B 228 -23.59 22.59 48.11
C SER B 228 -22.68 22.88 46.93
N ARG B 229 -22.99 23.97 46.25
CA ARG B 229 -22.16 24.54 45.20
C ARG B 229 -20.82 24.99 45.80
N ILE B 230 -19.71 24.59 45.20
CA ILE B 230 -18.41 25.01 45.74
C ILE B 230 -18.18 26.50 45.47
N PRO B 231 -18.05 27.31 46.54
CA PRO B 231 -17.88 28.75 46.34
C PRO B 231 -16.61 29.08 45.54
N GLY B 232 -16.68 30.11 44.71
CA GLY B 232 -15.50 30.61 44.02
C GLY B 232 -15.11 29.84 42.76
N GLN B 233 -15.90 28.85 42.40
CA GLN B 233 -15.60 28.05 41.21
C GLN B 233 -15.68 28.88 39.93
N PRO B 234 -14.93 28.47 38.89
CA PRO B 234 -15.05 29.17 37.59
C PRO B 234 -16.43 28.98 36.98
N THR B 235 -16.89 29.99 36.24
CA THR B 235 -18.17 29.90 35.56
C THR B 235 -17.98 30.14 34.06
N GLY B 236 -18.96 29.69 33.28
CA GLY B 236 -18.95 29.83 31.83
C GLY B 236 -18.63 28.54 31.09
N TYR B 237 -18.28 27.50 31.85
CA TYR B 237 -17.77 26.26 31.27
C TYR B 237 -18.38 25.02 31.89
N LEU B 238 -18.29 23.91 31.17
CA LEU B 238 -18.63 22.60 31.71
C LEU B 238 -17.36 21.84 32.10
N ALA B 239 -17.31 21.33 33.32
CA ALA B 239 -16.20 20.47 33.73
C ALA B 239 -16.37 19.07 33.16
N HIS B 240 -15.56 18.73 32.15
CA HIS B 240 -15.60 17.37 31.56
C HIS B 240 -15.10 16.31 32.52
N LYS B 241 -14.19 16.69 33.42
CA LYS B 241 -13.57 15.77 34.36
C LYS B 241 -13.26 16.47 35.66
N GLY B 242 -13.22 15.70 36.76
CA GLY B 242 -12.80 16.19 38.06
C GLY B 242 -11.93 15.11 38.67
N VAL B 243 -10.64 15.38 38.77
CA VAL B 243 -9.69 14.37 39.25
C VAL B 243 -8.96 14.91 40.47
N LEU B 244 -8.90 14.12 41.54
CA LEU B 244 -8.30 14.58 42.78
C LEU B 244 -6.92 13.96 43.03
N ASP B 245 -5.90 14.80 43.18
CA ASP B 245 -4.60 14.31 43.65
C ASP B 245 -4.67 14.34 45.16
N SER B 246 -4.81 13.17 45.78
CA SER B 246 -5.06 13.16 47.22
C SER B 246 -3.74 13.20 48.01
N ALA B 247 -2.62 13.21 47.30
CA ALA B 247 -1.34 13.44 47.97
C ALA B 247 -1.15 14.93 48.23
N THR B 248 -1.41 15.75 47.22
CA THR B 248 -1.24 17.20 47.39
C THR B 248 -2.51 17.84 47.90
N GLY B 249 -3.65 17.16 47.74
CA GLY B 249 -4.92 17.70 48.18
C GLY B 249 -5.55 18.68 47.22
N HIS B 250 -5.42 18.42 45.93
CA HIS B 250 -5.98 19.31 44.90
C HIS B 250 -6.93 18.57 43.98
N LEU B 251 -8.10 19.16 43.75
CA LEU B 251 -9.05 18.70 42.75
C LEU B 251 -8.86 19.52 41.48
N TYR B 252 -8.62 18.86 40.36
CA TYR B 252 -8.45 19.53 39.08
C TYR B 252 -9.69 19.37 38.22
N LEU B 253 -10.11 20.45 37.58
CA LEU B 253 -11.22 20.44 36.62
C LEU B 253 -10.73 20.84 35.23
N THR B 254 -10.96 19.99 34.23
CA THR B 254 -10.73 20.37 32.84
C THR B 254 -12.04 20.87 32.26
N LEU B 255 -12.05 22.12 31.81
CA LEU B 255 -13.28 22.78 31.41
C LEU B 255 -13.36 23.07 29.91
N SER B 256 -14.58 23.05 29.38
CA SER B 256 -14.85 23.32 27.97
C SER B 256 -16.13 24.14 27.83
N ASP B 257 -16.25 24.90 26.73
CA ASP B 257 -17.48 25.67 26.56
C ASP B 257 -18.61 24.82 25.96
N THR B 258 -18.33 23.56 25.66
CA THR B 258 -19.38 22.62 25.21
C THR B 258 -19.25 21.28 25.93
N GLY B 259 -20.21 20.38 25.70
CA GLY B 259 -20.18 19.07 26.34
C GLY B 259 -19.37 18.03 25.60
N GLY B 260 -18.96 18.34 24.38
CA GLY B 260 -18.22 17.39 23.54
C GLY B 260 -19.11 16.26 23.06
N PRO B 261 -18.53 15.23 22.43
CA PRO B 261 -17.09 15.01 22.22
C PRO B 261 -16.52 15.62 20.94
N TYR B 262 -17.36 16.18 20.07
CA TYR B 262 -16.89 16.70 18.78
C TYR B 262 -16.51 18.18 18.88
N ASP B 263 -17.35 18.94 19.59
CA ASP B 263 -17.21 20.39 19.66
C ASP B 263 -16.47 20.82 20.91
N GLY B 264 -16.18 22.11 20.98
CA GLY B 264 -15.44 22.71 22.09
C GLY B 264 -14.49 23.73 21.51
N GLY B 265 -14.71 25.01 21.82
CA GLY B 265 -13.95 26.09 21.21
C GLY B 265 -13.16 26.95 22.18
N LYS B 266 -13.39 26.74 23.47
CA LYS B 266 -12.67 27.46 24.53
C LYS B 266 -12.57 26.56 25.74
N GLY B 267 -11.57 26.79 26.59
CA GLY B 267 -11.42 25.94 27.75
C GLY B 267 -10.43 26.47 28.77
N ARG B 268 -10.52 25.95 29.98
CA ARG B 268 -9.58 26.26 31.07
C ARG B 268 -9.25 24.99 31.84
N ILE B 269 -8.23 25.06 32.70
CA ILE B 269 -8.02 24.06 33.75
C ILE B 269 -7.88 24.79 35.07
N TRP B 270 -8.77 24.47 36.02
CA TRP B 270 -8.73 25.10 37.35
C TRP B 270 -8.38 24.09 38.43
N ARG B 271 -7.84 24.59 39.53
CA ARG B 271 -7.37 23.75 40.62
C ARG B 271 -7.98 24.21 41.95
N TYR B 272 -8.57 23.27 42.68
CA TYR B 272 -9.22 23.53 43.95
C TYR B 272 -8.48 22.84 45.10
N ASP B 273 -8.10 23.63 46.11
CA ASP B 273 -7.45 23.08 47.31
C ASP B 273 -8.56 22.55 48.23
N THR B 274 -8.62 21.24 48.44
CA THR B 274 -9.72 20.66 49.20
C THR B 274 -9.71 21.03 50.69
N ALA B 275 -8.56 21.45 51.21
CA ALA B 275 -8.45 21.80 52.62
C ALA B 275 -8.72 23.30 52.87
N SER B 276 -8.25 24.17 51.99
CA SER B 276 -8.38 25.61 52.20
C SER B 276 -9.54 26.23 51.42
N GLY B 277 -10.00 25.54 50.37
CA GLY B 277 -11.06 26.06 49.52
C GLY B 277 -10.57 27.00 48.43
N ALA B 278 -9.25 27.18 48.33
CA ALA B 278 -8.67 28.03 47.30
C ALA B 278 -8.88 27.52 45.88
N TRP B 279 -9.14 28.44 44.96
CA TRP B 279 -9.16 28.13 43.52
C TRP B 279 -8.02 28.84 42.82
N GLN B 280 -7.38 28.15 41.88
CA GLN B 280 -6.32 28.74 41.08
CA GLN B 280 -6.32 28.74 41.08
C GLN B 280 -6.47 28.33 39.61
N ASP B 281 -6.27 29.28 38.71
CA ASP B 281 -6.27 28.98 37.28
C ASP B 281 -4.92 28.35 36.94
N VAL B 282 -4.92 27.08 36.56
CA VAL B 282 -3.69 26.40 36.16
C VAL B 282 -3.74 26.02 34.67
N SER B 283 -4.41 26.81 33.85
CA SER B 283 -4.54 26.50 32.43
C SER B 283 -3.17 26.55 31.73
N PRO B 284 -2.91 25.61 30.80
CA PRO B 284 -1.63 25.61 30.09
C PRO B 284 -1.51 26.72 29.07
N VAL B 285 -2.64 27.30 28.69
CA VAL B 285 -2.66 28.41 27.75
C VAL B 285 -3.69 29.47 28.18
N ALA B 286 -3.43 30.71 27.83
CA ALA B 286 -4.34 31.80 28.20
C ALA B 286 -5.70 31.63 27.54
N GLU B 287 -6.73 32.20 28.16
CA GLU B 287 -8.10 32.05 27.65
C GLU B 287 -8.24 32.50 26.20
N ALA B 288 -7.56 33.57 25.83
CA ALA B 288 -7.65 34.11 24.48
C ALA B 288 -6.97 33.20 23.45
N ASP B 289 -6.07 32.35 23.92
CA ASP B 289 -5.28 31.51 23.01
C ASP B 289 -5.87 30.11 22.83
N ALA B 290 -6.80 29.73 23.68
CA ALA B 290 -7.44 28.43 23.58
C ALA B 290 -8.50 28.43 22.48
N TYR B 291 -8.39 27.51 21.52
CA TYR B 291 -9.42 27.37 20.49
C TYR B 291 -10.08 26.00 20.60
N TYR B 292 -10.08 25.46 21.82
CA TYR B 292 -10.53 24.11 22.10
C TYR B 292 -10.92 24.02 23.57
N GLY B 293 -11.66 22.96 23.93
CA GLY B 293 -11.93 22.67 25.32
C GLY B 293 -10.86 21.72 25.86
N PHE B 294 -10.77 21.62 27.18
CA PHE B 294 -9.86 20.68 27.82
C PHE B 294 -10.59 19.44 28.35
N SER B 295 -9.91 18.30 28.28
CA SER B 295 -10.39 17.08 28.90
C SER B 295 -9.17 16.18 29.12
N GLY B 296 -9.32 14.87 28.97
CA GLY B 296 -8.18 13.95 29.07
C GLY B 296 -7.37 14.08 30.35
N LEU B 297 -8.06 14.38 31.44
CA LEU B 297 -7.42 14.69 32.71
C LEU B 297 -6.99 13.43 33.48
N SER B 298 -5.74 13.42 33.91
CA SER B 298 -5.22 12.28 34.68
C SER B 298 -4.11 12.72 35.62
N VAL B 299 -4.12 12.18 36.83
CA VAL B 299 -3.08 12.40 37.83
C VAL B 299 -2.22 11.15 37.98
N ASP B 300 -0.90 11.34 38.06
CA ASP B 300 0.04 10.23 38.32
C ASP B 300 -0.04 9.82 39.80
N ARG B 301 -0.57 8.64 40.07
CA ARG B 301 -0.76 8.23 41.46
C ARG B 301 0.55 7.90 42.16
N GLN B 302 1.58 7.54 41.39
CA GLN B 302 2.90 7.22 41.93
CA GLN B 302 2.87 7.23 42.00
C GLN B 302 3.75 8.46 42.14
N LYS B 303 3.41 9.53 41.45
CA LYS B 303 4.22 10.75 41.46
C LYS B 303 3.37 12.00 41.72
N PRO B 304 3.12 12.30 43.00
CA PRO B 304 2.33 13.46 43.40
C PRO B 304 2.79 14.74 42.70
N GLY B 305 1.84 15.55 42.25
CA GLY B 305 2.17 16.80 41.56
C GLY B 305 2.27 16.67 40.05
N THR B 306 2.29 15.44 39.54
CA THR B 306 2.32 15.24 38.10
C THR B 306 0.92 14.95 37.58
N LEU B 307 0.52 15.66 36.51
CA LEU B 307 -0.79 15.47 35.90
C LEU B 307 -0.72 15.76 34.41
N ALA B 309 -3.35 16.52 30.70
CA ALA B 309 -4.66 16.86 30.12
C ALA B 309 -4.54 16.97 28.62
N THR B 310 -5.68 17.09 27.94
CA THR B 310 -5.70 17.20 26.48
C THR B 310 -6.53 18.37 25.98
N ALA B 311 -6.17 18.87 24.79
CA ALA B 311 -7.06 19.72 24.03
C ALA B 311 -7.97 18.79 23.20
N TYR B 312 -9.02 18.27 23.82
CA TYR B 312 -9.72 17.12 23.23
C TYR B 312 -10.38 17.47 21.89
N SER B 313 -10.72 18.74 21.71
CA SER B 313 -11.49 19.16 20.53
C SER B 313 -10.63 19.93 19.53
N SER B 314 -9.30 19.82 19.66
CA SER B 314 -8.38 20.41 18.71
C SER B 314 -8.34 19.55 17.45
N TRP B 315 -8.88 20.07 16.36
CA TRP B 315 -9.00 19.33 15.10
C TRP B 315 -7.83 19.58 14.14
N TRP B 316 -7.16 20.72 14.26
CA TRP B 316 -6.09 21.04 13.33
C TRP B 316 -5.00 21.87 14.01
N PRO B 317 -3.72 21.56 13.75
CA PRO B 317 -3.24 20.48 12.87
C PRO B 317 -3.32 19.11 13.52
N ASP B 318 -3.56 19.09 14.83
CA ASP B 318 -3.58 17.84 15.58
C ASP B 318 -4.21 18.08 16.94
N THR B 319 -4.44 17.00 17.69
CA THR B 319 -4.79 17.16 19.09
C THR B 319 -3.58 17.71 19.85
N GLN B 320 -3.77 18.07 21.11
CA GLN B 320 -2.62 18.46 21.93
C GLN B 320 -2.68 17.74 23.25
N ILE B 321 -1.52 17.38 23.78
CA ILE B 321 -1.41 16.73 25.08
C ILE B 321 -0.47 17.54 25.96
N PHE B 322 -0.90 17.82 27.18
CA PHE B 322 -0.16 18.65 28.11
C PHE B 322 0.30 17.84 29.33
N ARG B 323 1.46 18.21 29.88
CA ARG B 323 1.97 17.53 31.07
C ARG B 323 2.59 18.56 32.02
N SER B 324 2.32 18.39 33.31
CA SER B 324 2.86 19.24 34.37
C SER B 324 3.42 18.36 35.47
N THR B 325 4.54 18.76 36.07
CA THR B 325 5.07 18.00 37.19
C THR B 325 5.10 18.84 38.46
N ASP B 326 4.47 20.02 38.40
CA ASP B 326 4.43 20.88 39.58
C ASP B 326 3.02 21.39 39.88
N SER B 327 2.04 20.48 39.82
CA SER B 327 0.66 20.76 40.20
C SER B 327 0.03 21.88 39.37
N GLY B 328 0.43 21.95 38.10
CA GLY B 328 -0.17 22.89 37.17
C GLY B 328 0.46 24.27 37.16
N ALA B 329 1.56 24.45 37.90
CA ALA B 329 2.26 25.73 37.88
C ALA B 329 2.87 25.99 36.52
N THR B 330 3.50 24.96 35.95
CA THR B 330 4.04 25.06 34.59
C THR B 330 3.68 23.81 33.79
N TRP B 331 3.61 23.98 32.48
CA TRP B 331 3.24 22.89 31.60
C TRP B 331 4.19 22.80 30.42
N THR B 332 4.29 21.61 29.84
CA THR B 332 4.93 21.40 28.55
C THR B 332 3.90 20.66 27.68
N GLN B 333 4.12 20.64 26.39
CA GLN B 333 3.17 20.01 25.49
C GLN B 333 3.84 18.97 24.57
N ALA B 334 3.03 18.09 24.04
CA ALA B 334 3.52 16.97 23.24
C ALA B 334 4.20 17.42 21.94
N TRP B 335 3.72 18.51 21.34
CA TRP B 335 4.39 19.08 20.18
C TRP B 335 4.31 20.59 20.21
N ASP B 336 5.25 21.23 19.50
CA ASP B 336 5.31 22.69 19.40
C ASP B 336 5.61 23.10 17.97
N TYR B 337 5.22 24.31 17.61
CA TYR B 337 5.77 24.92 16.41
C TYR B 337 7.20 25.36 16.66
N THR B 338 8.06 25.16 15.67
CA THR B 338 9.43 25.64 15.72
C THR B 338 9.67 26.52 14.50
N GLY B 339 8.89 27.59 14.42
CA GLY B 339 8.89 28.42 13.23
C GLY B 339 7.93 27.83 12.22
N TYR B 340 6.66 28.23 12.31
CA TYR B 340 5.60 27.73 11.44
C TYR B 340 6.05 27.77 9.97
N PRO B 341 5.76 26.70 9.19
CA PRO B 341 4.93 25.52 9.49
C PRO B 341 5.68 24.38 10.14
N ASN B 342 6.93 24.60 10.54
CA ASN B 342 7.73 23.51 11.09
C ASN B 342 7.32 23.16 12.52
N ARG B 343 7.47 21.89 12.87
CA ARG B 343 6.93 21.33 14.11
C ARG B 343 7.95 20.41 14.77
N SER B 344 7.98 20.43 16.10
CA SER B 344 8.83 19.54 16.88
C SER B 344 7.97 18.68 17.81
N ASN B 345 8.18 17.37 17.79
CA ASN B 345 7.44 16.45 18.65
C ASN B 345 8.31 15.89 19.78
N ARG B 346 7.70 15.67 20.94
CA ARG B 346 8.37 15.02 22.06
C ARG B 346 8.25 13.49 21.97
N TYR B 347 7.62 13.03 20.91
CA TYR B 347 7.29 11.62 20.75
C TYR B 347 7.65 11.15 19.33
N THR B 348 7.71 9.84 19.16
CA THR B 348 7.60 9.28 17.82
C THR B 348 6.33 8.47 17.83
N LEU B 349 5.66 8.40 16.68
CA LEU B 349 4.40 7.70 16.56
C LEU B 349 4.60 6.55 15.58
N ASP B 350 4.31 5.33 16.01
CA ASP B 350 4.58 4.14 15.18
C ASP B 350 3.32 3.30 15.08
N VAL B 351 2.67 3.35 13.92
CA VAL B 351 1.44 2.60 13.73
C VAL B 351 1.64 1.40 12.79
N SER B 352 2.85 0.82 12.81
CA SER B 352 3.16 -0.37 12.01
CA SER B 352 3.11 -0.33 11.94
C SER B 352 2.16 -1.50 12.25
N SER B 353 1.63 -1.57 13.48
CA SER B 353 0.69 -2.65 13.82
C SER B 353 -0.76 -2.38 13.36
N VAL B 354 -1.08 -1.13 13.05
CA VAL B 354 -2.40 -0.77 12.53
C VAL B 354 -2.16 0.24 11.42
N PRO B 355 -1.67 -0.24 10.27
CA PRO B 355 -1.12 0.70 9.28
C PRO B 355 -2.16 1.64 8.66
N TRP B 356 -3.43 1.26 8.68
CA TRP B 356 -4.43 2.11 8.04
C TRP B 356 -4.67 3.44 8.78
N LEU B 357 -4.11 3.57 9.98
CA LEU B 357 -4.21 4.83 10.73
C LEU B 357 -3.52 6.00 10.01
N SER B 358 -2.75 5.70 8.99
CA SER B 358 -2.15 6.79 8.25
C SER B 358 -3.25 7.45 7.39
N TRP B 359 -4.32 6.71 7.18
CA TRP B 359 -5.45 7.19 6.41
C TRP B 359 -5.13 7.44 4.93
N GLY B 360 -4.00 6.93 4.51
CA GLY B 360 -3.57 7.10 3.15
C GLY B 360 -3.32 8.55 2.79
N ALA B 361 -3.11 9.37 3.80
CA ALA B 361 -2.90 10.80 3.61
C ALA B 361 -1.43 11.15 3.37
N SER B 362 -1.22 12.28 2.72
CA SER B 362 0.11 12.80 2.46
C SER B 362 0.11 14.31 2.70
N PRO B 363 -0.07 14.72 3.97
CA PRO B 363 -0.29 16.13 4.30
C PRO B 363 1.02 16.93 4.31
N ALA B 364 0.93 18.24 4.07
CA ALA B 364 2.08 19.11 4.25
C ALA B 364 2.21 19.47 5.73
N PRO B 365 3.45 19.67 6.21
CA PRO B 365 3.63 20.22 7.56
C PRO B 365 2.78 21.48 7.74
N PRO B 366 2.25 21.71 8.96
CA PRO B 366 2.56 21.00 10.20
C PRO B 366 1.73 19.73 10.48
N GLU B 367 0.77 19.43 9.63
CA GLU B 367 -0.04 18.21 9.79
C GLU B 367 0.80 16.96 9.54
N THR B 368 0.55 15.92 10.34
CA THR B 368 1.24 14.64 10.17
C THR B 368 0.25 13.55 9.84
N ALA B 369 0.74 12.50 9.19
CA ALA B 369 -0.03 11.27 8.95
C ALA B 369 0.82 10.07 9.34
N PRO B 370 0.37 9.29 10.35
CA PRO B 370 -0.84 9.48 11.15
C PRO B 370 -0.80 10.72 12.06
N LYS B 371 -1.96 11.10 12.57
CA LYS B 371 -2.08 12.19 13.54
C LYS B 371 -1.90 11.64 14.96
N LEU B 372 -1.41 12.50 15.86
CA LEU B 372 -1.36 12.18 17.27
C LEU B 372 -2.75 11.78 17.76
N GLY B 373 -3.79 12.41 17.22
CA GLY B 373 -5.15 12.02 17.53
C GLY B 373 -6.19 13.10 17.34
N TRP B 374 -7.42 12.77 17.74
CA TRP B 374 -8.56 13.68 17.77
C TRP B 374 -9.59 13.13 18.74
N THR B 376 -9.88 13.49 21.98
CA THR B 376 -9.11 12.81 23.02
C THR B 376 -9.65 13.09 24.42
N GLU B 377 -10.93 12.76 24.64
CA GLU B 377 -11.55 12.92 25.97
C GLU B 377 -10.89 12.02 27.02
N ALA B 378 -10.49 10.81 26.62
CA ALA B 378 -9.91 9.83 27.54
C ALA B 378 -8.38 9.85 27.50
N LEU B 379 -7.75 10.13 28.64
CA LEU B 379 -6.30 9.98 28.78
C LEU B 379 -6.01 9.55 30.20
N GLU B 380 -5.23 8.49 30.35
CA GLU B 380 -5.00 7.89 31.66
C GLU B 380 -3.55 7.46 31.86
N ILE B 381 -2.92 8.00 32.89
CA ILE B 381 -1.63 7.52 33.36
C ILE B 381 -1.87 6.27 34.21
N ASP B 382 -1.11 5.21 33.94
CA ASP B 382 -1.17 3.97 34.72
C ASP B 382 -0.81 4.24 36.18
N PRO B 383 -1.73 3.95 37.11
CA PRO B 383 -1.48 4.27 38.53
C PRO B 383 -0.41 3.39 39.17
N PHE B 384 0.08 2.40 38.43
CA PHE B 384 1.14 1.52 38.93
C PHE B 384 2.39 1.55 38.04
N ASP B 385 2.40 2.47 37.08
CA ASP B 385 3.57 2.65 36.20
C ASP B 385 3.58 4.04 35.58
N SER B 386 4.40 4.95 36.13
CA SER B 386 4.46 6.32 35.63
C SER B 386 4.92 6.38 34.17
N ASP B 387 5.53 5.30 33.68
CA ASP B 387 5.99 5.25 32.30
C ASP B 387 4.92 4.84 31.30
N ARG B 388 3.74 4.45 31.79
CA ARG B 388 2.68 4.06 30.86
C ARG B 388 1.45 4.95 30.94
N TYR B 391 -4.46 6.69 25.76
CA TYR B 391 -5.50 7.68 25.48
C TYR B 391 -6.37 7.24 24.32
N GLY B 392 -7.63 7.68 24.32
CA GLY B 392 -8.56 7.30 23.28
C GLY B 392 -8.71 8.37 22.22
N THR B 393 -8.94 7.95 20.98
CA THR B 393 -9.28 8.88 19.92
C THR B 393 -10.58 8.44 19.28
N GLY B 394 -10.98 9.11 18.21
CA GLY B 394 -12.16 8.69 17.48
C GLY B 394 -11.96 7.46 16.62
N ALA B 395 -10.75 6.90 16.61
CA ALA B 395 -10.50 5.71 15.79
C ALA B 395 -9.66 4.62 16.47
N THR B 396 -9.04 4.91 17.60
CA THR B 396 -8.11 3.96 18.18
C THR B 396 -7.85 4.22 19.67
N VAL B 397 -7.05 3.34 20.27
CA VAL B 397 -6.43 3.63 21.56
C VAL B 397 -4.91 3.66 21.35
N TYR B 398 -4.27 4.76 21.76
CA TYR B 398 -2.82 4.90 21.66
C TYR B 398 -2.21 4.80 23.05
N GLY B 399 -0.93 4.44 23.13
CA GLY B 399 -0.27 4.43 24.42
C GLY B 399 1.23 4.43 24.30
N THR B 400 1.89 4.56 25.44
CA THR B 400 3.35 4.51 25.50
C THR B 400 3.77 3.75 26.75
N GLU B 401 4.99 3.22 26.71
CA GLU B 401 5.58 2.53 27.85
C GLU B 401 6.86 3.21 28.32
N ASP B 402 7.18 4.37 27.78
CA ASP B 402 8.36 5.10 28.26
C ASP B 402 8.04 6.58 28.46
N LEU B 403 6.87 6.84 29.05
CA LEU B 403 6.35 8.21 29.20
C LEU B 403 7.29 9.17 29.95
N THR B 404 8.01 8.70 30.95
CA THR B 404 8.78 9.65 31.75
C THR B 404 10.00 10.17 30.99
N SER B 405 10.23 9.64 29.79
CA SER B 405 11.24 10.21 28.90
C SER B 405 10.89 11.66 28.57
N TRP B 406 9.60 11.98 28.62
CA TRP B 406 9.12 13.35 28.49
C TRP B 406 9.86 14.28 29.45
N ASP B 407 9.94 13.87 30.72
CA ASP B 407 10.50 14.72 31.77
C ASP B 407 12.00 14.91 31.64
N SER B 408 12.68 13.98 30.95
CA SER B 408 14.13 14.04 30.76
C SER B 408 14.54 14.89 29.56
N GLY B 409 13.57 15.34 28.78
CA GLY B 409 13.86 16.01 27.52
C GLY B 409 14.15 14.99 26.44
N GLY B 410 13.81 13.74 26.72
CA GLY B 410 13.99 12.66 25.76
C GLY B 410 12.79 12.52 24.84
N THR B 411 12.74 11.40 24.14
CA THR B 411 11.62 11.12 23.24
C THR B 411 10.93 9.82 23.66
N PHE B 412 9.60 9.84 23.73
CA PHE B 412 8.89 8.61 24.06
C PHE B 412 8.17 8.07 22.82
N ARG B 413 7.89 6.78 22.82
CA ARG B 413 7.32 6.13 21.66
C ARG B 413 5.84 5.84 21.87
N ILE B 414 4.99 6.29 20.94
CA ILE B 414 3.56 6.02 21.01
C ILE B 414 3.22 4.96 19.97
N THR B 415 2.44 3.96 20.38
CA THR B 415 1.96 2.94 19.44
C THR B 415 0.48 2.68 19.71
N PRO B 416 -0.22 2.06 18.74
CA PRO B 416 -1.57 1.61 19.09
C PRO B 416 -1.51 0.61 20.25
N VAL B 418 -4.57 -1.24 21.09
CA VAL B 418 -5.98 -1.31 20.72
C VAL B 418 -6.39 -2.71 20.26
N LYS B 419 -5.41 -3.58 20.00
CA LYS B 419 -5.73 -4.94 19.52
C LYS B 419 -6.82 -5.59 20.38
N GLY B 420 -7.81 -6.21 19.74
CA GLY B 420 -8.93 -6.82 20.46
C GLY B 420 -10.15 -5.92 20.53
N ILE B 421 -9.93 -4.61 20.56
CA ILE B 421 -11.07 -3.71 20.38
C ILE B 421 -11.47 -3.73 18.91
N GLU B 422 -12.74 -4.04 18.66
CA GLU B 422 -13.25 -4.12 17.31
C GLU B 422 -14.59 -3.41 17.32
N GLU B 423 -14.57 -2.16 16.85
CA GLU B 423 -15.65 -1.23 17.14
C GLU B 423 -16.37 -0.69 15.90
N THR B 424 -16.09 -1.26 14.72
CA THR B 424 -16.69 -0.69 13.53
C THR B 424 -18.15 -1.08 13.37
N ALA B 425 -18.86 -0.22 12.65
CA ALA B 425 -20.21 -0.48 12.19
C ALA B 425 -20.15 -0.98 10.75
N VAL B 426 -20.79 -2.13 10.50
CA VAL B 426 -20.75 -2.80 9.20
C VAL B 426 -22.00 -2.50 8.36
N ASN B 427 -21.81 -2.02 7.14
CA ASN B 427 -22.92 -1.71 6.25
C ASN B 427 -23.16 -2.78 5.19
N ASP B 428 -22.08 -3.37 4.67
CA ASP B 428 -22.22 -4.41 3.64
C ASP B 428 -21.00 -5.33 3.69
N LEU B 429 -21.16 -6.53 3.15
CA LEU B 429 -20.13 -7.57 3.16
C LEU B 429 -20.25 -8.40 1.89
N ALA B 430 -19.12 -8.72 1.28
CA ALA B 430 -19.11 -9.57 0.09
C ALA B 430 -17.96 -10.56 0.18
N SER B 431 -18.24 -11.82 -0.11
CA SER B 431 -17.21 -12.85 -0.19
C SER B 431 -17.21 -13.42 -1.60
N PRO B 432 -16.25 -12.96 -2.43
CA PRO B 432 -16.23 -13.38 -3.84
C PRO B 432 -15.69 -14.81 -4.00
N PRO B 433 -16.03 -15.47 -5.12
CA PRO B 433 -15.63 -16.87 -5.33
C PRO B 433 -14.15 -17.03 -5.73
N SER B 434 -13.44 -15.93 -5.95
CA SER B 434 -11.99 -15.97 -6.15
C SER B 434 -11.41 -14.67 -5.62
N GLY B 435 -10.09 -14.66 -5.39
CA GLY B 435 -9.44 -13.50 -4.79
C GLY B 435 -9.51 -13.53 -3.27
N ALA B 436 -9.55 -12.35 -2.66
CA ALA B 436 -9.58 -12.23 -1.21
C ALA B 436 -10.86 -12.83 -0.65
N PRO B 437 -10.81 -13.31 0.61
CA PRO B 437 -12.02 -13.94 1.17
C PRO B 437 -13.14 -12.95 1.48
N LEU B 438 -12.82 -11.67 1.72
CA LEU B 438 -13.83 -10.73 2.17
C LEU B 438 -13.55 -9.29 1.76
N LEU B 439 -14.59 -8.62 1.26
CA LEU B 439 -14.58 -7.17 1.06
C LEU B 439 -15.61 -6.58 2.02
N SER B 440 -15.20 -5.60 2.83
CA SER B 440 -16.09 -5.03 3.82
C SER B 440 -16.44 -3.57 3.51
N ALA B 441 -17.64 -3.16 3.91
CA ALA B 441 -18.09 -1.79 3.76
C ALA B 441 -18.47 -1.27 5.14
N LEU B 442 -17.70 -0.30 5.64
CA LEU B 442 -17.79 0.13 7.03
C LEU B 442 -18.10 1.61 7.19
N GLY B 443 -18.63 1.98 8.35
CA GLY B 443 -18.73 3.39 8.70
C GLY B 443 -17.38 3.95 9.12
N ASP B 444 -17.17 5.23 8.84
CA ASP B 444 -16.05 6.04 9.39
C ASP B 444 -14.67 5.74 8.84
N ILE B 445 -14.35 4.47 8.59
CA ILE B 445 -13.02 4.15 8.06
C ILE B 445 -13.08 3.41 6.72
N GLY B 446 -14.21 3.53 6.03
CA GLY B 446 -14.34 3.08 4.64
C GLY B 446 -14.64 1.60 4.50
N GLY B 447 -13.68 0.77 4.89
CA GLY B 447 -13.76 -0.66 4.67
C GLY B 447 -12.49 -1.17 4.02
N PHE B 448 -12.37 -2.50 3.90
CA PHE B 448 -11.12 -3.11 3.49
C PHE B 448 -11.29 -4.29 2.55
N ARG B 449 -10.26 -4.53 1.75
CA ARG B 449 -10.05 -5.83 1.14
C ARG B 449 -9.29 -6.66 2.17
N HIS B 450 -9.96 -7.65 2.75
CA HIS B 450 -9.33 -8.49 3.75
C HIS B 450 -8.64 -9.68 3.10
N THR B 451 -7.33 -9.59 2.90
CA THR B 451 -6.60 -10.71 2.30
C THR B 451 -6.38 -11.83 3.32
N ASP B 452 -6.42 -11.47 4.60
CA ASP B 452 -6.17 -12.39 5.71
C ASP B 452 -7.08 -11.99 6.86
N LEU B 453 -8.05 -12.83 7.21
CA LEU B 453 -9.00 -12.49 8.27
C LEU B 453 -8.34 -12.35 9.65
N ASP B 454 -7.08 -12.79 9.78
CA ASP B 454 -6.37 -12.68 11.05
C ASP B 454 -5.32 -11.57 11.05
N ALA B 455 -5.24 -10.82 9.95
CA ALA B 455 -4.26 -9.74 9.83
C ALA B 455 -4.94 -8.41 9.55
N VAL B 456 -4.46 -7.36 10.21
CA VAL B 456 -4.95 -6.01 9.94
C VAL B 456 -4.64 -5.64 8.49
N PRO B 457 -5.65 -5.18 7.72
CA PRO B 457 -5.33 -4.73 6.36
C PRO B 457 -4.45 -3.49 6.37
N ASP B 458 -3.59 -3.34 5.37
CA ASP B 458 -2.63 -2.24 5.33
CA ASP B 458 -2.64 -2.24 5.35
C ASP B 458 -3.31 -0.88 5.18
N LEU B 459 -4.41 -0.85 4.45
CA LEU B 459 -5.06 0.42 4.13
C LEU B 459 -6.52 0.23 3.74
N TYR B 461 -10.02 1.40 1.57
CA TYR B 461 -10.19 1.78 0.17
C TYR B 461 -9.77 3.24 -0.05
N THR B 462 -9.05 3.49 -1.14
CA THR B 462 -8.70 4.86 -1.53
C THR B 462 -9.04 5.11 -3.00
N SER B 463 -8.88 6.35 -3.44
CA SER B 463 -9.18 6.74 -4.84
C SER B 463 -10.56 6.29 -5.35
N PRO B 464 -11.64 6.74 -4.71
CA PRO B 464 -11.72 7.70 -3.61
C PRO B 464 -11.63 7.07 -2.24
N ASN B 465 -11.19 7.85 -1.25
CA ASN B 465 -11.20 7.40 0.15
C ASN B 465 -12.47 7.93 0.78
N LEU B 466 -13.50 7.10 0.85
CA LEU B 466 -14.78 7.56 1.39
C LEU B 466 -14.79 7.38 2.90
N ASP B 467 -15.49 8.27 3.60
CA ASP B 467 -15.67 8.14 5.04
C ASP B 467 -16.34 6.83 5.38
N SER B 468 -17.45 6.55 4.71
CA SER B 468 -18.21 5.33 4.96
C SER B 468 -18.58 4.71 3.63
N THR B 469 -18.45 3.40 3.53
CA THR B 469 -18.93 2.70 2.34
C THR B 469 -20.31 2.15 2.66
N THR B 470 -21.33 2.53 1.89
CA THR B 470 -22.69 2.08 2.19
C THR B 470 -23.06 0.78 1.48
N SER B 471 -22.39 0.47 0.39
CA SER B 471 -22.77 -0.65 -0.47
C SER B 471 -21.63 -1.00 -1.40
N LEU B 472 -21.40 -2.28 -1.62
CA LEU B 472 -20.44 -2.71 -2.65
C LEU B 472 -20.96 -3.97 -3.35
N ASP B 473 -20.35 -4.30 -4.48
CA ASP B 473 -20.74 -5.49 -5.21
C ASP B 473 -19.58 -5.89 -6.09
N PHE B 474 -19.57 -7.15 -6.53
CA PHE B 474 -18.58 -7.60 -7.48
C PHE B 474 -19.30 -8.29 -8.62
N ALA B 475 -18.67 -8.34 -9.79
CA ALA B 475 -19.20 -9.09 -10.93
C ALA B 475 -19.04 -10.57 -10.65
N GLU B 476 -20.16 -11.30 -10.58
CA GLU B 476 -20.12 -12.71 -10.17
C GLU B 476 -19.19 -13.55 -11.02
N SER B 477 -19.25 -13.35 -12.34
CA SER B 477 -18.46 -14.13 -13.30
C SER B 477 -17.04 -13.61 -13.49
N SER B 478 -16.78 -12.41 -12.98
CA SER B 478 -15.46 -11.79 -13.09
CA SER B 478 -15.45 -11.81 -13.08
C SER B 478 -15.16 -11.03 -11.81
N PRO B 479 -14.87 -11.73 -10.71
CA PRO B 479 -14.77 -11.08 -9.39
C PRO B 479 -13.55 -10.19 -9.21
N GLY B 480 -12.70 -10.08 -10.23
CA GLY B 480 -11.70 -9.03 -10.22
C GLY B 480 -12.37 -7.67 -10.28
N THR B 481 -13.61 -7.62 -10.78
CA THR B 481 -14.31 -6.36 -10.97
C THR B 481 -15.23 -6.07 -9.78
N VAL B 482 -14.97 -4.95 -9.11
CA VAL B 482 -15.66 -4.55 -7.88
C VAL B 482 -16.11 -3.08 -7.98
N VAL B 483 -17.25 -2.78 -7.39
CA VAL B 483 -17.75 -1.40 -7.32
C VAL B 483 -18.14 -1.11 -5.88
N ARG B 484 -17.97 0.14 -5.44
CA ARG B 484 -18.40 0.53 -4.11
C ARG B 484 -18.92 1.95 -4.15
N VAL B 485 -19.90 2.24 -3.30
CA VAL B 485 -20.39 3.59 -3.16
C VAL B 485 -20.49 3.96 -1.68
N GLY B 486 -20.52 5.25 -1.39
CA GLY B 486 -20.55 5.66 0.00
C GLY B 486 -20.61 7.14 0.22
N ASN B 487 -20.25 7.55 1.44
CA ASN B 487 -20.44 8.92 1.89
C ASN B 487 -19.13 9.68 2.05
N SER B 488 -19.15 10.95 1.67
CA SER B 488 -17.99 11.83 1.77
C SER B 488 -18.45 13.27 1.59
N ASP B 489 -17.74 14.22 2.19
CA ASP B 489 -18.08 15.63 2.01
C ASP B 489 -17.71 16.09 0.61
N ALA B 490 -16.86 15.32 -0.05
CA ALA B 490 -16.44 15.62 -1.42
C ALA B 490 -16.83 14.49 -2.36
N ALA B 491 -17.30 14.85 -3.55
CA ALA B 491 -17.41 13.88 -4.63
C ALA B 491 -15.99 13.44 -5.00
N PRO B 492 -15.82 12.25 -5.61
CA PRO B 492 -16.83 11.29 -6.07
C PRO B 492 -17.26 10.32 -4.99
N HIS B 493 -18.50 9.81 -5.11
CA HIS B 493 -19.05 8.90 -4.11
C HIS B 493 -19.02 7.45 -4.58
N ILE B 494 -18.25 7.17 -5.62
CA ILE B 494 -18.20 5.83 -6.19
C ILE B 494 -16.80 5.49 -6.67
N GLY B 495 -16.41 4.24 -6.46
CA GLY B 495 -15.10 3.77 -6.93
C GLY B 495 -15.22 2.42 -7.60
N PHE B 496 -14.30 2.17 -8.54
CA PHE B 496 -14.24 0.93 -9.31
C PHE B 496 -12.89 0.25 -9.13
N SER B 497 -12.89 -1.08 -9.16
CA SER B 497 -11.64 -1.84 -9.18
C SER B 497 -11.72 -2.95 -10.20
N THR B 498 -10.60 -3.27 -10.84
CA THR B 498 -10.51 -4.44 -11.70
C THR B 498 -9.41 -5.40 -11.23
N ASP B 499 -8.91 -5.21 -10.02
CA ASP B 499 -8.02 -6.19 -9.43
C ASP B 499 -8.54 -6.65 -8.05
N ASN B 500 -9.83 -6.94 -8.00
CA ASN B 500 -10.45 -7.58 -6.83
C ASN B 500 -10.44 -6.66 -5.61
N GLY B 501 -10.34 -5.36 -5.84
CA GLY B 501 -10.39 -4.38 -4.77
C GLY B 501 -9.06 -3.97 -4.17
N ALA B 502 -7.95 -4.40 -4.78
CA ALA B 502 -6.63 -4.02 -4.29
C ALA B 502 -6.33 -2.55 -4.62
N ASN B 503 -6.75 -2.14 -5.82
CA ASN B 503 -6.59 -0.76 -6.28
C ASN B 503 -7.87 -0.22 -6.92
N TRP B 504 -8.05 1.09 -6.87
CA TRP B 504 -9.30 1.71 -7.27
C TRP B 504 -9.12 2.91 -8.18
N PHE B 505 -10.18 3.24 -8.92
CA PHE B 505 -10.23 4.51 -9.63
C PHE B 505 -11.65 5.05 -9.54
N GLN B 506 -11.79 6.36 -9.61
CA GLN B 506 -13.10 6.95 -9.36
C GLN B 506 -14.03 6.85 -10.55
N GLY B 507 -15.32 6.83 -10.27
CA GLY B 507 -16.33 6.97 -11.31
C GLY B 507 -16.77 8.42 -11.39
N SER B 508 -17.50 8.76 -12.44
CA SER B 508 -18.21 10.02 -12.50
C SER B 508 -19.53 9.85 -11.75
N GLU B 509 -20.33 10.91 -11.69
CA GLU B 509 -21.58 10.93 -10.93
C GLU B 509 -22.74 11.53 -11.68
N PRO B 510 -23.96 10.99 -11.48
CA PRO B 510 -25.14 11.77 -11.86
C PRO B 510 -25.21 13.05 -11.05
N SER B 511 -25.96 14.04 -11.54
CA SER B 511 -26.05 15.33 -10.85
C SER B 511 -26.64 15.17 -9.46
N GLY B 512 -26.07 15.87 -8.50
CA GLY B 512 -26.70 16.05 -7.21
C GLY B 512 -26.62 14.91 -6.22
N VAL B 513 -25.65 14.01 -6.40
CA VAL B 513 -25.43 12.96 -5.42
C VAL B 513 -24.96 13.54 -4.08
N THR B 514 -25.60 13.10 -3.00
CA THR B 514 -25.24 13.55 -1.66
C THR B 514 -24.83 12.41 -0.73
N GLY B 515 -24.99 11.17 -1.18
CA GLY B 515 -24.70 10.02 -0.34
C GLY B 515 -24.64 8.74 -1.16
N GLY B 516 -24.15 7.65 -0.57
CA GLY B 516 -23.87 6.44 -1.33
C GLY B 516 -25.07 5.66 -1.83
N GLY B 517 -26.05 5.42 -0.97
CA GLY B 517 -27.16 4.56 -1.36
C GLY B 517 -26.70 3.14 -1.61
N THR B 518 -27.20 2.50 -2.67
CA THR B 518 -26.82 1.14 -2.99
C THR B 518 -26.37 1.01 -4.44
N VAL B 519 -25.52 0.02 -4.71
CA VAL B 519 -24.98 -0.17 -6.04
C VAL B 519 -24.98 -1.68 -6.39
N ALA B 520 -25.08 -1.98 -7.68
CA ALA B 520 -25.10 -3.36 -8.17
C ALA B 520 -24.23 -3.51 -9.41
N ALA B 521 -23.54 -4.64 -9.52
CA ALA B 521 -22.67 -4.91 -10.66
C ALA B 521 -23.22 -6.02 -11.55
N ALA B 522 -23.22 -5.79 -12.87
CA ALA B 522 -23.60 -6.81 -13.83
C ALA B 522 -22.74 -8.05 -13.63
N ALA B 523 -23.31 -9.23 -13.83
CA ALA B 523 -22.59 -10.48 -13.57
C ALA B 523 -21.30 -10.61 -14.36
N ASP B 524 -21.23 -9.94 -15.51
CA ASP B 524 -20.04 -10.04 -16.35
C ASP B 524 -19.14 -8.82 -16.25
N GLY B 525 -19.51 -7.89 -15.36
CA GLY B 525 -18.71 -6.70 -15.12
C GLY B 525 -18.82 -5.63 -16.17
N SER B 526 -19.80 -5.75 -17.06
CA SER B 526 -19.90 -4.87 -18.21
C SER B 526 -20.66 -3.57 -17.91
N GLY B 527 -21.34 -3.53 -16.77
CA GLY B 527 -22.17 -2.39 -16.44
C GLY B 527 -22.64 -2.42 -15.01
N PHE B 528 -23.28 -1.32 -14.58
CA PHE B 528 -23.63 -1.12 -13.17
C PHE B 528 -24.91 -0.31 -13.05
N VAL B 529 -25.61 -0.53 -11.93
CA VAL B 529 -26.77 0.27 -11.58
C VAL B 529 -26.52 0.88 -10.21
N TRP B 530 -26.72 2.19 -10.10
CA TRP B 530 -26.46 2.92 -8.87
C TRP B 530 -27.73 3.63 -8.45
N SER B 531 -28.15 3.40 -7.20
CA SER B 531 -29.25 4.17 -6.61
C SER B 531 -28.68 5.02 -5.48
N PRO B 532 -28.22 6.23 -5.80
CA PRO B 532 -27.59 7.04 -4.75
C PRO B 532 -28.59 7.75 -3.86
N GLU B 533 -28.08 8.43 -2.83
CA GLU B 533 -28.89 9.40 -2.11
C GLU B 533 -28.83 10.72 -2.86
N GLY B 534 -29.95 11.42 -2.92
CA GLY B 534 -29.97 12.75 -3.53
C GLY B 534 -30.24 12.73 -5.02
N ALA B 535 -30.18 11.55 -5.61
CA ALA B 535 -30.47 11.37 -7.03
C ALA B 535 -31.28 10.09 -7.25
N GLY B 536 -31.93 10.00 -8.41
CA GLY B 536 -32.68 8.81 -8.77
C GLY B 536 -31.80 7.68 -9.24
N VAL B 537 -32.40 6.55 -9.58
CA VAL B 537 -31.64 5.38 -10.04
C VAL B 537 -31.01 5.62 -11.41
N HIS B 538 -29.72 5.31 -11.55
CA HIS B 538 -29.03 5.45 -12.82
C HIS B 538 -28.33 4.16 -13.24
N HIS B 539 -28.07 4.03 -14.53
CA HIS B 539 -27.34 2.88 -15.03
C HIS B 539 -26.18 3.34 -15.91
N THR B 540 -25.17 2.49 -16.04
CA THR B 540 -24.03 2.80 -16.88
C THR B 540 -23.52 1.55 -17.57
N THR B 541 -22.94 1.73 -18.75
CA THR B 541 -22.20 0.66 -19.41
C THR B 541 -20.73 1.08 -19.41
N GLY B 542 -19.87 0.28 -18.80
CA GLY B 542 -18.51 0.70 -18.52
C GLY B 542 -18.38 1.13 -17.07
N PHE B 543 -17.23 1.70 -16.70
CA PHE B 543 -16.95 2.01 -15.30
C PHE B 543 -17.40 3.41 -14.91
N GLY B 544 -18.70 3.67 -15.10
CA GLY B 544 -19.30 4.91 -14.67
C GLY B 544 -18.68 6.17 -15.23
N THR B 545 -18.29 6.14 -16.51
CA THR B 545 -17.71 7.32 -17.14
C THR B 545 -18.82 8.30 -17.52
N SER B 546 -20.04 7.78 -17.60
CA SER B 546 -21.23 8.60 -17.70
C SER B 546 -22.42 7.80 -17.16
N TRP B 547 -23.52 8.47 -16.86
CA TRP B 547 -24.69 7.81 -16.28
C TRP B 547 -25.98 8.22 -16.97
N THR B 548 -26.92 7.28 -17.05
CA THR B 548 -28.23 7.52 -17.64
C THR B 548 -29.34 7.19 -16.63
N ALA B 549 -30.35 8.05 -16.54
CA ALA B 549 -31.46 7.82 -15.62
C ALA B 549 -32.26 6.59 -16.01
N SER B 550 -32.45 5.68 -15.05
CA SER B 550 -33.32 4.53 -15.25
C SER B 550 -34.79 4.97 -15.20
N THR B 551 -35.65 4.30 -15.95
CA THR B 551 -37.08 4.60 -15.89
C THR B 551 -37.84 3.45 -15.20
N GLY B 552 -39.01 3.76 -14.64
CA GLY B 552 -39.86 2.74 -14.07
C GLY B 552 -39.50 2.28 -12.67
N ILE B 553 -38.59 2.99 -12.02
CA ILE B 553 -38.17 2.61 -10.67
C ILE B 553 -38.04 3.85 -9.79
N PRO B 554 -38.63 3.82 -8.59
CA PRO B 554 -38.63 5.01 -7.74
C PRO B 554 -37.27 5.34 -7.17
N ALA B 555 -37.00 6.64 -7.01
CA ALA B 555 -35.77 7.10 -6.38
C ALA B 555 -35.63 6.52 -4.99
N GLY B 556 -34.40 6.09 -4.65
CA GLY B 556 -34.12 5.56 -3.33
C GLY B 556 -34.31 4.05 -3.20
N ALA B 557 -34.74 3.40 -4.27
CA ALA B 557 -34.88 1.95 -4.26
C ALA B 557 -33.55 1.25 -3.95
N THR B 558 -33.64 0.14 -3.24
CA THR B 558 -32.50 -0.75 -3.04
C THR B 558 -32.27 -1.55 -4.31
N VAL B 559 -31.04 -1.50 -4.85
CA VAL B 559 -30.75 -2.23 -6.08
C VAL B 559 -29.77 -3.40 -5.87
N GLU B 560 -30.01 -4.46 -6.62
CA GLU B 560 -29.17 -5.65 -6.64
C GLU B 560 -29.07 -6.13 -8.09
N SER B 561 -28.13 -7.02 -8.36
CA SER B 561 -28.01 -7.61 -9.69
C SER B 561 -28.27 -9.11 -9.64
N ASP B 562 -28.71 -9.68 -10.76
CA ASP B 562 -28.78 -11.13 -10.89
C ASP B 562 -27.35 -11.63 -10.95
N ARG B 563 -27.09 -12.85 -10.49
CA ARG B 563 -25.72 -13.34 -10.44
C ARG B 563 -25.37 -14.16 -11.68
N LYS B 564 -26.34 -14.34 -12.57
CA LYS B 564 -26.13 -15.16 -13.77
C LYS B 564 -26.33 -14.36 -15.06
N ASN B 565 -27.44 -13.64 -15.13
CA ASN B 565 -27.81 -12.87 -16.31
C ASN B 565 -27.30 -11.44 -16.17
N PRO B 566 -26.29 -11.07 -16.98
CA PRO B 566 -25.64 -9.75 -16.87
C PRO B 566 -26.55 -8.58 -17.22
N GLU B 567 -27.72 -8.87 -17.79
CA GLU B 567 -28.67 -7.83 -18.18
C GLU B 567 -29.80 -7.65 -17.18
N LYS B 568 -29.84 -8.52 -16.17
CA LYS B 568 -30.97 -8.54 -15.24
C LYS B 568 -30.62 -7.91 -13.88
N PHE B 569 -31.38 -6.88 -13.53
CA PHE B 569 -31.21 -6.16 -12.27
C PHE B 569 -32.52 -6.06 -11.52
N TYR B 570 -32.42 -5.81 -10.21
CA TYR B 570 -33.59 -5.82 -9.34
C TYR B 570 -33.60 -4.56 -8.49
N GLY B 571 -34.79 -4.11 -8.12
CA GLY B 571 -34.94 -2.99 -7.22
C GLY B 571 -36.06 -3.27 -6.22
N PHE B 572 -35.96 -2.67 -5.04
CA PHE B 572 -37.04 -2.78 -4.07
C PHE B 572 -37.33 -1.43 -3.45
N GLU B 573 -38.61 -1.08 -3.37
CA GLU B 573 -39.02 0.13 -2.67
C GLU B 573 -40.45 0.04 -2.19
N ALA B 574 -40.65 0.29 -0.90
CA ALA B 574 -41.97 0.50 -0.32
C ALA B 574 -42.95 -0.64 -0.60
N GLY B 575 -42.45 -1.86 -0.64
CA GLY B 575 -43.31 -3.03 -0.72
C GLY B 575 -43.45 -3.60 -2.11
N THR B 576 -42.84 -2.94 -3.09
CA THR B 576 -42.89 -3.41 -4.47
C THR B 576 -41.51 -3.82 -4.96
N PHE B 577 -41.46 -4.96 -5.65
CA PHE B 577 -40.24 -5.45 -6.28
C PHE B 577 -40.20 -5.04 -7.75
N TYR B 578 -39.02 -4.59 -8.21
CA TYR B 578 -38.85 -4.12 -9.59
C TYR B 578 -37.80 -4.93 -10.33
N VAL B 579 -38.02 -5.18 -11.61
CA VAL B 579 -37.08 -5.96 -12.40
C VAL B 579 -36.75 -5.25 -13.71
N SER B 580 -35.48 -5.32 -14.09
CA SER B 580 -35.02 -4.85 -15.39
C SER B 580 -34.36 -5.99 -16.15
N THR B 581 -34.63 -6.08 -17.45
CA THR B 581 -33.96 -7.08 -18.27
C THR B 581 -33.13 -6.44 -19.36
N ASP B 582 -32.90 -5.13 -19.25
CA ASP B 582 -32.09 -4.42 -20.24
C ASP B 582 -30.93 -3.66 -19.60
N GLY B 583 -30.32 -4.28 -18.59
CA GLY B 583 -29.12 -3.73 -17.98
C GLY B 583 -29.40 -2.57 -17.03
N GLY B 584 -30.65 -2.42 -16.63
CA GLY B 584 -31.02 -1.37 -15.69
C GLY B 584 -31.54 -0.10 -16.35
N ALA B 585 -31.73 -0.13 -17.66
CA ALA B 585 -32.27 1.03 -18.38
C ALA B 585 -33.75 1.26 -18.06
N THR B 586 -34.53 0.18 -18.07
CA THR B 586 -35.95 0.27 -17.74
C THR B 586 -36.33 -0.80 -16.73
N PHE B 587 -37.18 -0.45 -15.78
CA PHE B 587 -37.68 -1.40 -14.79
C PHE B 587 -39.19 -1.52 -14.89
N THR B 588 -39.72 -2.69 -14.55
CA THR B 588 -41.16 -2.85 -14.43
C THR B 588 -41.51 -3.29 -13.02
N ALA B 589 -42.62 -2.78 -12.49
CA ALA B 589 -43.08 -3.19 -11.18
C ALA B 589 -43.60 -4.61 -11.27
N GLU B 590 -43.17 -5.46 -10.33
CA GLU B 590 -43.61 -6.84 -10.32
C GLU B 590 -44.32 -7.14 -9.02
N ALA B 591 -43.80 -8.09 -8.23
CA ALA B 591 -44.48 -8.50 -7.01
C ALA B 591 -44.71 -7.33 -6.06
N THR B 592 -45.90 -7.30 -5.46
CA THR B 592 -46.24 -6.32 -4.43
C THR B 592 -46.58 -7.06 -3.14
N GLY B 593 -46.96 -6.33 -2.10
CA GLY B 593 -47.32 -6.96 -0.84
C GLY B 593 -46.15 -7.35 0.06
N LEU B 594 -44.96 -6.88 -0.29
CA LEU B 594 -43.76 -7.08 0.51
C LEU B 594 -43.71 -5.95 1.56
N PRO B 595 -42.73 -5.97 2.49
CA PRO B 595 -42.78 -4.94 3.55
C PRO B 595 -42.84 -3.51 3.04
N ALA B 596 -43.92 -2.82 3.39
CA ALA B 596 -44.14 -1.44 2.95
C ALA B 596 -43.31 -0.47 3.77
N GLU B 597 -42.93 -0.89 4.97
CA GLU B 597 -42.17 -0.08 5.91
C GLU B 597 -40.98 -0.87 6.41
N GLY B 598 -39.90 -0.19 6.75
CA GLY B 598 -38.79 -0.86 7.41
C GLY B 598 -37.69 -1.31 6.47
N ASN B 599 -36.56 -1.69 7.06
CA ASN B 599 -35.43 -2.20 6.31
C ASN B 599 -35.77 -3.45 5.50
N VAL B 600 -35.18 -3.56 4.32
CA VAL B 600 -35.22 -4.82 3.57
C VAL B 600 -33.81 -5.10 3.04
N ARG B 601 -33.43 -6.37 3.08
CA ARG B 601 -32.19 -6.84 2.49
C ARG B 601 -32.53 -8.00 1.57
N PHE B 602 -31.98 -8.02 0.37
CA PHE B 602 -32.26 -9.13 -0.53
C PHE B 602 -31.08 -9.39 -1.44
N GLN B 603 -30.94 -10.63 -1.87
CA GLN B 603 -29.82 -11.04 -2.72
C GLN B 603 -30.26 -12.15 -3.65
N ALA B 604 -29.77 -12.11 -4.87
CA ALA B 604 -30.02 -13.18 -5.84
C ALA B 604 -28.97 -14.28 -5.67
N LEU B 605 -29.34 -15.51 -6.00
CA LEU B 605 -28.53 -16.68 -5.70
C LEU B 605 -27.38 -16.84 -6.69
N PRO B 606 -26.15 -17.03 -6.18
CA PRO B 606 -25.07 -17.40 -7.09
C PRO B 606 -25.40 -18.70 -7.83
N GLY B 607 -25.22 -18.70 -9.15
CA GLY B 607 -25.41 -19.92 -9.92
C GLY B 607 -26.79 -20.13 -10.51
N THR B 608 -27.79 -19.36 -10.10
CA THR B 608 -29.14 -19.57 -10.62
C THR B 608 -29.83 -18.26 -10.92
N GLU B 609 -30.15 -18.04 -12.18
CA GLU B 609 -30.87 -16.83 -12.58
C GLU B 609 -32.25 -16.79 -11.96
N GLY B 610 -32.61 -15.62 -11.41
CA GLY B 610 -33.99 -15.34 -11.03
C GLY B 610 -34.44 -15.99 -9.73
N ASP B 611 -33.50 -16.44 -8.92
CA ASP B 611 -33.79 -17.02 -7.61
C ASP B 611 -33.35 -15.98 -6.59
N ILE B 612 -34.32 -15.38 -5.89
CA ILE B 612 -34.07 -14.24 -5.02
C ILE B 612 -34.62 -14.48 -3.63
N TRP B 613 -33.80 -14.23 -2.61
CA TRP B 613 -34.27 -14.28 -1.23
C TRP B 613 -34.33 -12.86 -0.67
N LEU B 614 -35.39 -12.58 0.08
CA LEU B 614 -35.63 -11.23 0.58
C LEU B 614 -36.05 -11.26 2.04
N ALA B 615 -35.29 -10.57 2.88
CA ALA B 615 -35.56 -10.50 4.31
C ALA B 615 -35.92 -9.09 4.70
N GLY B 616 -36.86 -8.94 5.62
CA GLY B 616 -37.05 -7.61 6.17
C GLY B 616 -38.44 -7.28 6.67
N GLY B 617 -38.64 -6.00 6.93
CA GLY B 617 -39.85 -5.52 7.56
C GLY B 617 -39.55 -4.87 8.88
N SER B 618 -40.57 -4.79 9.74
CA SER B 618 -40.47 -4.06 10.98
C SER B 618 -41.54 -4.53 11.95
N ASP B 619 -41.41 -4.13 13.21
CA ASP B 619 -42.40 -4.41 14.23
C ASP B 619 -43.79 -3.88 13.92
N THR B 620 -43.87 -2.90 13.02
CA THR B 620 -45.14 -2.22 12.79
C THR B 620 -45.73 -2.49 11.41
N GLY B 621 -45.21 -3.51 10.76
CA GLY B 621 -45.74 -3.92 9.47
C GLY B 621 -45.44 -5.39 9.22
N ALA B 622 -45.46 -5.78 7.96
CA ALA B 622 -45.05 -7.13 7.59
C ALA B 622 -43.60 -7.34 8.00
N TYR B 623 -43.27 -8.56 8.42
CA TYR B 623 -41.89 -8.90 8.82
C TYR B 623 -41.71 -10.36 8.46
N GLY B 624 -40.57 -10.71 7.87
CA GLY B 624 -40.31 -12.10 7.55
C GLY B 624 -39.26 -12.34 6.49
N LEU B 625 -39.36 -13.50 5.86
CA LEU B 625 -38.42 -13.95 4.83
C LEU B 625 -39.22 -14.43 3.63
N TRP B 626 -38.89 -13.91 2.45
CA TRP B 626 -39.57 -14.27 1.21
C TRP B 626 -38.60 -14.84 0.18
N ARG B 627 -39.12 -15.61 -0.76
CA ARG B 627 -38.30 -16.13 -1.84
C ARG B 627 -39.08 -16.13 -3.16
N SER B 628 -38.39 -15.75 -4.23
CA SER B 628 -38.92 -15.82 -5.59
C SER B 628 -38.02 -16.72 -6.43
N THR B 629 -38.62 -17.53 -7.30
CA THR B 629 -37.83 -18.32 -8.24
C THR B 629 -38.20 -17.95 -9.67
N ASP B 630 -39.02 -16.93 -9.84
CA ASP B 630 -39.40 -16.47 -11.17
C ASP B 630 -39.00 -15.03 -11.43
N SER B 631 -37.79 -14.68 -11.02
CA SER B 631 -37.18 -13.36 -11.28
C SER B 631 -38.02 -12.21 -10.70
N GLY B 632 -38.66 -12.47 -9.57
CA GLY B 632 -39.36 -11.42 -8.85
C GLY B 632 -40.83 -11.22 -9.20
N ALA B 633 -41.36 -12.06 -10.10
CA ALA B 633 -42.77 -11.96 -10.47
C ALA B 633 -43.68 -12.28 -9.29
N THR B 634 -43.32 -13.33 -8.55
CA THR B 634 -44.05 -13.71 -7.35
C THR B 634 -43.07 -14.08 -6.25
N PHE B 635 -43.45 -13.79 -5.01
CA PHE B 635 -42.70 -14.26 -3.84
C PHE B 635 -43.58 -15.11 -2.94
N THR B 636 -42.97 -16.07 -2.27
CA THR B 636 -43.64 -16.84 -1.23
C THR B 636 -43.06 -16.49 0.13
N LYS B 637 -43.92 -16.23 1.10
CA LYS B 637 -43.44 -15.93 2.46
C LYS B 637 -43.23 -17.21 3.25
N SER B 638 -42.05 -17.35 3.87
CA SER B 638 -41.75 -18.52 4.68
C SER B 638 -42.63 -18.61 5.92
N ALA B 639 -43.25 -19.78 6.12
CA ALA B 639 -44.06 -20.01 7.30
C ALA B 639 -43.18 -20.36 8.49
N GLY B 640 -41.92 -20.69 8.22
CA GLY B 640 -41.01 -21.11 9.27
C GLY B 640 -40.19 -19.99 9.90
N VAL B 641 -40.31 -18.77 9.36
CA VAL B 641 -39.51 -17.65 9.86
C VAL B 641 -40.37 -16.47 10.29
N GLU B 642 -40.37 -16.19 11.59
CA GLU B 642 -41.27 -15.17 12.13
C GLU B 642 -40.83 -13.77 11.72
N GLN B 643 -39.55 -13.46 11.88
CA GLN B 643 -38.95 -12.19 11.45
C GLN B 643 -37.59 -12.49 10.82
N ALA B 644 -37.19 -11.72 9.81
CA ALA B 644 -35.83 -11.83 9.26
C ALA B 644 -35.37 -10.47 8.80
N ASP B 645 -34.06 -10.27 8.76
CA ASP B 645 -33.52 -8.94 8.49
C ASP B 645 -32.41 -8.96 7.47
N SER B 646 -31.53 -9.95 7.55
CA SER B 646 -30.48 -10.11 6.57
C SER B 646 -30.52 -11.52 6.00
N VAL B 647 -30.07 -11.69 4.75
CA VAL B 647 -29.99 -13.00 4.14
C VAL B 647 -28.80 -13.04 3.15
N GLY B 648 -28.13 -14.18 3.09
CA GLY B 648 -26.99 -14.35 2.22
C GLY B 648 -26.68 -15.82 2.06
N PHE B 649 -25.66 -16.12 1.25
CA PHE B 649 -25.41 -17.50 0.81
C PHE B 649 -23.97 -17.92 0.94
N GLY B 650 -23.76 -19.23 1.09
CA GLY B 650 -22.43 -19.80 1.11
C GLY B 650 -22.38 -21.15 0.44
N LYS B 651 -21.17 -21.73 0.40
CA LYS B 651 -20.94 -23.03 -0.23
C LYS B 651 -21.93 -24.09 0.25
N ALA B 652 -22.42 -24.89 -0.69
CA ALA B 652 -23.33 -25.99 -0.37
C ALA B 652 -22.68 -26.98 0.58
N ALA B 653 -23.48 -27.53 1.50
CA ALA B 653 -23.03 -28.60 2.37
C ALA B 653 -22.71 -29.84 1.53
N PRO B 654 -21.81 -30.70 2.02
CA PRO B 654 -21.56 -31.95 1.29
C PRO B 654 -22.86 -32.73 1.06
N GLY B 655 -23.12 -33.10 -0.18
CA GLY B 655 -24.30 -33.86 -0.51
C GLY B 655 -25.58 -33.04 -0.61
N ALA B 656 -25.46 -31.72 -0.47
CA ALA B 656 -26.62 -30.84 -0.57
C ALA B 656 -26.80 -30.35 -2.00
N SER B 657 -28.05 -30.14 -2.40
CA SER B 657 -28.36 -29.72 -3.77
C SER B 657 -28.66 -28.22 -3.88
N TYR B 658 -28.45 -27.49 -2.79
CA TYR B 658 -28.70 -26.06 -2.80
C TYR B 658 -27.60 -25.39 -2.01
N ARG B 659 -27.29 -24.15 -2.33
CA ARG B 659 -26.33 -23.41 -1.54
C ARG B 659 -26.84 -23.25 -0.13
N THR B 660 -25.92 -23.05 0.81
CA THR B 660 -26.27 -22.82 2.19
C THR B 660 -26.81 -21.39 2.35
N VAL B 661 -27.91 -21.24 3.08
CA VAL B 661 -28.53 -19.93 3.30
C VAL B 661 -28.30 -19.51 4.75
N PHE B 662 -27.88 -18.26 4.95
CA PHE B 662 -27.66 -17.70 6.28
C PHE B 662 -28.57 -16.50 6.49
N VAL B 663 -29.13 -16.36 7.68
CA VAL B 663 -29.97 -15.20 8.03
C VAL B 663 -29.73 -14.69 9.44
N SER B 664 -29.92 -13.39 9.63
CA SER B 664 -30.14 -12.86 10.97
C SER B 664 -31.64 -12.73 11.11
N ALA B 665 -32.23 -13.53 12.00
CA ALA B 665 -33.67 -13.69 12.03
C ALA B 665 -34.19 -14.03 13.41
N LYS B 666 -35.51 -14.16 13.50
CA LYS B 666 -36.16 -14.74 14.68
C LYS B 666 -36.91 -15.99 14.24
N ILE B 667 -36.42 -17.13 14.71
CA ILE B 667 -36.93 -18.44 14.26
C ILE B 667 -37.19 -19.34 15.47
N GLY B 668 -38.37 -19.94 15.52
CA GLY B 668 -38.72 -20.77 16.66
C GLY B 668 -38.73 -19.99 17.97
N GLY B 669 -39.08 -18.70 17.88
CA GLY B 669 -39.10 -17.82 19.05
C GLY B 669 -37.74 -17.34 19.53
N VAL B 670 -36.69 -17.62 18.76
CA VAL B 670 -35.34 -17.27 19.18
C VAL B 670 -34.68 -16.29 18.19
N ARG B 671 -34.25 -15.13 18.69
CA ARG B 671 -33.46 -14.20 17.89
C ARG B 671 -32.03 -14.70 17.78
N GLY B 672 -31.51 -14.80 16.56
CA GLY B 672 -30.12 -15.20 16.38
C GLY B 672 -29.70 -15.30 14.94
N ILE B 673 -28.57 -15.96 14.73
CA ILE B 673 -28.07 -16.24 13.40
C ILE B 673 -28.36 -17.70 13.07
N PHE B 674 -28.98 -17.93 11.90
CA PHE B 674 -29.43 -19.26 11.53
C PHE B 674 -28.89 -19.69 10.17
N ARG B 675 -28.78 -21.00 10.00
CA ARG B 675 -28.25 -21.60 8.77
C ARG B 675 -29.23 -22.66 8.26
N SER B 676 -29.43 -22.72 6.95
CA SER B 676 -30.22 -23.79 6.34
C SER B 676 -29.44 -24.44 5.20
N THR B 677 -29.45 -25.77 5.17
CA THR B 677 -28.79 -26.49 4.07
C THR B 677 -29.81 -27.21 3.21
N ASP B 678 -31.09 -26.91 3.43
CA ASP B 678 -32.14 -27.52 2.62
C ASP B 678 -33.10 -26.48 2.03
N ALA B 679 -32.54 -25.37 1.55
CA ALA B 679 -33.28 -24.32 0.85
C ALA B 679 -34.43 -23.78 1.70
N GLY B 680 -34.18 -23.63 2.99
CA GLY B 680 -35.13 -22.99 3.89
C GLY B 680 -36.19 -23.90 4.47
N ALA B 681 -36.13 -25.20 4.19
CA ALA B 681 -37.11 -26.12 4.76
C ALA B 681 -36.94 -26.23 6.28
N SER B 682 -35.68 -26.17 6.74
CA SER B 682 -35.38 -26.20 8.17
C SER B 682 -34.18 -25.32 8.47
N TRP B 683 -34.07 -24.90 9.73
CA TRP B 683 -33.03 -23.97 10.17
C TRP B 683 -32.30 -24.46 11.42
N THR B 684 -31.02 -24.11 11.54
CA THR B 684 -30.21 -24.41 12.72
C THR B 684 -29.60 -23.11 13.23
N ARG B 685 -29.72 -22.83 14.52
CA ARG B 685 -29.06 -21.65 15.08
C ARG B 685 -27.56 -21.90 15.14
N ILE B 686 -26.76 -20.94 14.67
CA ILE B 686 -25.31 -21.14 14.67
C ILE B 686 -24.54 -20.15 15.56
N ASN B 687 -25.20 -19.11 16.06
CA ASN B 687 -24.60 -18.34 17.16
C ASN B 687 -25.12 -18.89 18.49
N ASP B 688 -24.87 -18.19 19.58
CA ASP B 688 -25.35 -18.65 20.89
C ASP B 688 -25.53 -17.44 21.79
N ASP B 689 -25.95 -17.63 23.03
CA ASP B 689 -26.33 -16.49 23.85
C ASP B 689 -25.15 -15.59 24.25
N ALA B 690 -23.93 -16.11 24.15
CA ALA B 690 -22.75 -15.32 24.49
C ALA B 690 -22.27 -14.49 23.30
N HIS B 691 -22.81 -14.80 22.12
CA HIS B 691 -22.36 -14.18 20.87
C HIS B 691 -23.55 -13.63 20.08
N GLN B 692 -24.07 -12.46 20.49
CA GLN B 692 -25.27 -11.89 19.90
C GLN B 692 -25.05 -10.51 19.26
N TRP B 693 -24.26 -9.64 19.91
CA TRP B 693 -23.83 -8.36 19.32
C TRP B 693 -24.94 -7.39 18.90
N GLY B 694 -26.05 -7.38 19.62
CA GLY B 694 -27.06 -6.36 19.40
C GLY B 694 -27.68 -6.40 18.02
N TRP B 695 -27.64 -5.28 17.29
CA TRP B 695 -28.31 -5.22 15.99
C TRP B 695 -27.41 -5.75 14.88
N THR B 696 -27.76 -6.93 14.37
CA THR B 696 -27.01 -7.61 13.33
C THR B 696 -27.82 -7.62 12.03
N GLY B 697 -28.57 -6.55 11.76
CA GLY B 697 -29.45 -6.55 10.61
C GLY B 697 -28.90 -6.02 9.29
N ALA B 698 -27.70 -5.45 9.29
CA ALA B 698 -27.22 -4.72 8.11
C ALA B 698 -26.84 -5.60 6.91
N ALA B 699 -26.14 -6.70 7.17
CA ALA B 699 -25.60 -7.52 6.09
C ALA B 699 -25.17 -8.89 6.59
N ILE B 700 -25.33 -9.91 5.74
CA ILE B 700 -24.79 -11.23 6.05
C ILE B 700 -24.38 -11.92 4.74
N THR B 701 -23.33 -12.73 4.78
CA THR B 701 -23.00 -13.57 3.65
C THR B 701 -22.27 -14.81 4.12
N GLY B 702 -22.50 -15.91 3.41
CA GLY B 702 -21.66 -17.08 3.57
C GLY B 702 -20.42 -16.89 2.73
N ASP B 703 -19.64 -17.96 2.62
CA ASP B 703 -18.39 -17.96 1.87
C ASP B 703 -18.52 -19.00 0.75
N PRO B 704 -18.40 -18.57 -0.52
CA PRO B 704 -18.59 -19.51 -1.63
C PRO B 704 -17.53 -20.61 -1.69
N ARG B 705 -16.41 -20.41 -1.00
CA ARG B 705 -15.30 -21.37 -1.04
C ARG B 705 -15.16 -22.19 0.23
N VAL B 706 -15.86 -21.82 1.29
CA VAL B 706 -15.68 -22.50 2.58
C VAL B 706 -17.02 -22.84 3.22
N TYR B 707 -17.35 -24.14 3.30
CA TYR B 707 -18.65 -24.51 3.83
C TYR B 707 -18.77 -24.16 5.31
N GLY B 708 -19.93 -23.62 5.69
CA GLY B 708 -20.21 -23.30 7.07
C GLY B 708 -19.82 -21.90 7.49
N ARG B 709 -18.82 -21.32 6.82
CA ARG B 709 -18.31 -20.02 7.24
C ARG B 709 -19.34 -18.91 6.97
N VAL B 710 -19.49 -18.01 7.92
CA VAL B 710 -20.43 -16.91 7.74
C VAL B 710 -19.78 -15.61 8.19
N TYR B 711 -20.13 -14.53 7.50
CA TYR B 711 -19.69 -13.21 7.89
C TYR B 711 -20.92 -12.39 8.27
N VAL B 712 -20.94 -11.91 9.53
CA VAL B 712 -22.10 -11.26 10.10
C VAL B 712 -21.81 -9.79 10.46
N SER B 713 -22.66 -8.89 9.98
CA SER B 713 -22.54 -7.47 10.35
C SER B 713 -22.86 -7.23 11.83
N THR B 714 -22.20 -6.25 12.41
CA THR B 714 -22.63 -5.68 13.69
C THR B 714 -22.57 -4.16 13.62
N ASN B 715 -23.19 -3.51 14.59
CA ASN B 715 -23.21 -2.07 14.66
C ASN B 715 -22.36 -1.63 15.84
N GLY B 716 -21.04 -1.80 15.73
CA GLY B 716 -20.13 -1.45 16.82
C GLY B 716 -19.23 -2.57 17.32
N ARG B 717 -19.37 -3.77 16.78
CA ARG B 717 -18.48 -4.86 17.17
C ARG B 717 -17.81 -5.50 15.95
N GLY B 718 -17.67 -4.69 14.90
CA GLY B 718 -16.95 -5.11 13.69
C GLY B 718 -17.61 -6.26 12.94
N ILE B 719 -16.77 -6.96 12.17
CA ILE B 719 -17.21 -8.07 11.33
C ILE B 719 -17.03 -9.38 12.07
N GLN B 720 -18.12 -10.09 12.32
CA GLN B 720 -18.01 -11.37 13.03
C GLN B 720 -17.91 -12.53 12.05
N VAL B 721 -16.92 -13.39 12.25
CA VAL B 721 -16.68 -14.53 11.39
C VAL B 721 -16.97 -15.80 12.17
N GLY B 722 -17.98 -16.54 11.71
CA GLY B 722 -18.34 -17.80 12.36
C GLY B 722 -17.84 -18.96 11.55
N GLU B 723 -17.21 -19.92 12.23
CA GLU B 723 -16.67 -21.09 11.57
C GLU B 723 -17.05 -22.36 12.30
N THR B 724 -17.16 -23.45 11.55
CA THR B 724 -17.46 -24.74 12.13
C THR B 724 -16.62 -25.82 11.45
#